data_8PUT
#
_entry.id   8PUT
#
_cell.length_a   115.370
_cell.length_b   136.757
_cell.length_c   144.022
_cell.angle_alpha   90.00
_cell.angle_beta   90.00
_cell.angle_gamma   90.00
#
_symmetry.space_group_name_H-M   'P 21 21 21'
#
loop_
_entity.id
_entity.type
_entity.pdbx_description
1 polymer 'Probable deoxyhypusine synthase'
2 polymer 'Translation initiation factor 5A'
3 non-polymer NICOTINAMIDE-ADENINE-DINUCLEOTIDE
4 non-polymer DI(HYDROXYETHYL)ETHER
5 water water
#
loop_
_entity_poly.entity_id
_entity_poly.type
_entity_poly.pdbx_seq_one_letter_code
_entity_poly.pdbx_strand_id
1 'polypeptide(L)'
;MINREDLLKNPVEDIALRDLEKYSDIVNVFDKIYGFSSEGIVRGSKILKEMIKDADLRFLSFTANLVSTGLRGLFADLVK
RGYFNIIVTTGGTIDHDLARSFGGVYYKGSFDIDDAMLKDLEIHRLGNVLVPFESYGKVIEEIVRKFLPEIAKDKKEIPA
YELLWEFGKRISDSNSILRAAYEKKVPVIVPGIVDGSFGTNLFIQSQFLNFKINLFEDMRLIKDLVFSCKKSGALIIGGG
ISKHHTIWWNQFKDGLDYAVYVTTAQEYDGSLSGAKPREAISWNKIRPNAKHATIYGDATIIVPILAASLLS
;
A,B,C,D
2 'polypeptide(L)'
;MSITYTTVGELKVGSYVVIDGEPCRVVEVTKAKTGKHGSAKANVVAIGVFSGAKKTLMAPVDQQVEVPIIEKHIGQIIAD
MGNKIQVMDLESYETFEIEKPTEDELASKIKPNAELEYWEIMGRRKIVRVK
;
E,F,G,H
#
loop_
_chem_comp.id
_chem_comp.type
_chem_comp.name
_chem_comp.formula
NAD non-polymer NICOTINAMIDE-ADENINE-DINUCLEOTIDE 'C21 H27 N7 O14 P2'
PEG non-polymer DI(HYDROXYETHYL)ETHER 'C4 H10 O3'
#
# COMPACT_ATOMS: atom_id res chain seq x y z
N MET A 1 28.36 -18.83 13.84
CA MET A 1 27.72 -19.30 12.62
C MET A 1 26.45 -20.09 12.95
N ILE A 2 25.35 -19.76 12.28
CA ILE A 2 24.07 -20.43 12.48
C ILE A 2 24.05 -21.69 11.62
N ASN A 3 23.40 -22.74 12.13
CA ASN A 3 23.38 -24.03 11.49
C ASN A 3 22.06 -24.24 10.74
N ARG A 4 22.10 -25.09 9.71
CA ARG A 4 20.94 -25.32 8.86
C ARG A 4 19.77 -25.88 9.65
N GLU A 5 20.02 -26.93 10.43
CA GLU A 5 18.94 -27.63 11.13
C GLU A 5 18.28 -26.76 12.19
N ASP A 6 18.93 -25.68 12.62
CA ASP A 6 18.27 -24.72 13.49
C ASP A 6 17.16 -23.97 12.75
N LEU A 7 17.42 -23.60 11.49
CA LEU A 7 16.44 -22.84 10.72
C LEU A 7 15.29 -23.71 10.25
N LEU A 8 15.58 -24.93 9.79
CA LEU A 8 14.55 -25.83 9.28
C LEU A 8 14.03 -26.72 10.42
N LYS A 9 13.35 -26.07 11.37
CA LYS A 9 12.85 -26.74 12.56
C LYS A 9 11.38 -27.09 12.47
N ASN A 10 10.53 -26.13 12.09
CA ASN A 10 9.09 -26.35 12.11
C ASN A 10 8.54 -26.39 10.68
N PRO A 11 8.04 -27.53 10.23
CA PRO A 11 7.47 -27.59 8.87
C PRO A 11 6.17 -26.80 8.77
N VAL A 12 5.89 -26.30 7.56
CA VAL A 12 4.60 -25.71 7.26
C VAL A 12 3.55 -26.80 7.26
N GLU A 13 2.41 -26.53 7.89
CA GLU A 13 1.35 -27.52 8.06
C GLU A 13 0.11 -27.11 7.27
N ASP A 14 -0.33 -27.98 6.37
CA ASP A 14 -1.56 -27.74 5.64
C ASP A 14 -2.77 -27.84 6.56
N ILE A 15 -3.75 -26.98 6.35
CA ILE A 15 -5.02 -27.06 7.05
C ILE A 15 -6.06 -27.59 6.09
N ALA A 16 -7.26 -27.87 6.59
CA ALA A 16 -8.41 -28.19 5.77
C ALA A 16 -9.62 -27.47 6.35
N LEU A 17 -10.79 -27.69 5.73
CA LEU A 17 -12.00 -27.02 6.18
C LEU A 17 -12.37 -27.45 7.59
N ARG A 18 -11.96 -28.65 8.00
CA ARG A 18 -12.18 -29.14 9.36
C ARG A 18 -11.69 -28.14 10.41
N ASP A 19 -10.51 -27.58 10.21
CA ASP A 19 -9.88 -26.70 11.19
C ASP A 19 -10.63 -25.41 11.38
N LEU A 20 -11.56 -25.08 10.48
CA LEU A 20 -12.30 -23.84 10.53
C LEU A 20 -13.73 -24.02 11.02
N GLU A 21 -14.12 -25.24 11.40
CA GLU A 21 -15.47 -25.46 11.89
C GLU A 21 -15.74 -24.68 13.17
N LYS A 22 -14.75 -24.60 14.07
CA LYS A 22 -14.92 -23.87 15.32
C LYS A 22 -15.24 -22.40 15.07
N TYR A 23 -14.81 -21.85 13.93
CA TYR A 23 -14.88 -20.42 13.66
C TYR A 23 -15.92 -20.08 12.60
N SER A 24 -16.89 -20.97 12.37
CA SER A 24 -17.85 -20.78 11.29
C SER A 24 -18.77 -19.59 11.50
N ASP A 25 -18.86 -19.06 12.72
CA ASP A 25 -19.71 -17.92 13.02
C ASP A 25 -18.95 -16.60 13.08
N ILE A 26 -17.67 -16.59 12.74
CA ILE A 26 -16.83 -15.42 13.01
C ILE A 26 -17.21 -14.23 12.14
N VAL A 27 -17.87 -14.43 11.00
CA VAL A 27 -18.27 -13.29 10.17
C VAL A 27 -19.23 -12.40 10.94
N ASN A 28 -20.05 -12.98 11.81
CA ASN A 28 -20.94 -12.18 12.65
C ASN A 28 -20.16 -11.21 13.53
N VAL A 29 -18.95 -11.59 13.96
CA VAL A 29 -18.14 -10.68 14.78
C VAL A 29 -17.75 -9.46 13.97
N PHE A 30 -17.31 -9.65 12.73
CA PHE A 30 -16.95 -8.52 11.89
C PHE A 30 -18.18 -7.77 11.39
N ASP A 31 -19.31 -8.46 11.25
CA ASP A 31 -20.57 -7.77 10.96
C ASP A 31 -20.92 -6.78 12.06
N LYS A 32 -20.81 -7.21 13.32
CA LYS A 32 -21.07 -6.33 14.45
C LYS A 32 -20.10 -5.16 14.48
N ILE A 33 -18.80 -5.46 14.37
CA ILE A 33 -17.79 -4.42 14.36
C ILE A 33 -18.05 -3.45 13.21
N TYR A 34 -18.50 -3.97 12.08
CA TYR A 34 -18.66 -3.23 10.84
C TYR A 34 -17.46 -2.33 10.57
N GLY A 35 -16.28 -2.94 10.66
CA GLY A 35 -15.08 -2.28 10.21
C GLY A 35 -15.11 -2.07 8.71
N PHE A 36 -14.00 -1.58 8.18
CA PHE A 36 -13.96 -1.14 6.80
C PHE A 36 -13.96 -2.33 5.84
N SER A 37 -13.25 -3.41 6.19
CA SER A 37 -13.32 -4.65 5.43
C SER A 37 -14.56 -5.48 5.76
N SER A 38 -15.30 -5.10 6.82
CA SER A 38 -16.36 -5.96 7.32
C SER A 38 -17.48 -6.16 6.30
N GLU A 39 -17.87 -5.09 5.60
CA GLU A 39 -18.93 -5.23 4.60
C GLU A 39 -18.51 -6.17 3.48
N GLY A 40 -17.27 -6.07 3.01
CA GLY A 40 -16.79 -6.98 1.99
C GLY A 40 -16.78 -8.42 2.47
N ILE A 41 -16.39 -8.63 3.73
CA ILE A 41 -16.38 -9.99 4.29
C ILE A 41 -17.80 -10.53 4.41
N VAL A 42 -18.71 -9.72 4.95
CA VAL A 42 -20.10 -10.15 5.11
C VAL A 42 -20.73 -10.42 3.75
N ARG A 43 -20.59 -9.47 2.82
CA ARG A 43 -21.19 -9.64 1.50
C ARG A 43 -20.49 -10.73 0.70
N GLY A 44 -19.16 -10.81 0.81
CA GLY A 44 -18.45 -11.89 0.13
C GLY A 44 -18.85 -13.25 0.63
N SER A 45 -19.09 -13.37 1.94
CA SER A 45 -19.53 -14.64 2.51
C SER A 45 -20.89 -15.06 1.97
N LYS A 46 -21.81 -14.11 1.81
CA LYS A 46 -23.12 -14.45 1.26
C LYS A 46 -23.01 -14.81 -0.21
N ILE A 47 -22.19 -14.09 -0.97
CA ILE A 47 -22.02 -14.36 -2.39
C ILE A 47 -21.45 -15.77 -2.60
N LEU A 48 -20.50 -16.16 -1.76
CA LEU A 48 -19.96 -17.52 -1.84
C LEU A 48 -21.07 -18.55 -1.67
N LYS A 49 -21.92 -18.37 -0.65
CA LYS A 49 -23.00 -19.31 -0.42
C LYS A 49 -23.96 -19.35 -1.61
N GLU A 50 -24.37 -18.18 -2.10
CA GLU A 50 -25.25 -18.12 -3.24
C GLU A 50 -24.59 -18.71 -4.48
N MET A 51 -23.28 -18.55 -4.60
CA MET A 51 -22.54 -19.11 -5.74
C MET A 51 -22.64 -20.63 -5.76
N ILE A 52 -22.51 -21.27 -4.59
CA ILE A 52 -22.54 -22.72 -4.52
C ILE A 52 -23.94 -23.25 -4.84
N LYS A 53 -24.97 -22.52 -4.40
CA LYS A 53 -26.35 -22.95 -4.68
C LYS A 53 -26.69 -22.78 -6.15
N ASP A 54 -26.21 -21.70 -6.77
CA ASP A 54 -26.79 -21.19 -8.00
C ASP A 54 -25.90 -21.29 -9.23
N ALA A 55 -24.58 -21.30 -9.07
CA ALA A 55 -23.66 -21.32 -10.20
C ALA A 55 -23.18 -22.73 -10.47
N ASP A 56 -23.33 -23.19 -11.72
CA ASP A 56 -22.85 -24.51 -12.10
C ASP A 56 -21.40 -24.49 -12.57
N LEU A 57 -20.84 -23.31 -12.87
CA LEU A 57 -19.42 -23.16 -13.14
C LEU A 57 -18.84 -22.27 -12.05
N ARG A 58 -17.91 -22.82 -11.27
CA ARG A 58 -17.39 -22.12 -10.09
C ARG A 58 -15.86 -22.13 -10.15
N PHE A 59 -15.28 -20.94 -10.37
CA PHE A 59 -13.85 -20.77 -10.55
C PHE A 59 -13.14 -20.60 -9.22
N LEU A 60 -11.96 -21.19 -9.11
CA LEU A 60 -11.02 -20.89 -8.03
C LEU A 60 -9.73 -20.38 -8.67
N SER A 61 -9.49 -19.08 -8.58
CA SER A 61 -8.33 -18.45 -9.21
C SER A 61 -7.43 -17.88 -8.13
N PHE A 62 -6.13 -18.20 -8.19
CA PHE A 62 -5.23 -17.77 -7.14
C PHE A 62 -3.79 -17.69 -7.66
N THR A 63 -3.00 -16.85 -7.01
CA THR A 63 -1.58 -16.73 -7.32
C THR A 63 -0.79 -17.81 -6.59
N ALA A 64 0.48 -17.97 -7.00
CA ALA A 64 1.23 -19.16 -6.62
C ALA A 64 1.71 -19.12 -5.16
N ASN A 65 2.00 -17.94 -4.62
CA ASN A 65 2.67 -17.88 -3.32
C ASN A 65 1.84 -18.49 -2.20
N LEU A 66 0.50 -18.56 -2.35
CA LEU A 66 -0.33 -19.17 -1.33
C LEU A 66 -0.05 -20.66 -1.19
N VAL A 67 0.30 -21.33 -2.30
CA VAL A 67 0.53 -22.76 -2.27
C VAL A 67 1.81 -23.13 -1.53
N SER A 68 2.61 -22.14 -1.14
CA SER A 68 3.73 -22.39 -0.23
C SER A 68 3.31 -22.34 1.23
N THR A 69 2.07 -21.98 1.53
CA THR A 69 1.58 -21.85 2.90
C THR A 69 0.69 -23.04 3.24
N GLY A 70 0.11 -23.00 4.45
CA GLY A 70 -0.87 -24.00 4.83
C GLY A 70 -2.18 -23.92 4.10
N LEU A 71 -2.39 -22.86 3.31
CA LEU A 71 -3.61 -22.71 2.52
C LEU A 71 -3.69 -23.73 1.40
N ARG A 72 -2.56 -24.24 0.93
CA ARG A 72 -2.57 -25.27 -0.11
C ARG A 72 -3.50 -26.42 0.27
N GLY A 73 -3.40 -26.88 1.51
CA GLY A 73 -4.30 -27.94 1.96
C GLY A 73 -5.75 -27.52 1.98
N LEU A 74 -6.02 -26.23 2.18
CA LEU A 74 -7.40 -25.75 2.17
C LEU A 74 -7.98 -25.76 0.77
N PHE A 75 -7.22 -25.26 -0.21
CA PHE A 75 -7.71 -25.24 -1.59
C PHE A 75 -7.96 -26.64 -2.11
N ALA A 76 -7.13 -27.60 -1.72
CA ALA A 76 -7.37 -28.99 -2.08
C ALA A 76 -8.69 -29.48 -1.49
N ASP A 77 -9.00 -29.09 -0.26
CA ASP A 77 -10.24 -29.54 0.38
C ASP A 77 -11.46 -28.90 -0.26
N LEU A 78 -11.38 -27.61 -0.61
CA LEU A 78 -12.52 -26.96 -1.24
C LEU A 78 -12.82 -27.57 -2.59
N VAL A 79 -11.80 -28.10 -3.28
CA VAL A 79 -12.02 -28.79 -4.55
C VAL A 79 -12.61 -30.17 -4.31
N LYS A 80 -12.05 -30.92 -3.35
CA LYS A 80 -12.56 -32.25 -3.06
C LYS A 80 -14.02 -32.19 -2.62
N ARG A 81 -14.41 -31.12 -1.94
CA ARG A 81 -15.78 -30.97 -1.47
C ARG A 81 -16.71 -30.39 -2.51
N GLY A 82 -16.20 -30.03 -3.68
CA GLY A 82 -17.03 -29.57 -4.77
C GLY A 82 -17.41 -28.11 -4.74
N TYR A 83 -16.81 -27.31 -3.85
CA TYR A 83 -17.12 -25.89 -3.81
C TYR A 83 -16.71 -25.19 -5.11
N PHE A 84 -15.63 -25.66 -5.75
CA PHE A 84 -15.15 -25.08 -6.99
C PHE A 84 -14.79 -26.21 -7.95
N ASN A 85 -15.10 -26.03 -9.24
CA ASN A 85 -14.89 -27.10 -10.20
C ASN A 85 -14.08 -26.68 -11.42
N ILE A 86 -13.41 -25.53 -11.38
CA ILE A 86 -12.37 -25.19 -12.35
C ILE A 86 -11.39 -24.24 -11.68
N ILE A 87 -10.10 -24.46 -11.92
CA ILE A 87 -9.04 -23.67 -11.33
C ILE A 87 -8.29 -22.95 -12.44
N VAL A 88 -8.03 -21.66 -12.24
CA VAL A 88 -7.11 -20.89 -13.07
C VAL A 88 -5.99 -20.42 -12.16
N THR A 89 -4.75 -20.75 -12.50
CA THR A 89 -3.63 -20.44 -11.63
C THR A 89 -2.36 -20.28 -12.47
N THR A 90 -1.21 -20.26 -11.79
CA THR A 90 0.06 -19.91 -12.43
C THR A 90 1.03 -21.08 -12.36
N GLY A 91 2.17 -20.92 -13.04
CA GLY A 91 3.15 -21.98 -13.08
C GLY A 91 3.77 -22.28 -11.72
N GLY A 92 3.78 -21.29 -10.83
CA GLY A 92 4.34 -21.50 -9.50
C GLY A 92 3.46 -22.32 -8.59
N THR A 93 2.16 -22.33 -8.85
CA THR A 93 1.27 -23.24 -8.12
C THR A 93 1.63 -24.68 -8.41
N ILE A 94 1.95 -24.99 -9.68
CA ILE A 94 2.37 -26.34 -10.03
C ILE A 94 3.65 -26.71 -9.31
N ASP A 95 4.64 -25.81 -9.32
CA ASP A 95 5.91 -26.07 -8.65
C ASP A 95 5.70 -26.42 -7.19
N HIS A 96 4.97 -25.56 -6.47
CA HIS A 96 4.80 -25.75 -5.03
C HIS A 96 3.99 -26.98 -4.70
N ASP A 97 2.96 -27.26 -5.51
CA ASP A 97 2.15 -28.44 -5.21
C ASP A 97 2.86 -29.72 -5.59
N LEU A 98 3.66 -29.72 -6.66
CA LEU A 98 4.44 -30.91 -6.98
C LEU A 98 5.56 -31.12 -5.99
N ALA A 99 6.27 -30.05 -5.63
CA ALA A 99 7.37 -30.17 -4.67
C ALA A 99 6.89 -30.75 -3.35
N ARG A 100 5.80 -30.19 -2.80
CA ARG A 100 5.31 -30.63 -1.49
C ARG A 100 4.59 -31.97 -1.55
N SER A 101 4.12 -32.40 -2.72
CA SER A 101 3.46 -33.69 -2.85
C SER A 101 4.43 -34.86 -2.90
N PHE A 102 5.68 -34.62 -3.28
CA PHE A 102 6.67 -35.68 -3.44
C PHE A 102 7.81 -35.51 -2.45
N GLY A 103 7.49 -35.18 -1.21
CA GLY A 103 8.46 -35.19 -0.13
C GLY A 103 9.17 -33.88 0.14
N GLY A 104 8.89 -32.83 -0.63
CA GLY A 104 9.49 -31.54 -0.36
C GLY A 104 8.84 -30.90 0.85
N VAL A 105 9.63 -30.61 1.88
CA VAL A 105 9.11 -30.05 3.12
C VAL A 105 9.44 -28.56 3.17
N TYR A 106 8.42 -27.74 3.36
CA TYR A 106 8.58 -26.30 3.56
C TYR A 106 8.61 -26.02 5.06
N TYR A 107 9.43 -25.05 5.47
CA TYR A 107 9.68 -24.81 6.87
C TYR A 107 9.29 -23.39 7.24
N LYS A 108 8.94 -23.20 8.50
CA LYS A 108 8.60 -21.87 9.02
C LYS A 108 9.88 -21.08 9.23
N GLY A 109 9.91 -19.86 8.68
CA GLY A 109 11.07 -19.00 8.82
C GLY A 109 10.75 -17.65 9.41
N SER A 110 11.24 -16.59 8.78
CA SER A 110 10.97 -15.23 9.24
C SER A 110 11.34 -14.27 8.12
N PHE A 111 10.75 -13.07 8.19
CA PHE A 111 11.05 -12.04 7.20
C PHE A 111 12.43 -11.41 7.38
N ASP A 112 13.05 -11.61 8.54
CA ASP A 112 14.29 -10.93 8.90
C ASP A 112 15.54 -11.66 8.43
N ILE A 113 15.57 -12.99 8.56
CA ILE A 113 16.76 -13.81 8.41
C ILE A 113 17.55 -13.40 7.18
N ASP A 114 18.85 -13.14 7.38
CA ASP A 114 19.67 -12.56 6.33
C ASP A 114 19.71 -13.47 5.10
N ASP A 115 19.44 -12.88 3.94
CA ASP A 115 19.25 -13.67 2.73
C ASP A 115 20.55 -14.16 2.14
N ALA A 116 21.65 -13.43 2.33
CA ALA A 116 22.96 -13.95 1.91
C ALA A 116 23.32 -15.20 2.69
N MET A 117 22.90 -15.28 3.96
CA MET A 117 23.13 -16.49 4.74
C MET A 117 22.35 -17.66 4.16
N LEU A 118 21.11 -17.44 3.73
CA LEU A 118 20.31 -18.53 3.18
C LEU A 118 20.91 -19.08 1.90
N LYS A 119 21.42 -18.21 1.03
CA LYS A 119 22.06 -18.66 -0.20
C LYS A 119 23.22 -19.60 0.11
N ASP A 120 23.96 -19.31 1.18
CA ASP A 120 25.01 -20.22 1.62
C ASP A 120 24.45 -21.58 2.04
N LEU A 121 23.33 -21.56 2.78
CA LEU A 121 22.75 -22.78 3.32
C LEU A 121 21.82 -23.49 2.33
N GLU A 122 21.77 -23.02 1.08
CA GLU A 122 20.92 -23.61 0.05
C GLU A 122 19.46 -23.62 0.50
N ILE A 123 18.94 -22.43 0.74
CA ILE A 123 17.55 -22.23 1.15
C ILE A 123 16.98 -21.06 0.35
N HIS A 124 15.81 -21.26 -0.26
CA HIS A 124 15.04 -20.16 -0.81
C HIS A 124 14.11 -19.62 0.28
N ARG A 125 13.89 -18.31 0.28
CA ARG A 125 12.89 -17.69 1.14
C ARG A 125 11.72 -17.24 0.27
N LEU A 126 10.51 -17.56 0.69
CA LEU A 126 9.28 -17.11 0.04
C LEU A 126 8.39 -16.51 1.12
N GLY A 127 8.30 -15.18 1.16
CA GLY A 127 7.62 -14.52 2.27
C GLY A 127 8.39 -14.73 3.55
N ASN A 128 7.85 -15.53 4.47
CA ASN A 128 8.60 -16.02 5.61
C ASN A 128 8.53 -17.54 5.67
N VAL A 129 8.53 -18.18 4.51
CA VAL A 129 8.58 -19.64 4.38
C VAL A 129 9.93 -19.99 3.76
N LEU A 130 10.62 -20.94 4.37
CA LEU A 130 11.95 -21.36 3.91
C LEU A 130 11.82 -22.62 3.07
N VAL A 131 12.31 -22.56 1.84
CA VAL A 131 12.25 -23.70 0.92
C VAL A 131 13.67 -24.20 0.68
N PRO A 132 14.09 -25.31 1.29
CA PRO A 132 15.41 -25.84 0.99
C PRO A 132 15.56 -26.19 -0.48
N PHE A 133 16.78 -26.03 -0.99
CA PHE A 133 17.04 -26.26 -2.41
C PHE A 133 16.59 -27.65 -2.84
N GLU A 134 16.87 -28.66 -2.02
CA GLU A 134 16.52 -30.04 -2.35
C GLU A 134 15.03 -30.31 -2.22
N SER A 135 14.27 -29.40 -1.63
CA SER A 135 12.83 -29.59 -1.53
C SER A 135 12.07 -29.06 -2.74
N TYR A 136 12.69 -28.23 -3.57
CA TYR A 136 11.97 -27.54 -4.65
C TYR A 136 12.47 -27.93 -6.03
N GLY A 137 13.71 -27.60 -6.39
CA GLY A 137 14.16 -27.85 -7.74
C GLY A 137 14.56 -29.28 -7.98
N LYS A 138 15.16 -29.92 -6.97
CA LYS A 138 15.53 -31.32 -7.08
C LYS A 138 14.30 -32.22 -7.24
N VAL A 139 13.26 -31.96 -6.45
CA VAL A 139 12.08 -32.84 -6.46
C VAL A 139 11.33 -32.69 -7.78
N ILE A 140 11.12 -31.46 -8.24
CA ILE A 140 10.38 -31.23 -9.48
C ILE A 140 11.13 -31.81 -10.67
N GLU A 141 12.46 -31.63 -10.69
CA GLU A 141 13.26 -32.17 -11.78
C GLU A 141 13.22 -33.70 -11.80
N GLU A 142 13.32 -34.33 -10.63
CA GLU A 142 13.24 -35.79 -10.58
C GLU A 142 11.86 -36.28 -11.01
N ILE A 143 10.80 -35.59 -10.57
CA ILE A 143 9.45 -36.05 -10.85
C ILE A 143 9.13 -35.95 -12.34
N VAL A 144 9.49 -34.82 -12.97
CA VAL A 144 9.24 -34.68 -14.40
C VAL A 144 10.08 -35.68 -15.18
N ARG A 145 11.36 -35.84 -14.80
CA ARG A 145 12.22 -36.81 -15.46
C ARG A 145 11.64 -38.22 -15.41
N LYS A 146 11.02 -38.58 -14.29
CA LYS A 146 10.56 -39.95 -14.08
C LYS A 146 9.27 -40.24 -14.84
N PHE A 147 8.35 -39.29 -14.91
CA PHE A 147 6.99 -39.57 -15.38
C PHE A 147 6.67 -39.05 -16.77
N LEU A 148 7.38 -38.04 -17.26
CA LEU A 148 7.08 -37.51 -18.59
C LEU A 148 7.26 -38.53 -19.72
N PRO A 149 8.31 -39.36 -19.74
CA PRO A 149 8.39 -40.40 -20.80
C PRO A 149 7.11 -41.20 -20.99
N GLU A 150 6.56 -41.78 -19.93
CA GLU A 150 5.32 -42.55 -20.07
C GLU A 150 4.18 -41.66 -20.53
N ILE A 151 4.07 -40.46 -19.96
CA ILE A 151 3.01 -39.54 -20.35
C ILE A 151 3.16 -39.14 -21.81
N ALA A 152 4.39 -38.84 -22.25
CA ALA A 152 4.61 -38.43 -23.63
C ALA A 152 4.40 -39.58 -24.60
N LYS A 153 4.73 -40.81 -24.19
CA LYS A 153 4.50 -41.97 -25.06
C LYS A 153 3.02 -42.16 -25.33
N ASP A 154 2.18 -42.00 -24.29
CA ASP A 154 0.74 -42.08 -24.47
C ASP A 154 0.22 -40.98 -25.40
N LYS A 155 0.61 -39.73 -25.13
CA LYS A 155 0.15 -38.58 -25.89
C LYS A 155 1.36 -37.69 -26.17
N LYS A 156 1.69 -37.53 -27.46
CA LYS A 156 2.88 -36.76 -27.81
C LYS A 156 2.61 -35.26 -27.84
N GLU A 157 1.36 -34.85 -28.11
CA GLU A 157 0.94 -33.46 -27.98
C GLU A 157 -0.26 -33.43 -27.05
N ILE A 158 -0.13 -32.72 -25.94
CA ILE A 158 -1.08 -32.86 -24.83
C ILE A 158 -1.53 -31.47 -24.39
N PRO A 159 -2.80 -31.30 -23.99
CA PRO A 159 -3.19 -30.04 -23.36
C PRO A 159 -2.52 -29.91 -22.01
N ALA A 160 -2.37 -28.67 -21.55
CA ALA A 160 -1.75 -28.44 -20.25
C ALA A 160 -2.58 -29.05 -19.13
N TYR A 161 -3.91 -28.94 -19.22
CA TYR A 161 -4.74 -29.46 -18.14
C TYR A 161 -4.70 -30.98 -18.07
N GLU A 162 -4.54 -31.66 -19.20
CA GLU A 162 -4.39 -33.11 -19.17
C GLU A 162 -3.04 -33.52 -18.60
N LEU A 163 -2.00 -32.73 -18.85
CA LEU A 163 -0.70 -33.00 -18.26
C LEU A 163 -0.75 -32.90 -16.75
N LEU A 164 -1.45 -31.90 -16.22
CA LEU A 164 -1.52 -31.74 -14.77
C LEU A 164 -2.35 -32.85 -14.13
N TRP A 165 -3.36 -33.36 -14.83
CA TRP A 165 -4.09 -34.53 -14.33
C TRP A 165 -3.18 -35.75 -14.26
N GLU A 166 -2.34 -35.95 -15.28
CA GLU A 166 -1.45 -37.10 -15.29
C GLU A 166 -0.49 -37.06 -14.11
N PHE A 167 -0.07 -35.87 -13.69
CA PHE A 167 0.76 -35.76 -12.50
C PHE A 167 -0.08 -35.86 -11.23
N GLY A 168 -1.31 -35.34 -11.25
CA GLY A 168 -2.20 -35.55 -10.13
C GLY A 168 -2.53 -37.01 -9.92
N LYS A 169 -2.62 -37.76 -11.02
CA LYS A 169 -2.89 -39.19 -10.93
C LYS A 169 -1.80 -39.93 -10.17
N ARG A 170 -0.58 -39.40 -10.16
CA ARG A 170 0.57 -40.08 -9.57
C ARG A 170 0.90 -39.59 -8.17
N ILE A 171 0.16 -38.62 -7.65
CA ILE A 171 0.39 -38.04 -6.32
C ILE A 171 -0.40 -38.83 -5.29
N SER A 172 0.19 -38.99 -4.09
CA SER A 172 -0.44 -39.67 -2.98
C SER A 172 -0.77 -38.73 -1.82
N ASP A 173 -0.39 -37.46 -1.93
CA ASP A 173 -0.64 -36.45 -0.89
C ASP A 173 -2.11 -36.04 -0.90
N SER A 174 -2.80 -36.23 0.23
CA SER A 174 -4.20 -35.84 0.27
C SER A 174 -4.39 -34.36 0.54
N ASN A 175 -3.32 -33.60 0.75
CA ASN A 175 -3.38 -32.15 0.83
C ASN A 175 -3.03 -31.47 -0.48
N SER A 176 -2.85 -32.23 -1.55
CA SER A 176 -2.37 -31.69 -2.81
C SER A 176 -3.52 -31.16 -3.66
N ILE A 177 -3.30 -29.99 -4.26
CA ILE A 177 -4.30 -29.41 -5.16
C ILE A 177 -4.37 -30.20 -6.46
N LEU A 178 -3.22 -30.57 -7.03
CA LEU A 178 -3.23 -31.32 -8.28
C LEU A 178 -3.88 -32.68 -8.10
N ARG A 179 -3.66 -33.32 -6.95
CA ARG A 179 -4.35 -34.57 -6.66
C ARG A 179 -5.85 -34.35 -6.51
N ALA A 180 -6.24 -33.30 -5.79
CA ALA A 180 -7.66 -33.01 -5.63
C ALA A 180 -8.32 -32.76 -6.97
N ALA A 181 -7.65 -32.01 -7.85
CA ALA A 181 -8.21 -31.71 -9.16
C ALA A 181 -8.37 -32.97 -9.99
N TYR A 182 -7.42 -33.90 -9.91
CA TYR A 182 -7.54 -35.16 -10.64
C TYR A 182 -8.72 -35.98 -10.13
N GLU A 183 -8.84 -36.12 -8.81
CA GLU A 183 -9.89 -36.95 -8.23
C GLU A 183 -11.27 -36.47 -8.65
N LYS A 184 -11.45 -35.16 -8.74
CA LYS A 184 -12.74 -34.58 -9.11
C LYS A 184 -12.85 -34.27 -10.60
N LYS A 185 -11.80 -34.57 -11.38
CA LYS A 185 -11.72 -34.19 -12.79
C LYS A 185 -12.00 -32.69 -12.95
N VAL A 186 -11.38 -31.91 -12.08
CA VAL A 186 -11.47 -30.45 -12.12
C VAL A 186 -10.30 -29.94 -12.96
N PRO A 187 -10.54 -29.25 -14.07
CA PRO A 187 -9.43 -28.79 -14.90
C PRO A 187 -8.66 -27.66 -14.23
N VAL A 188 -7.34 -27.67 -14.43
CA VAL A 188 -6.46 -26.64 -13.90
C VAL A 188 -5.88 -25.88 -15.09
N ILE A 189 -6.36 -24.65 -15.29
CA ILE A 189 -6.02 -23.87 -16.48
C ILE A 189 -4.85 -22.96 -16.14
N VAL A 190 -3.72 -23.15 -16.83
CA VAL A 190 -2.49 -22.42 -16.53
C VAL A 190 -1.93 -21.83 -17.83
N PRO A 191 -2.40 -20.66 -18.27
CA PRO A 191 -1.88 -20.11 -19.54
C PRO A 191 -0.38 -19.87 -19.54
N GLY A 192 0.19 -19.45 -18.41
CA GLY A 192 1.62 -19.25 -18.33
C GLY A 192 2.38 -20.46 -17.81
N ILE A 193 2.04 -21.64 -18.32
CA ILE A 193 2.54 -22.89 -17.75
C ILE A 193 4.05 -23.01 -17.89
N VAL A 194 4.64 -22.41 -18.93
CA VAL A 194 6.07 -22.55 -19.13
C VAL A 194 6.89 -21.77 -18.12
N ASP A 195 6.26 -20.91 -17.34
CA ASP A 195 6.96 -20.07 -16.37
C ASP A 195 7.09 -20.82 -15.05
N GLY A 196 8.27 -21.34 -14.76
CA GLY A 196 8.54 -21.94 -13.48
C GLY A 196 9.49 -23.11 -13.62
N SER A 197 9.70 -23.79 -12.49
CA SER A 197 10.54 -24.99 -12.48
C SER A 197 9.87 -26.14 -13.24
N PHE A 198 8.56 -26.31 -13.06
CA PHE A 198 7.86 -27.37 -13.79
C PHE A 198 7.92 -27.13 -15.29
N GLY A 199 7.63 -25.90 -15.72
CA GLY A 199 7.67 -25.60 -17.15
C GLY A 199 9.06 -25.68 -17.73
N THR A 200 10.07 -25.24 -16.97
CA THR A 200 11.44 -25.36 -17.43
C THR A 200 11.84 -26.82 -17.59
N ASN A 201 11.39 -27.68 -16.66
CA ASN A 201 11.69 -29.10 -16.76
C ASN A 201 10.92 -29.75 -17.90
N LEU A 202 9.69 -29.30 -18.16
CA LEU A 202 8.98 -29.73 -19.36
C LEU A 202 9.79 -29.44 -20.61
N PHE A 203 10.34 -28.22 -20.70
CA PHE A 203 11.15 -27.84 -21.84
C PHE A 203 12.40 -28.71 -21.93
N ILE A 204 13.07 -28.95 -20.81
CA ILE A 204 14.29 -29.74 -20.82
C ILE A 204 14.02 -31.14 -21.35
N GLN A 205 12.95 -31.78 -20.84
CA GLN A 205 12.62 -33.12 -21.29
C GLN A 205 12.03 -33.12 -22.70
N SER A 206 11.48 -32.01 -23.17
CA SER A 206 11.00 -31.94 -24.55
C SER A 206 12.15 -32.03 -25.54
N GLN A 207 13.38 -31.76 -25.10
CA GLN A 207 14.53 -31.91 -25.98
C GLN A 207 14.79 -33.37 -26.31
N PHE A 208 14.45 -34.28 -25.40
CA PHE A 208 14.72 -35.71 -25.55
C PHE A 208 13.49 -36.52 -25.87
N LEU A 209 12.30 -35.92 -25.89
CA LEU A 209 11.06 -36.61 -26.18
C LEU A 209 10.32 -35.90 -27.30
N ASN A 210 9.59 -36.69 -28.10
CA ASN A 210 8.62 -36.14 -29.03
C ASN A 210 7.40 -35.72 -28.21
N PHE A 211 7.51 -34.53 -27.61
CA PHE A 211 6.50 -34.05 -26.67
C PHE A 211 6.30 -32.55 -26.87
N LYS A 212 5.04 -32.14 -26.96
CA LYS A 212 4.68 -30.73 -27.08
C LYS A 212 3.41 -30.46 -26.30
N ILE A 213 3.24 -29.20 -25.91
CA ILE A 213 2.04 -28.72 -25.26
C ILE A 213 1.20 -27.98 -26.29
N ASN A 214 -0.12 -28.18 -26.26
CA ASN A 214 -1.03 -27.41 -27.10
C ASN A 214 -1.93 -26.62 -26.16
N LEU A 215 -1.54 -25.37 -25.88
CA LEU A 215 -2.34 -24.52 -25.01
C LEU A 215 -3.64 -24.10 -25.65
N PHE A 216 -3.77 -24.24 -26.97
CA PHE A 216 -5.05 -23.97 -27.61
C PHE A 216 -6.15 -24.92 -27.14
N GLU A 217 -5.77 -26.10 -26.64
CA GLU A 217 -6.75 -27.03 -26.11
C GLU A 217 -7.22 -26.61 -24.71
N ASP A 218 -6.30 -26.11 -23.87
CA ASP A 218 -6.73 -25.47 -22.63
C ASP A 218 -7.69 -24.33 -22.90
N MET A 219 -7.43 -23.57 -23.98
CA MET A 219 -8.31 -22.47 -24.35
C MET A 219 -9.69 -22.98 -24.73
N ARG A 220 -9.74 -24.08 -25.50
CA ARG A 220 -11.03 -24.64 -25.91
C ARG A 220 -11.84 -25.11 -24.71
N LEU A 221 -11.18 -25.68 -23.70
CA LEU A 221 -11.91 -26.20 -22.55
C LEU A 221 -12.59 -25.09 -21.78
N ILE A 222 -11.85 -24.03 -21.43
CA ILE A 222 -12.41 -22.96 -20.63
C ILE A 222 -13.45 -22.18 -21.44
N LYS A 223 -13.20 -22.02 -22.75
CA LYS A 223 -14.21 -21.40 -23.61
C LYS A 223 -15.49 -22.22 -23.64
N ASP A 224 -15.36 -23.54 -23.79
CA ASP A 224 -16.53 -24.40 -23.85
C ASP A 224 -17.31 -24.36 -22.55
N LEU A 225 -16.61 -24.38 -21.42
CA LEU A 225 -17.29 -24.37 -20.12
C LEU A 225 -18.04 -23.05 -19.90
N VAL A 226 -17.45 -21.92 -20.33
CA VAL A 226 -18.10 -20.64 -20.12
C VAL A 226 -19.35 -20.51 -20.98
N PHE A 227 -19.27 -20.92 -22.25
CA PHE A 227 -20.43 -20.82 -23.13
C PHE A 227 -21.56 -21.74 -22.67
N SER A 228 -21.23 -22.95 -22.24
CA SER A 228 -22.24 -23.98 -21.98
C SER A 228 -22.82 -23.93 -20.57
N CYS A 229 -22.35 -23.04 -19.71
CA CYS A 229 -22.84 -22.98 -18.36
C CYS A 229 -24.07 -22.08 -18.26
N LYS A 230 -24.84 -22.27 -17.19
CA LYS A 230 -26.00 -21.42 -16.93
C LYS A 230 -25.59 -20.15 -16.18
N LYS A 231 -24.91 -20.32 -15.03
CA LYS A 231 -24.37 -19.21 -14.27
C LYS A 231 -22.95 -19.56 -13.83
N SER A 232 -22.13 -18.53 -13.63
CA SER A 232 -20.73 -18.72 -13.27
C SER A 232 -20.37 -17.86 -12.07
N GLY A 233 -19.54 -18.42 -11.19
CA GLY A 233 -19.00 -17.69 -10.07
C GLY A 233 -17.50 -17.89 -9.97
N ALA A 234 -16.89 -17.17 -9.03
CA ALA A 234 -15.44 -17.22 -8.90
C ALA A 234 -15.02 -16.63 -7.57
N LEU A 235 -14.09 -17.32 -6.89
CA LEU A 235 -13.28 -16.72 -5.84
C LEU A 235 -11.91 -16.43 -6.45
N ILE A 236 -11.57 -15.15 -6.56
CA ILE A 236 -10.33 -14.71 -7.19
C ILE A 236 -9.44 -14.11 -6.12
N ILE A 237 -8.26 -14.68 -5.94
CA ILE A 237 -7.31 -14.26 -4.90
C ILE A 237 -6.06 -13.75 -5.59
N GLY A 238 -5.71 -12.50 -5.33
CA GLY A 238 -4.61 -11.89 -6.03
C GLY A 238 -5.02 -11.35 -7.38
N GLY A 239 -4.02 -10.94 -8.15
CA GLY A 239 -4.23 -10.37 -9.46
C GLY A 239 -3.46 -11.14 -10.51
N GLY A 240 -2.86 -10.40 -11.43
CA GLY A 240 -2.01 -11.04 -12.42
C GLY A 240 -2.78 -11.83 -13.44
N ILE A 241 -2.06 -12.76 -14.08
CA ILE A 241 -2.57 -13.49 -15.23
C ILE A 241 -3.75 -14.38 -14.87
N SER A 242 -3.74 -14.97 -13.65
CA SER A 242 -4.82 -15.87 -13.26
C SER A 242 -6.13 -15.12 -13.03
N LYS A 243 -6.06 -13.91 -12.45
CA LYS A 243 -7.25 -13.10 -12.32
C LYS A 243 -7.76 -12.63 -13.68
N HIS A 244 -6.85 -12.12 -14.52
CA HIS A 244 -7.28 -11.61 -15.81
C HIS A 244 -7.85 -12.70 -16.70
N HIS A 245 -7.24 -13.88 -16.68
CA HIS A 245 -7.70 -14.97 -17.54
C HIS A 245 -9.09 -15.45 -17.12
N THR A 246 -9.35 -15.51 -15.82
CA THR A 246 -10.69 -15.86 -15.34
C THR A 246 -11.71 -14.84 -15.81
N ILE A 247 -11.43 -13.56 -15.59
CA ILE A 247 -12.35 -12.50 -15.96
C ILE A 247 -12.51 -12.44 -17.48
N TRP A 248 -11.43 -12.68 -18.22
CA TRP A 248 -11.47 -12.56 -19.66
C TRP A 248 -12.47 -13.52 -20.29
N TRP A 249 -12.45 -14.79 -19.86
CA TRP A 249 -13.28 -15.79 -20.52
C TRP A 249 -14.75 -15.64 -20.14
N ASN A 250 -15.04 -15.16 -18.93
CA ASN A 250 -16.42 -14.94 -18.55
C ASN A 250 -17.07 -13.76 -19.27
N GLN A 251 -16.29 -12.95 -19.98
CA GLN A 251 -16.87 -11.87 -20.77
C GLN A 251 -17.78 -12.38 -21.87
N PHE A 252 -17.58 -13.63 -22.31
CA PHE A 252 -18.37 -14.19 -23.40
C PHE A 252 -19.76 -14.60 -22.96
N LYS A 253 -20.05 -14.57 -21.66
CA LYS A 253 -21.36 -14.87 -21.11
C LYS A 253 -21.85 -13.70 -20.25
N ASP A 254 -21.55 -12.48 -20.69
CA ASP A 254 -21.98 -11.23 -20.07
C ASP A 254 -21.22 -10.95 -18.77
N GLY A 255 -20.38 -11.86 -18.31
CA GLY A 255 -19.56 -11.66 -17.14
C GLY A 255 -19.82 -12.71 -16.08
N LEU A 256 -19.10 -12.55 -14.96
CA LEU A 256 -19.29 -13.44 -13.82
C LEU A 256 -20.59 -13.07 -13.10
N ASP A 257 -21.40 -14.09 -12.83
CA ASP A 257 -22.65 -13.85 -12.11
C ASP A 257 -22.39 -13.58 -10.64
N TYR A 258 -21.43 -14.29 -10.05
CA TYR A 258 -20.99 -14.08 -8.67
C TYR A 258 -19.48 -13.97 -8.66
N ALA A 259 -18.94 -13.14 -7.78
CA ALA A 259 -17.49 -12.98 -7.72
C ALA A 259 -17.09 -12.40 -6.37
N VAL A 260 -16.02 -12.95 -5.79
CA VAL A 260 -15.40 -12.42 -4.59
C VAL A 260 -13.91 -12.28 -4.87
N TYR A 261 -13.38 -11.06 -4.74
CA TYR A 261 -11.98 -10.77 -5.00
C TYR A 261 -11.28 -10.50 -3.67
N VAL A 262 -10.18 -11.19 -3.43
CA VAL A 262 -9.31 -10.94 -2.28
C VAL A 262 -7.97 -10.48 -2.82
N THR A 263 -7.57 -9.26 -2.48
CA THR A 263 -6.34 -8.71 -3.05
C THR A 263 -5.74 -7.69 -2.11
N THR A 264 -4.44 -7.45 -2.30
CA THR A 264 -3.74 -6.35 -1.64
C THR A 264 -3.43 -5.18 -2.57
N ALA A 265 -3.49 -5.38 -3.88
CA ALA A 265 -3.13 -4.34 -4.83
C ALA A 265 -4.14 -3.21 -4.81
N GLN A 266 -3.67 -2.02 -5.18
CA GLN A 266 -4.48 -0.81 -5.24
C GLN A 266 -4.67 -0.39 -6.69
N GLU A 267 -5.52 0.63 -6.88
CA GLU A 267 -5.96 1.02 -8.21
C GLU A 267 -5.21 2.21 -8.79
N TYR A 268 -4.53 3.01 -7.97
CA TYR A 268 -3.96 4.26 -8.45
C TYR A 268 -2.85 4.06 -9.48
N ASP A 269 -2.30 2.85 -9.61
CA ASP A 269 -1.29 2.56 -10.60
C ASP A 269 -1.86 1.93 -11.87
N GLY A 270 -3.18 1.80 -11.97
CA GLY A 270 -3.80 1.35 -13.20
C GLY A 270 -3.59 -0.09 -13.57
N SER A 271 -3.14 -0.93 -12.63
CA SER A 271 -2.91 -2.34 -12.93
C SER A 271 -4.22 -3.11 -12.91
N LEU A 272 -4.22 -4.25 -13.61
CA LEU A 272 -5.35 -5.16 -13.54
C LEU A 272 -5.48 -5.77 -12.14
N SER A 273 -4.34 -6.06 -11.51
CA SER A 273 -4.35 -6.70 -10.19
C SER A 273 -5.06 -5.86 -9.15
N GLY A 274 -5.08 -4.53 -9.33
CA GLY A 274 -5.71 -3.64 -8.37
C GLY A 274 -6.97 -2.97 -8.88
N ALA A 275 -7.60 -3.53 -9.90
CA ALA A 275 -8.79 -2.96 -10.49
C ALA A 275 -10.03 -3.47 -9.77
N LYS A 276 -10.88 -2.54 -9.32
CA LYS A 276 -12.09 -2.84 -8.58
C LYS A 276 -13.11 -3.54 -9.49
N PRO A 277 -14.23 -4.01 -8.95
CA PRO A 277 -15.34 -4.44 -9.83
C PRO A 277 -16.09 -3.28 -10.44
N ARG A 278 -15.94 -2.06 -9.91
CA ARG A 278 -16.43 -0.89 -10.63
C ARG A 278 -15.68 -0.73 -11.95
N GLU A 279 -14.38 -1.03 -11.94
CA GLU A 279 -13.67 -1.32 -13.18
C GLU A 279 -14.06 -2.71 -13.65
N ALA A 280 -13.97 -2.92 -14.97
CA ALA A 280 -14.40 -4.12 -15.70
C ALA A 280 -15.90 -4.14 -15.93
N ILE A 281 -16.65 -3.16 -15.45
CA ILE A 281 -17.98 -2.94 -16.00
C ILE A 281 -17.86 -2.23 -17.35
N SER A 282 -16.78 -1.49 -17.55
CA SER A 282 -16.43 -0.98 -18.88
C SER A 282 -15.89 -2.08 -19.78
N TRP A 283 -15.23 -3.08 -19.19
CA TRP A 283 -14.76 -4.25 -19.93
C TRP A 283 -15.87 -5.28 -20.15
N ASN A 284 -17.13 -4.91 -19.87
CA ASN A 284 -18.31 -5.77 -19.96
C ASN A 284 -18.04 -7.17 -19.42
N LYS A 285 -17.34 -7.26 -18.30
CA LYS A 285 -16.92 -8.54 -17.74
C LYS A 285 -17.66 -8.88 -16.44
N ILE A 286 -18.62 -8.08 -16.03
CA ILE A 286 -19.52 -8.42 -14.95
C ILE A 286 -20.95 -8.12 -15.39
N ARG A 287 -21.92 -8.84 -14.83
CA ARG A 287 -23.29 -8.70 -15.27
C ARG A 287 -23.85 -7.34 -14.86
N PRO A 288 -24.82 -6.81 -15.63
CA PRO A 288 -25.46 -5.55 -15.22
C PRO A 288 -26.14 -5.64 -13.87
N ASN A 289 -26.67 -6.81 -13.50
CA ASN A 289 -27.26 -7.05 -12.19
C ASN A 289 -26.53 -8.25 -11.58
N ALA A 290 -25.41 -7.98 -10.91
CA ALA A 290 -24.57 -9.03 -10.36
C ALA A 290 -24.08 -8.65 -8.97
N LYS A 291 -23.74 -9.67 -8.19
CA LYS A 291 -23.32 -9.52 -6.80
C LYS A 291 -21.82 -9.81 -6.70
N HIS A 292 -21.02 -8.76 -6.65
CA HIS A 292 -19.57 -8.86 -6.54
C HIS A 292 -19.10 -8.16 -5.28
N ALA A 293 -18.06 -8.70 -4.65
CA ALA A 293 -17.50 -8.10 -3.44
C ALA A 293 -15.98 -8.17 -3.51
N THR A 294 -15.32 -7.09 -3.09
CA THR A 294 -13.86 -7.02 -3.04
C THR A 294 -13.41 -6.77 -1.61
N ILE A 295 -12.47 -7.58 -1.14
CA ILE A 295 -11.89 -7.47 0.19
C ILE A 295 -10.40 -7.20 0.03
N TYR A 296 -9.91 -6.17 0.71
CA TYR A 296 -8.50 -5.83 0.71
C TYR A 296 -7.86 -6.38 1.98
N GLY A 297 -6.94 -7.32 1.83
CA GLY A 297 -6.28 -7.90 2.98
C GLY A 297 -5.44 -9.09 2.57
N ASP A 298 -4.63 -9.55 3.52
CA ASP A 298 -3.80 -10.71 3.30
C ASP A 298 -4.68 -11.94 3.09
N ALA A 299 -4.33 -12.75 2.09
CA ALA A 299 -5.12 -13.93 1.78
C ALA A 299 -5.05 -14.97 2.89
N THR A 300 -3.94 -15.05 3.61
CA THR A 300 -3.86 -16.01 4.70
C THR A 300 -4.76 -15.65 5.87
N ILE A 301 -5.27 -14.41 5.91
CA ILE A 301 -6.24 -14.01 6.92
C ILE A 301 -7.66 -14.06 6.36
N ILE A 302 -7.87 -13.47 5.18
CA ILE A 302 -9.22 -13.33 4.65
C ILE A 302 -9.79 -14.68 4.21
N VAL A 303 -9.00 -15.49 3.50
CA VAL A 303 -9.53 -16.76 2.97
C VAL A 303 -9.96 -17.71 4.07
N PRO A 304 -9.20 -17.93 5.15
CA PRO A 304 -9.72 -18.77 6.24
C PRO A 304 -11.00 -18.22 6.88
N ILE A 305 -11.17 -16.91 6.91
CA ILE A 305 -12.42 -16.33 7.41
C ILE A 305 -13.56 -16.64 6.46
N LEU A 306 -13.35 -16.41 5.16
CA LEU A 306 -14.40 -16.68 4.17
C LEU A 306 -14.73 -18.17 4.10
N ALA A 307 -13.70 -19.02 4.10
CA ALA A 307 -13.93 -20.46 4.01
C ALA A 307 -14.64 -20.99 5.26
N ALA A 308 -14.26 -20.50 6.44
CA ALA A 308 -14.95 -20.92 7.65
C ALA A 308 -16.43 -20.59 7.59
N SER A 309 -16.78 -19.44 7.01
CA SER A 309 -18.16 -19.02 6.91
C SER A 309 -18.99 -19.96 6.03
N LEU A 310 -18.34 -20.77 5.19
CA LEU A 310 -19.07 -21.75 4.39
C LEU A 310 -19.77 -22.80 5.26
N LEU A 311 -19.28 -23.01 6.47
CA LEU A 311 -19.79 -24.04 7.36
C LEU A 311 -20.87 -23.53 8.32
N SER A 312 -21.20 -22.24 8.28
CA SER A 312 -22.21 -21.70 9.19
C SER A 312 -23.60 -22.22 8.83
N MET B 1 -27.02 14.06 -20.24
CA MET B 1 -25.98 13.10 -20.59
C MET B 1 -24.72 13.75 -21.13
N ILE B 2 -23.74 12.89 -21.42
CA ILE B 2 -22.53 13.28 -22.13
C ILE B 2 -22.39 12.33 -23.31
N ASN B 3 -22.17 12.89 -24.50
CA ASN B 3 -22.13 12.08 -25.70
C ASN B 3 -20.70 11.58 -25.97
N ARG B 4 -20.59 10.69 -26.95
CA ARG B 4 -19.32 10.02 -27.21
C ARG B 4 -18.23 11.02 -27.59
N GLU B 5 -18.56 11.96 -28.48
CA GLU B 5 -17.54 12.87 -29.01
C GLU B 5 -17.05 13.87 -27.96
N ASP B 6 -17.77 14.02 -26.84
CA ASP B 6 -17.23 14.79 -25.72
C ASP B 6 -16.13 14.02 -25.01
N LEU B 7 -16.33 12.72 -24.83
CA LEU B 7 -15.37 11.90 -24.09
C LEU B 7 -14.11 11.64 -24.88
N LEU B 8 -14.25 11.31 -26.17
CA LEU B 8 -13.11 10.95 -27.01
C LEU B 8 -12.63 12.18 -27.79
N LYS B 9 -12.11 13.14 -27.03
CA LYS B 9 -11.68 14.43 -27.59
C LYS B 9 -10.16 14.51 -27.77
N ASN B 10 -9.39 14.12 -26.76
CA ASN B 10 -7.93 14.26 -26.80
C ASN B 10 -7.27 12.90 -26.79
N PRO B 11 -6.67 12.47 -27.90
CA PRO B 11 -5.96 11.18 -27.90
C PRO B 11 -4.75 11.21 -26.99
N VAL B 12 -4.44 10.03 -26.43
CA VAL B 12 -3.17 9.85 -25.74
C VAL B 12 -2.04 10.02 -26.75
N GLU B 13 -0.96 10.67 -26.32
CA GLU B 13 0.18 10.96 -27.19
C GLU B 13 1.41 10.21 -26.72
N ASP B 14 2.03 9.47 -27.63
CA ASP B 14 3.28 8.78 -27.33
C ASP B 14 4.42 9.79 -27.22
N ILE B 15 5.31 9.55 -26.26
CA ILE B 15 6.51 10.38 -26.11
C ILE B 15 7.71 9.58 -26.60
N ALA B 16 8.85 10.28 -26.71
CA ALA B 16 10.11 9.66 -27.07
C ALA B 16 11.17 10.21 -26.14
N LEU B 17 12.39 9.68 -26.26
CA LEU B 17 13.49 10.20 -25.45
C LEU B 17 13.77 11.67 -25.74
N ARG B 18 13.37 12.15 -26.92
CA ARG B 18 13.59 13.54 -27.28
C ARG B 18 12.76 14.47 -26.41
N ASP B 19 11.55 14.04 -26.02
CA ASP B 19 10.70 14.84 -25.15
C ASP B 19 11.30 15.02 -23.77
N LEU B 20 12.21 14.15 -23.35
CA LEU B 20 12.81 14.20 -22.03
C LEU B 20 14.17 14.87 -22.00
N GLU B 21 14.65 15.37 -23.14
CA GLU B 21 16.04 15.82 -23.25
C GLU B 21 16.33 16.98 -22.30
N LYS B 22 15.42 17.94 -22.20
CA LYS B 22 15.68 19.15 -21.42
C LYS B 22 15.56 18.92 -19.91
N TYR B 23 15.14 17.73 -19.48
CA TYR B 23 15.07 17.38 -18.08
C TYR B 23 16.09 16.32 -17.69
N SER B 24 17.17 16.17 -18.47
CA SER B 24 18.12 15.10 -18.23
C SER B 24 18.90 15.27 -16.94
N ASP B 25 18.86 16.46 -16.33
CA ASP B 25 19.55 16.72 -15.08
C ASP B 25 18.63 16.62 -13.87
N ILE B 26 17.41 16.12 -14.04
CA ILE B 26 16.42 16.20 -12.97
C ILE B 26 16.82 15.32 -11.79
N VAL B 27 17.57 14.25 -12.01
CA VAL B 27 18.00 13.41 -10.90
C VAL B 27 18.82 14.22 -9.89
N ASN B 28 19.50 15.27 -10.36
CA ASN B 28 20.24 16.14 -9.44
C ASN B 28 19.32 16.82 -8.45
N VAL B 29 18.08 17.13 -8.85
CA VAL B 29 17.13 17.75 -7.93
C VAL B 29 16.78 16.76 -6.81
N PHE B 30 16.49 15.51 -7.17
CA PHE B 30 16.12 14.53 -6.16
C PHE B 30 17.33 14.10 -5.33
N ASP B 31 18.52 14.13 -5.91
CA ASP B 31 19.72 13.88 -5.11
C ASP B 31 19.86 14.93 -4.01
N LYS B 32 19.61 16.20 -4.34
CA LYS B 32 19.67 17.26 -3.33
C LYS B 32 18.59 17.05 -2.26
N ILE B 33 17.37 16.71 -2.68
CA ILE B 33 16.28 16.52 -1.72
C ILE B 33 16.53 15.30 -0.85
N TYR B 34 16.91 14.18 -1.47
CA TYR B 34 17.22 12.93 -0.79
C TYR B 34 16.10 12.48 0.14
N GLY B 35 14.88 12.48 -0.36
CA GLY B 35 13.78 11.91 0.39
C GLY B 35 13.25 10.56 -0.08
N PHE B 36 13.77 9.49 0.52
CA PHE B 36 13.21 8.13 0.62
C PHE B 36 13.08 7.37 -0.70
N SER B 37 13.01 8.07 -1.81
CA SER B 37 13.03 7.48 -3.13
C SER B 37 14.16 8.04 -3.96
N SER B 38 14.78 9.11 -3.47
CA SER B 38 15.87 9.76 -4.18
C SER B 38 17.09 8.85 -4.28
N GLU B 39 17.38 8.11 -3.22
CA GLU B 39 18.49 7.15 -3.31
C GLU B 39 18.21 6.11 -4.39
N GLY B 40 16.99 5.58 -4.44
CA GLY B 40 16.66 4.61 -5.46
C GLY B 40 16.71 5.19 -6.86
N ILE B 41 16.31 6.46 -7.00
CA ILE B 41 16.39 7.12 -8.31
C ILE B 41 17.83 7.40 -8.68
N VAL B 42 18.62 7.91 -7.73
CA VAL B 42 20.02 8.23 -8.02
C VAL B 42 20.81 6.97 -8.35
N ARG B 43 20.62 5.91 -7.55
CA ARG B 43 21.32 4.66 -7.81
C ARG B 43 20.77 3.98 -9.06
N GLY B 44 19.45 4.07 -9.28
CA GLY B 44 18.87 3.45 -10.46
C GLY B 44 19.39 4.06 -11.76
N SER B 45 19.50 5.38 -11.81
CA SER B 45 19.99 6.04 -13.01
C SER B 45 21.45 5.68 -13.26
N LYS B 46 22.24 5.55 -12.20
CA LYS B 46 23.64 5.14 -12.36
C LYS B 46 23.74 3.68 -12.81
N ILE B 47 22.90 2.81 -12.24
CA ILE B 47 22.93 1.41 -12.64
C ILE B 47 22.49 1.25 -14.09
N LEU B 48 21.54 2.07 -14.53
CA LEU B 48 21.12 2.04 -15.93
C LEU B 48 22.28 2.40 -16.84
N LYS B 49 23.00 3.48 -16.52
CA LYS B 49 24.10 3.91 -17.37
C LYS B 49 25.20 2.85 -17.43
N GLU B 50 25.51 2.22 -16.30
CA GLU B 50 26.53 1.18 -16.28
C GLU B 50 26.06 -0.05 -17.04
N MET B 51 24.76 -0.35 -17.01
CA MET B 51 24.22 -1.50 -17.74
C MET B 51 24.37 -1.31 -19.24
N ILE B 52 24.14 -0.10 -19.73
CA ILE B 52 24.32 0.19 -21.15
C ILE B 52 25.77 -0.03 -21.57
N LYS B 53 26.71 0.24 -20.67
CA LYS B 53 28.12 0.11 -20.99
C LYS B 53 28.58 -1.35 -20.92
N ASP B 54 28.30 -2.04 -19.81
CA ASP B 54 28.97 -3.30 -19.50
C ASP B 54 28.12 -4.54 -19.70
N ALA B 55 26.85 -4.42 -20.06
CA ALA B 55 25.96 -5.56 -20.19
C ALA B 55 25.56 -5.74 -21.65
N ASP B 56 25.85 -6.93 -22.20
CA ASP B 56 25.51 -7.22 -23.59
C ASP B 56 24.13 -7.87 -23.73
N LEU B 57 23.51 -8.28 -22.64
CA LEU B 57 22.13 -8.75 -22.62
C LEU B 57 21.34 -7.81 -21.71
N ARG B 58 20.46 -7.01 -22.29
CA ARG B 58 19.76 -5.97 -21.54
C ARG B 58 18.26 -6.18 -21.71
N PHE B 59 17.58 -6.49 -20.60
CA PHE B 59 16.16 -6.82 -20.59
C PHE B 59 15.32 -5.58 -20.34
N LEU B 60 14.19 -5.49 -21.05
CA LEU B 60 13.13 -4.54 -20.75
C LEU B 60 11.88 -5.35 -20.45
N SER B 61 11.51 -5.45 -19.17
CA SER B 61 10.39 -6.27 -18.72
C SER B 61 9.31 -5.37 -18.15
N PHE B 62 8.10 -5.45 -18.69
CA PHE B 62 7.05 -4.53 -18.27
C PHE B 62 5.68 -5.17 -18.40
N THR B 63 4.74 -4.62 -17.65
CA THR B 63 3.35 -5.06 -17.63
C THR B 63 2.55 -4.34 -18.71
N ALA B 64 1.33 -4.83 -18.95
CA ALA B 64 0.58 -4.41 -20.12
C ALA B 64 0.10 -2.96 -20.01
N ASN B 65 -0.32 -2.52 -18.83
CA ASN B 65 -1.05 -1.26 -18.72
C ASN B 65 -0.22 -0.08 -19.18
N LEU B 66 1.11 -0.18 -19.11
CA LEU B 66 1.96 0.92 -19.56
C LEU B 66 1.76 1.22 -21.04
N VAL B 67 1.42 0.20 -21.84
CA VAL B 67 1.33 0.36 -23.29
C VAL B 67 0.08 1.11 -23.72
N SER B 68 -0.87 1.34 -22.81
CA SER B 68 -2.00 2.20 -23.12
C SER B 68 -1.71 3.67 -22.84
N THR B 69 -0.54 3.97 -22.28
CA THR B 69 -0.12 5.34 -22.00
C THR B 69 0.83 5.84 -23.08
N GLY B 70 1.28 7.07 -22.92
CA GLY B 70 2.29 7.59 -23.81
C GLY B 70 3.66 6.97 -23.63
N LEU B 71 3.83 6.10 -22.63
CA LEU B 71 5.06 5.36 -22.44
C LEU B 71 5.30 4.31 -23.50
N ARG B 72 4.28 3.98 -24.30
CA ARG B 72 4.46 3.02 -25.38
C ARG B 72 5.50 3.51 -26.38
N GLY B 73 5.40 4.78 -26.79
CA GLY B 73 6.38 5.33 -27.71
C GLY B 73 7.77 5.42 -27.12
N LEU B 74 7.87 5.58 -25.80
CA LEU B 74 9.17 5.62 -25.15
C LEU B 74 9.87 4.28 -25.22
N PHE B 75 9.14 3.18 -24.95
CA PHE B 75 9.73 1.85 -24.99
C PHE B 75 10.13 1.47 -26.41
N ALA B 76 9.36 1.90 -27.41
CA ALA B 76 9.76 1.70 -28.78
C ALA B 76 11.03 2.48 -29.09
N ASP B 77 11.13 3.70 -28.57
CA ASP B 77 12.34 4.51 -28.76
C ASP B 77 13.54 3.86 -28.09
N LEU B 78 13.37 3.36 -26.86
CA LEU B 78 14.49 2.74 -26.16
C LEU B 78 14.97 1.48 -26.88
N VAL B 79 14.06 0.73 -27.49
CA VAL B 79 14.46 -0.42 -28.28
C VAL B 79 15.13 0.03 -29.58
N LYS B 80 14.59 1.05 -30.23
CA LYS B 80 15.15 1.52 -31.49
C LYS B 80 16.57 2.01 -31.31
N ARG B 81 16.87 2.65 -30.18
CA ARG B 81 18.16 3.26 -29.96
C ARG B 81 19.16 2.32 -29.29
N GLY B 82 18.80 1.05 -29.13
CA GLY B 82 19.72 0.02 -28.69
C GLY B 82 19.90 -0.11 -27.19
N TYR B 83 19.09 0.59 -26.39
CA TYR B 83 19.25 0.51 -24.94
C TYR B 83 18.92 -0.89 -24.41
N PHE B 84 17.91 -1.54 -24.97
CA PHE B 84 17.50 -2.87 -24.56
C PHE B 84 17.35 -3.76 -25.78
N ASN B 85 17.72 -5.04 -25.64
CA ASN B 85 17.73 -5.95 -26.78
C ASN B 85 17.01 -7.26 -26.52
N ILE B 86 16.22 -7.36 -25.45
CA ILE B 86 15.27 -8.44 -25.26
C ILE B 86 14.13 -7.91 -24.41
N ILE B 87 12.90 -8.31 -24.74
CA ILE B 87 11.71 -7.86 -24.04
C ILE B 87 10.99 -9.07 -23.46
N VAL B 88 10.58 -8.96 -22.21
CA VAL B 88 9.73 -9.95 -21.55
C VAL B 88 8.48 -9.21 -21.08
N THR B 89 7.31 -9.61 -21.59
CA THR B 89 6.10 -8.88 -21.28
C THR B 89 4.92 -9.85 -21.32
N THR B 90 3.71 -9.30 -21.42
CA THR B 90 2.47 -10.05 -21.28
C THR B 90 1.61 -9.91 -22.53
N GLY B 91 0.60 -10.77 -22.63
CA GLY B 91 -0.31 -10.70 -23.75
C GLY B 91 -0.99 -9.35 -23.90
N GLY B 92 -1.22 -8.66 -22.77
CA GLY B 92 -1.81 -7.34 -22.84
C GLY B 92 -0.96 -6.32 -23.55
N THR B 93 0.36 -6.47 -23.49
CA THR B 93 1.23 -5.59 -24.27
C THR B 93 0.98 -5.76 -25.76
N ILE B 94 0.81 -7.01 -26.21
CA ILE B 94 0.58 -7.26 -27.62
C ILE B 94 -0.76 -6.66 -28.06
N ASP B 95 -1.79 -6.82 -27.24
CA ASP B 95 -3.10 -6.25 -27.57
C ASP B 95 -3.00 -4.74 -27.78
N HIS B 96 -2.39 -4.04 -26.82
CA HIS B 96 -2.34 -2.58 -26.88
C HIS B 96 -1.48 -2.10 -28.04
N ASP B 97 -0.31 -2.71 -28.23
CA ASP B 97 0.57 -2.26 -29.30
C ASP B 97 -0.04 -2.56 -30.66
N LEU B 98 -0.68 -3.72 -30.83
CA LEU B 98 -1.33 -4.04 -32.10
C LEU B 98 -2.51 -3.10 -32.35
N ALA B 99 -3.35 -2.88 -31.34
CA ALA B 99 -4.51 -2.02 -31.52
C ALA B 99 -4.09 -0.59 -31.88
N ARG B 100 -3.08 -0.06 -31.19
CA ARG B 100 -2.65 1.31 -31.44
C ARG B 100 -1.79 1.43 -32.69
N SER B 101 -1.22 0.34 -33.19
CA SER B 101 -0.42 0.39 -34.41
C SER B 101 -1.27 0.33 -35.68
N PHE B 102 -2.51 -0.14 -35.58
CA PHE B 102 -3.38 -0.34 -36.74
C PHE B 102 -4.63 0.51 -36.66
N GLY B 103 -4.49 1.74 -36.20
CA GLY B 103 -5.57 2.71 -36.27
C GLY B 103 -6.35 2.92 -34.99
N GLY B 104 -6.22 2.03 -34.01
CA GLY B 104 -6.94 2.19 -32.76
C GLY B 104 -6.41 3.38 -31.97
N VAL B 105 -7.24 4.37 -31.72
CA VAL B 105 -6.85 5.57 -30.98
C VAL B 105 -7.32 5.43 -29.54
N TYR B 106 -6.42 5.72 -28.60
CA TYR B 106 -6.72 5.75 -27.18
C TYR B 106 -6.90 7.22 -26.77
N TYR B 107 -7.84 7.47 -25.85
CA TYR B 107 -8.22 8.83 -25.51
C TYR B 107 -8.04 9.11 -24.03
N LYS B 108 -7.65 10.35 -23.73
CA LYS B 108 -7.52 10.79 -22.35
C LYS B 108 -8.90 10.85 -21.71
N GLY B 109 -9.06 10.21 -20.56
CA GLY B 109 -10.33 10.22 -19.87
C GLY B 109 -10.25 10.80 -18.47
N SER B 110 -10.85 10.11 -17.51
CA SER B 110 -10.81 10.52 -16.12
C SER B 110 -11.22 9.35 -15.26
N PHE B 111 -10.67 9.31 -14.04
CA PHE B 111 -11.13 8.35 -13.06
C PHE B 111 -12.57 8.63 -12.64
N ASP B 112 -12.95 9.91 -12.60
CA ASP B 112 -14.25 10.33 -12.10
C ASP B 112 -15.23 10.60 -13.25
N ILE B 113 -15.58 9.51 -13.95
CA ILE B 113 -16.69 9.52 -14.89
C ILE B 113 -17.48 8.23 -14.69
N ASP B 114 -18.75 8.26 -15.06
CA ASP B 114 -19.64 7.14 -14.82
C ASP B 114 -19.24 5.95 -15.70
N ASP B 115 -18.83 4.85 -15.07
CA ASP B 115 -18.38 3.68 -15.83
C ASP B 115 -19.53 2.97 -16.52
N ALA B 116 -20.72 2.96 -15.91
CA ALA B 116 -21.89 2.39 -16.57
C ALA B 116 -22.23 3.16 -17.84
N MET B 117 -21.97 4.46 -17.86
CA MET B 117 -22.17 5.24 -19.08
C MET B 117 -21.25 4.78 -20.20
N LEU B 118 -20.04 4.32 -19.86
CA LEU B 118 -19.11 3.85 -20.88
C LEU B 118 -19.62 2.59 -21.56
N LYS B 119 -20.08 1.61 -20.76
CA LYS B 119 -20.55 0.36 -21.34
C LYS B 119 -21.66 0.59 -22.34
N ASP B 120 -22.55 1.56 -22.05
CA ASP B 120 -23.55 1.96 -23.02
C ASP B 120 -22.90 2.54 -24.27
N LEU B 121 -21.86 3.36 -24.09
CA LEU B 121 -21.20 4.04 -25.20
C LEU B 121 -20.14 3.18 -25.87
N GLU B 122 -19.96 1.93 -25.43
CA GLU B 122 -18.97 1.01 -25.99
C GLU B 122 -17.56 1.59 -25.86
N ILE B 123 -17.14 1.80 -24.62
CA ILE B 123 -15.82 2.32 -24.29
C ILE B 123 -15.25 1.53 -23.13
N HIS B 124 -14.04 1.00 -23.30
CA HIS B 124 -13.30 0.40 -22.19
C HIS B 124 -12.53 1.49 -21.45
N ARG B 125 -12.52 1.42 -20.13
CA ARG B 125 -11.70 2.28 -19.29
C ARG B 125 -10.55 1.47 -18.73
N LEU B 126 -9.33 2.01 -18.84
CA LEU B 126 -8.13 1.40 -18.31
C LEU B 126 -7.34 2.51 -17.62
N GLY B 127 -7.41 2.56 -16.28
CA GLY B 127 -6.90 3.70 -15.56
C GLY B 127 -7.81 4.89 -15.79
N ASN B 128 -7.28 5.97 -16.35
CA ASN B 128 -8.09 7.06 -16.88
C ASN B 128 -7.85 7.22 -18.37
N VAL B 129 -7.65 6.10 -19.06
CA VAL B 129 -7.50 6.05 -20.50
C VAL B 129 -8.73 5.37 -21.08
N LEU B 130 -9.33 5.98 -22.10
CA LEU B 130 -10.54 5.48 -22.71
C LEU B 130 -10.21 4.75 -24.00
N VAL B 131 -10.64 3.50 -24.12
CA VAL B 131 -10.37 2.67 -25.28
C VAL B 131 -11.70 2.30 -25.92
N PRO B 132 -12.09 2.98 -27.00
CA PRO B 132 -13.35 2.65 -27.68
C PRO B 132 -13.34 1.20 -28.14
N PHE B 133 -14.51 0.56 -28.08
CA PHE B 133 -14.64 -0.86 -28.41
C PHE B 133 -14.04 -1.16 -29.78
N GLU B 134 -14.32 -0.32 -30.77
CA GLU B 134 -13.85 -0.53 -32.13
C GLU B 134 -12.37 -0.20 -32.29
N SER B 135 -11.73 0.38 -31.27
CA SER B 135 -10.31 0.66 -31.31
C SER B 135 -9.46 -0.46 -30.73
N TYR B 136 -10.05 -1.44 -30.02
CA TYR B 136 -9.28 -2.48 -29.37
C TYR B 136 -9.58 -3.87 -29.91
N GLY B 137 -10.80 -4.39 -29.74
CA GLY B 137 -11.05 -5.78 -30.08
C GLY B 137 -11.35 -5.96 -31.55
N LYS B 138 -12.02 -4.98 -32.15
CA LYS B 138 -12.25 -5.00 -33.59
C LYS B 138 -10.94 -5.00 -34.36
N VAL B 139 -9.98 -4.18 -33.93
CA VAL B 139 -8.73 -4.04 -34.67
C VAL B 139 -7.90 -5.31 -34.55
N ILE B 140 -7.75 -5.85 -33.35
CA ILE B 140 -6.93 -7.04 -33.16
C ILE B 140 -7.53 -8.23 -33.89
N GLU B 141 -8.86 -8.35 -33.87
CA GLU B 141 -9.51 -9.44 -34.59
C GLU B 141 -9.29 -9.33 -36.09
N GLU B 142 -9.41 -8.11 -36.64
CA GLU B 142 -9.19 -7.91 -38.07
C GLU B 142 -7.75 -8.22 -38.46
N ILE B 143 -6.79 -7.75 -37.67
CA ILE B 143 -5.38 -7.93 -38.00
C ILE B 143 -5.03 -9.42 -38.03
N VAL B 144 -5.46 -10.17 -37.01
CA VAL B 144 -5.13 -11.58 -36.94
C VAL B 144 -5.81 -12.35 -38.06
N ARG B 145 -7.08 -12.06 -38.33
CA ARG B 145 -7.76 -12.72 -39.44
C ARG B 145 -7.08 -12.42 -40.77
N LYS B 146 -6.58 -11.19 -40.92
CA LYS B 146 -5.97 -10.78 -42.19
C LYS B 146 -4.63 -11.47 -42.42
N PHE B 147 -3.77 -11.49 -41.40
CA PHE B 147 -2.36 -11.82 -41.62
C PHE B 147 -1.97 -13.22 -41.21
N LEU B 148 -2.70 -13.86 -40.30
CA LEU B 148 -2.33 -15.20 -39.86
C LEU B 148 -2.35 -16.25 -40.97
N PRO B 149 -3.31 -16.27 -41.90
CA PRO B 149 -3.26 -17.29 -42.97
C PRO B 149 -1.95 -17.33 -43.74
N GLU B 150 -1.40 -16.16 -44.12
CA GLU B 150 -0.11 -16.15 -44.80
C GLU B 150 1.01 -16.60 -43.88
N ILE B 151 0.99 -16.16 -42.62
CA ILE B 151 2.04 -16.54 -41.67
C ILE B 151 1.98 -18.04 -41.41
N ALA B 152 0.78 -18.57 -41.18
CA ALA B 152 0.64 -19.99 -40.87
C ALA B 152 1.00 -20.87 -42.07
N LYS B 153 0.74 -20.40 -43.29
CA LYS B 153 1.15 -21.15 -44.47
C LYS B 153 2.67 -21.28 -44.53
N ASP B 154 3.39 -20.21 -44.19
CA ASP B 154 4.85 -20.25 -44.18
C ASP B 154 5.39 -21.19 -43.12
N LYS B 155 4.81 -21.16 -41.92
CA LYS B 155 5.30 -21.96 -40.80
C LYS B 155 4.12 -22.41 -39.96
N LYS B 156 3.81 -23.72 -40.01
CA LYS B 156 2.62 -24.23 -39.34
C LYS B 156 2.79 -24.32 -37.83
N GLU B 157 4.01 -24.49 -37.34
CA GLU B 157 4.28 -24.46 -35.90
C GLU B 157 5.39 -23.45 -35.65
N ILE B 158 5.07 -22.41 -34.88
CA ILE B 158 5.91 -21.22 -34.85
C ILE B 158 6.21 -20.84 -33.39
N PRO B 159 7.42 -20.40 -33.08
CA PRO B 159 7.67 -19.81 -31.77
C PRO B 159 6.90 -18.50 -31.65
N ALA B 160 6.50 -18.16 -30.42
CA ALA B 160 5.74 -16.94 -30.20
C ALA B 160 6.54 -15.70 -30.57
N TYR B 161 7.86 -15.71 -30.34
CA TYR B 161 8.65 -14.52 -30.66
C TYR B 161 8.75 -14.29 -32.17
N GLU B 162 8.80 -15.37 -32.96
CA GLU B 162 8.76 -15.19 -34.41
C GLU B 162 7.41 -14.69 -34.88
N LEU B 163 6.33 -15.22 -34.30
CA LEU B 163 4.99 -14.74 -34.65
C LEU B 163 4.88 -13.25 -34.39
N LEU B 164 5.48 -12.76 -33.29
CA LEU B 164 5.42 -11.35 -32.97
C LEU B 164 6.27 -10.51 -33.92
N TRP B 165 7.38 -11.06 -34.41
CA TRP B 165 8.12 -10.36 -35.45
C TRP B 165 7.31 -10.26 -36.73
N GLU B 166 6.58 -11.33 -37.08
CA GLU B 166 5.78 -11.32 -38.30
C GLU B 166 4.72 -10.22 -38.25
N PHE B 167 4.09 -10.03 -37.09
CA PHE B 167 3.16 -8.92 -36.95
C PHE B 167 3.87 -7.59 -36.80
N GLY B 168 5.07 -7.59 -36.18
CA GLY B 168 5.89 -6.39 -36.23
C GLY B 168 6.33 -6.04 -37.63
N LYS B 169 6.50 -7.05 -38.48
CA LYS B 169 6.88 -6.83 -39.88
C LYS B 169 5.86 -5.97 -40.60
N ARG B 170 4.58 -6.15 -40.29
CA ARG B 170 3.49 -5.54 -41.04
C ARG B 170 2.99 -4.24 -40.41
N ILE B 171 3.70 -3.72 -39.40
CA ILE B 171 3.33 -2.49 -38.73
C ILE B 171 4.08 -1.32 -39.36
N SER B 172 3.39 -0.19 -39.51
CA SER B 172 4.00 1.02 -40.05
C SER B 172 4.15 2.13 -39.01
N ASP B 173 3.44 2.03 -37.89
CA ASP B 173 3.56 2.99 -36.78
C ASP B 173 4.99 3.01 -36.25
N SER B 174 5.63 4.18 -36.27
CA SER B 174 7.00 4.26 -35.77
C SER B 174 7.07 4.42 -34.25
N ASN B 175 5.92 4.51 -33.57
CA ASN B 175 5.87 4.48 -32.12
C ASN B 175 5.54 3.09 -31.59
N SER B 176 5.60 2.07 -32.45
CA SER B 176 5.15 0.73 -32.08
C SER B 176 6.30 -0.05 -31.47
N ILE B 177 6.01 -0.74 -30.36
CA ILE B 177 7.00 -1.57 -29.69
C ILE B 177 7.30 -2.81 -30.54
N LEU B 178 6.26 -3.45 -31.07
CA LEU B 178 6.48 -4.65 -31.89
C LEU B 178 7.24 -4.32 -33.16
N ARG B 179 6.96 -3.16 -33.76
CA ARG B 179 7.73 -2.73 -34.94
C ARG B 179 9.18 -2.46 -34.57
N ALA B 180 9.41 -1.76 -33.46
CA ALA B 180 10.79 -1.49 -33.03
C ALA B 180 11.55 -2.77 -32.77
N ALA B 181 10.92 -3.73 -32.09
CA ALA B 181 11.58 -4.99 -31.79
C ALA B 181 11.90 -5.76 -33.05
N TYR B 182 10.99 -5.77 -34.01
CA TYR B 182 11.25 -6.50 -35.24
C TYR B 182 12.33 -5.82 -36.07
N GLU B 183 12.34 -4.49 -36.12
CA GLU B 183 13.37 -3.78 -36.88
C GLU B 183 14.77 -4.06 -36.34
N LYS B 184 14.87 -4.34 -35.04
CA LYS B 184 16.15 -4.57 -34.38
C LYS B 184 16.42 -6.04 -34.09
N LYS B 185 15.56 -6.94 -34.55
CA LYS B 185 15.67 -8.38 -34.22
C LYS B 185 15.80 -8.59 -32.72
N VAL B 186 15.00 -7.83 -31.97
CA VAL B 186 14.94 -7.96 -30.52
C VAL B 186 13.81 -8.92 -30.18
N PRO B 187 14.08 -10.06 -29.54
CA PRO B 187 13.00 -11.02 -29.28
C PRO B 187 12.03 -10.49 -28.23
N VAL B 188 10.74 -10.78 -28.44
CA VAL B 188 9.69 -10.43 -27.50
C VAL B 188 9.20 -11.73 -26.89
N ILE B 189 9.55 -11.95 -25.62
CA ILE B 189 9.27 -13.20 -24.92
C ILE B 189 7.98 -13.01 -24.13
N VAL B 190 6.93 -13.74 -24.51
CA VAL B 190 5.64 -13.61 -23.84
C VAL B 190 5.17 -15.00 -23.44
N PRO B 191 5.60 -15.52 -22.29
CA PRO B 191 5.17 -16.87 -21.88
C PRO B 191 3.67 -17.00 -21.77
N GLY B 192 2.96 -15.94 -21.36
CA GLY B 192 1.52 -16.01 -21.24
C GLY B 192 0.79 -15.50 -22.46
N ILE B 193 1.26 -15.91 -23.65
CA ILE B 193 0.82 -15.29 -24.91
C ILE B 193 -0.65 -15.57 -25.19
N VAL B 194 -1.20 -16.69 -24.71
CA VAL B 194 -2.59 -17.02 -25.02
C VAL B 194 -3.59 -16.18 -24.23
N ASP B 195 -3.11 -15.35 -23.32
CA ASP B 195 -3.98 -14.50 -22.50
C ASP B 195 -4.17 -13.15 -23.18
N GLY B 196 -5.41 -12.84 -23.55
CA GLY B 196 -5.72 -11.54 -24.09
C GLY B 196 -6.46 -11.64 -25.40
N SER B 197 -6.65 -10.48 -26.04
CA SER B 197 -7.34 -10.43 -27.32
C SER B 197 -6.53 -11.10 -28.43
N PHE B 198 -5.22 -10.85 -28.45
CA PHE B 198 -4.39 -11.45 -29.49
C PHE B 198 -4.35 -12.96 -29.35
N GLY B 199 -4.12 -13.45 -28.13
CA GLY B 199 -4.09 -14.88 -27.92
C GLY B 199 -5.43 -15.55 -28.19
N THR B 200 -6.53 -14.90 -27.78
CA THR B 200 -7.84 -15.46 -28.06
C THR B 200 -8.09 -15.54 -29.56
N ASN B 201 -7.69 -14.51 -30.30
CA ASN B 201 -7.89 -14.51 -31.75
C ASN B 201 -6.94 -15.47 -32.45
N LEU B 202 -5.75 -15.70 -31.88
CA LEU B 202 -4.92 -16.79 -32.38
C LEU B 202 -5.65 -18.13 -32.28
N PHE B 203 -6.25 -18.39 -31.11
CA PHE B 203 -6.96 -19.64 -30.89
C PHE B 203 -8.13 -19.79 -31.86
N ILE B 204 -8.89 -18.71 -32.07
CA ILE B 204 -10.04 -18.77 -32.98
C ILE B 204 -9.57 -19.17 -34.38
N GLN B 205 -8.50 -18.54 -34.86
CA GLN B 205 -8.01 -18.85 -36.20
C GLN B 205 -7.35 -20.23 -36.26
N SER B 206 -6.78 -20.71 -35.14
CA SER B 206 -6.20 -22.04 -35.13
C SER B 206 -7.23 -23.13 -35.38
N GLN B 207 -8.52 -22.83 -35.18
CA GLN B 207 -9.57 -23.77 -35.54
C GLN B 207 -9.67 -23.95 -37.05
N PHE B 208 -9.24 -22.95 -37.83
CA PHE B 208 -9.37 -22.98 -39.28
C PHE B 208 -8.06 -23.19 -40.01
N LEU B 209 -6.92 -22.95 -39.38
CA LEU B 209 -5.63 -23.19 -39.99
C LEU B 209 -4.92 -24.32 -39.27
N ASN B 210 -4.03 -25.00 -39.99
CA ASN B 210 -3.09 -25.93 -39.38
C ASN B 210 -1.97 -25.09 -38.76
N PHE B 211 -2.26 -24.56 -37.57
CA PHE B 211 -1.38 -23.58 -36.93
C PHE B 211 -1.24 -23.89 -35.46
N LYS B 212 -0.01 -23.84 -34.94
CA LYS B 212 0.25 -24.11 -33.54
C LYS B 212 1.40 -23.23 -33.08
N ILE B 213 1.49 -23.05 -31.76
CA ILE B 213 2.55 -22.29 -31.11
C ILE B 213 3.43 -23.26 -30.35
N ASN B 214 4.74 -23.01 -30.35
CA ASN B 214 5.67 -23.85 -29.59
C ASN B 214 6.47 -22.95 -28.66
N LEU B 215 5.94 -22.72 -27.46
CA LEU B 215 6.61 -21.92 -26.46
C LEU B 215 7.90 -22.55 -25.96
N PHE B 216 8.12 -23.85 -26.26
CA PHE B 216 9.42 -24.44 -25.94
C PHE B 216 10.54 -23.79 -26.75
N GLU B 217 10.23 -23.22 -27.90
CA GLU B 217 11.23 -22.49 -28.68
C GLU B 217 11.48 -21.10 -28.13
N ASP B 218 10.46 -20.44 -27.57
CA ASP B 218 10.71 -19.19 -26.84
C ASP B 218 11.56 -19.45 -25.61
N MET B 219 11.32 -20.58 -24.94
CA MET B 219 12.15 -20.95 -23.80
C MET B 219 13.58 -21.21 -24.25
N ARG B 220 13.75 -21.87 -25.39
CA ARG B 220 15.09 -22.16 -25.90
C ARG B 220 15.85 -20.88 -26.24
N LEU B 221 15.15 -19.88 -26.78
CA LEU B 221 15.84 -18.64 -27.15
C LEU B 221 16.33 -17.90 -25.91
N ILE B 222 15.44 -17.65 -24.94
CA ILE B 222 15.85 -16.90 -23.76
C ILE B 222 16.88 -17.68 -22.97
N LYS B 223 16.78 -19.02 -22.96
CA LYS B 223 17.80 -19.83 -22.32
C LYS B 223 19.14 -19.66 -23.00
N ASP B 224 19.15 -19.66 -24.33
CA ASP B 224 20.42 -19.56 -25.06
C ASP B 224 21.05 -18.18 -24.89
N LEU B 225 20.24 -17.12 -24.91
CA LEU B 225 20.78 -15.77 -24.73
C LEU B 225 21.38 -15.60 -23.35
N VAL B 226 20.74 -16.16 -22.33
CA VAL B 226 21.23 -16.02 -20.96
C VAL B 226 22.54 -16.78 -20.78
N PHE B 227 22.62 -18.00 -21.32
CA PHE B 227 23.84 -18.79 -21.17
C PHE B 227 25.02 -18.16 -21.90
N SER B 228 24.79 -17.64 -23.12
CA SER B 228 25.88 -17.22 -23.98
C SER B 228 26.28 -15.76 -23.80
N CYS B 229 25.59 -15.00 -22.96
CA CYS B 229 25.97 -13.62 -22.72
C CYS B 229 27.09 -13.55 -21.68
N LYS B 230 27.73 -12.39 -21.60
CA LYS B 230 28.77 -12.15 -20.60
C LYS B 230 28.19 -11.56 -19.32
N LYS B 231 27.52 -10.41 -19.45
CA LYS B 231 26.80 -9.79 -18.35
C LYS B 231 25.38 -9.47 -18.80
N SER B 232 24.45 -9.45 -17.84
CA SER B 232 23.05 -9.18 -18.14
C SER B 232 22.52 -8.08 -17.23
N GLY B 233 21.59 -7.30 -17.78
CA GLY B 233 20.95 -6.24 -17.01
C GLY B 233 19.48 -6.19 -17.34
N ALA B 234 18.73 -5.49 -16.48
CA ALA B 234 17.29 -5.43 -16.67
C ALA B 234 16.72 -4.16 -16.06
N LEU B 235 15.79 -3.54 -16.78
CA LEU B 235 14.85 -2.58 -16.20
C LEU B 235 13.51 -3.31 -16.11
N ILE B 236 13.05 -3.57 -14.89
CA ILE B 236 11.89 -4.41 -14.64
C ILE B 236 10.80 -3.52 -14.04
N ILE B 237 9.77 -3.23 -14.82
CA ILE B 237 8.69 -2.36 -14.39
C ILE B 237 7.49 -3.22 -14.03
N GLY B 238 7.06 -3.16 -12.78
CA GLY B 238 5.94 -3.96 -12.33
C GLY B 238 6.36 -5.33 -11.85
N GLY B 239 5.36 -6.17 -11.62
CA GLY B 239 5.59 -7.52 -11.15
C GLY B 239 4.99 -8.56 -12.09
N GLY B 240 4.50 -9.65 -11.52
CA GLY B 240 3.79 -10.63 -12.31
C GLY B 240 4.70 -11.55 -13.10
N ILE B 241 4.14 -12.12 -14.15
CA ILE B 241 4.82 -13.16 -14.92
C ILE B 241 6.04 -12.60 -15.64
N SER B 242 5.98 -11.36 -16.10
CA SER B 242 7.11 -10.81 -16.87
C SER B 242 8.29 -10.47 -15.98
N LYS B 243 8.06 -10.11 -14.71
CA LYS B 243 9.18 -9.95 -13.79
C LYS B 243 9.76 -11.29 -13.40
N HIS B 244 8.91 -12.25 -13.03
CA HIS B 244 9.41 -13.54 -12.57
C HIS B 244 10.17 -14.25 -13.68
N HIS B 245 9.65 -14.21 -14.91
CA HIS B 245 10.29 -14.92 -16.01
C HIS B 245 11.67 -14.34 -16.32
N THR B 246 11.81 -13.01 -16.24
CA THR B 246 13.11 -12.38 -16.44
C THR B 246 14.10 -12.83 -15.38
N ILE B 247 13.69 -12.72 -14.11
CA ILE B 247 14.54 -13.12 -13.00
C ILE B 247 14.83 -14.62 -13.06
N TRP B 248 13.83 -15.41 -13.46
CA TRP B 248 13.96 -16.86 -13.43
C TRP B 248 15.07 -17.35 -14.36
N TRP B 249 15.10 -16.85 -15.59
CA TRP B 249 16.09 -17.34 -16.55
C TRP B 249 17.49 -16.81 -16.26
N ASN B 250 17.60 -15.64 -15.62
CA ASN B 250 18.90 -15.15 -15.25
C ASN B 250 19.54 -15.93 -14.10
N GLN B 251 18.79 -16.82 -13.45
CA GLN B 251 19.37 -17.65 -12.41
C GLN B 251 20.41 -18.62 -12.96
N PHE B 252 20.37 -18.93 -14.25
CA PHE B 252 21.30 -19.87 -14.83
C PHE B 252 22.67 -19.25 -15.12
N LYS B 253 22.80 -17.93 -14.98
CA LYS B 253 24.08 -17.24 -15.05
C LYS B 253 24.36 -16.50 -13.75
N ASP B 254 23.88 -17.06 -12.63
CA ASP B 254 24.12 -16.52 -11.29
C ASP B 254 23.51 -15.13 -11.12
N GLY B 255 22.45 -14.84 -11.85
CA GLY B 255 21.63 -13.65 -11.61
C GLY B 255 21.98 -12.48 -12.51
N LEU B 256 21.09 -11.49 -12.48
CA LEU B 256 21.31 -10.24 -13.20
C LEU B 256 22.50 -9.51 -12.61
N ASP B 257 23.42 -9.09 -13.48
CA ASP B 257 24.55 -8.30 -13.01
C ASP B 257 24.12 -6.88 -12.65
N TYR B 258 23.15 -6.33 -13.36
CA TYR B 258 22.56 -5.03 -13.08
C TYR B 258 21.05 -5.17 -13.12
N ALA B 259 20.35 -4.49 -12.21
CA ALA B 259 18.90 -4.54 -12.21
C ALA B 259 18.33 -3.29 -11.59
N VAL B 260 17.32 -2.72 -12.23
CA VAL B 260 16.54 -1.62 -11.67
C VAL B 260 15.08 -2.04 -11.71
N TYR B 261 14.45 -2.11 -10.54
CA TYR B 261 13.05 -2.51 -10.42
C TYR B 261 12.22 -1.28 -10.08
N VAL B 262 11.16 -1.04 -10.85
CA VAL B 262 10.17 -0.01 -10.54
C VAL B 262 8.84 -0.70 -10.27
N THR B 263 8.31 -0.51 -9.07
CA THR B 263 7.11 -1.24 -8.67
C THR B 263 6.28 -0.41 -7.72
N THR B 264 5.01 -0.80 -7.57
CA THR B 264 4.15 -0.29 -6.50
C THR B 264 3.78 -1.34 -5.46
N ALA B 265 3.88 -2.62 -5.80
CA ALA B 265 3.54 -3.68 -4.86
C ALA B 265 4.51 -3.72 -3.70
N GLN B 266 4.00 -4.11 -2.53
CA GLN B 266 4.79 -4.20 -1.32
C GLN B 266 5.07 -5.67 -0.99
N GLU B 267 5.87 -5.88 0.06
CA GLU B 267 6.41 -7.19 0.37
C GLU B 267 5.62 -7.96 1.42
N TYR B 268 4.80 -7.29 2.23
CA TYR B 268 4.19 -7.94 3.38
C TYR B 268 3.22 -9.05 3.00
N ASP B 269 2.69 -9.05 1.78
CA ASP B 269 1.78 -10.10 1.36
C ASP B 269 2.50 -11.28 0.69
N GLY B 270 3.84 -11.24 0.64
CA GLY B 270 4.60 -12.37 0.12
C GLY B 270 4.53 -12.57 -1.37
N SER B 271 4.06 -11.56 -2.11
CA SER B 271 3.96 -11.70 -3.55
C SER B 271 5.33 -11.60 -4.21
N LEU B 272 5.45 -12.20 -5.39
CA LEU B 272 6.64 -11.98 -6.20
C LEU B 272 6.70 -10.55 -6.73
N SER B 273 5.53 -9.94 -7.00
CA SER B 273 5.51 -8.58 -7.52
C SER B 273 6.14 -7.59 -6.55
N GLY B 274 5.98 -7.81 -5.25
CA GLY B 274 6.53 -6.91 -4.25
C GLY B 274 7.76 -7.43 -3.55
N ALA B 275 8.47 -8.36 -4.18
CA ALA B 275 9.65 -8.98 -3.59
C ALA B 275 10.89 -8.13 -3.86
N LYS B 276 11.60 -7.78 -2.79
CA LYS B 276 12.75 -6.88 -2.86
C LYS B 276 13.96 -7.60 -3.45
N PRO B 277 14.99 -6.84 -3.85
CA PRO B 277 16.27 -7.49 -4.17
C PRO B 277 16.85 -8.25 -3.00
N ARG B 278 16.53 -7.82 -1.77
CA ARG B 278 16.78 -8.66 -0.62
C ARG B 278 15.62 -9.65 -0.50
N GLU B 279 15.27 -10.27 -1.63
CA GLU B 279 14.54 -11.52 -1.70
C GLU B 279 15.12 -12.50 -2.72
N ALA B 280 15.73 -12.01 -3.80
CA ALA B 280 16.27 -12.87 -4.84
C ALA B 280 17.65 -13.41 -4.50
N ILE B 281 18.25 -12.94 -3.40
CA ILE B 281 19.49 -13.56 -2.93
C ILE B 281 19.22 -15.00 -2.50
N SER B 282 18.09 -15.23 -1.82
CA SER B 282 17.73 -16.58 -1.42
C SER B 282 17.47 -17.46 -2.62
N TRP B 283 16.84 -16.91 -3.66
CA TRP B 283 16.65 -17.61 -4.93
C TRP B 283 17.84 -17.45 -5.86
N ASN B 284 18.96 -16.92 -5.36
CA ASN B 284 20.23 -16.75 -6.07
C ASN B 284 20.06 -16.28 -7.50
N LYS B 285 19.11 -15.39 -7.75
CA LYS B 285 18.93 -14.76 -9.05
C LYS B 285 19.52 -13.36 -9.09
N ILE B 286 20.49 -13.09 -8.22
CA ILE B 286 21.28 -11.86 -8.24
C ILE B 286 22.70 -12.23 -7.82
N ARG B 287 23.69 -11.64 -8.50
CA ARG B 287 25.07 -11.98 -8.23
C ARG B 287 25.44 -11.61 -6.80
N PRO B 288 26.39 -12.34 -6.19
CA PRO B 288 26.82 -11.99 -4.83
C PRO B 288 27.39 -10.58 -4.73
N ASN B 289 27.96 -10.05 -5.81
CA ASN B 289 28.48 -8.68 -5.87
C ASN B 289 27.83 -8.01 -7.08
N ALA B 290 26.64 -7.45 -6.87
CA ALA B 290 25.85 -6.90 -7.98
C ALA B 290 25.22 -5.58 -7.55
N LYS B 291 24.84 -4.79 -8.56
CA LYS B 291 24.24 -3.47 -8.37
C LYS B 291 22.75 -3.56 -8.73
N HIS B 292 21.90 -3.51 -7.71
CA HIS B 292 20.46 -3.61 -7.88
C HIS B 292 19.79 -2.45 -7.14
N ALA B 293 18.66 -1.98 -7.67
CA ALA B 293 17.96 -0.87 -7.05
C ALA B 293 16.46 -0.98 -7.28
N THR B 294 15.69 -0.70 -6.24
CA THR B 294 14.23 -0.72 -6.31
C THR B 294 13.68 0.68 -6.03
N ILE B 295 12.81 1.16 -6.91
CA ILE B 295 12.11 2.41 -6.74
C ILE B 295 10.63 2.11 -6.63
N TYR B 296 9.99 2.61 -5.57
CA TYR B 296 8.57 2.44 -5.38
C TYR B 296 7.86 3.70 -5.87
N GLY B 297 7.03 3.55 -6.89
CA GLY B 297 6.32 4.68 -7.44
C GLY B 297 5.58 4.30 -8.71
N ASP B 298 4.82 5.26 -9.22
CA ASP B 298 4.05 5.07 -10.44
C ASP B 298 4.99 5.11 -11.63
N ALA B 299 4.89 4.10 -12.50
CA ALA B 299 5.82 3.99 -13.62
C ALA B 299 5.75 5.20 -14.55
N THR B 300 4.55 5.74 -14.77
CA THR B 300 4.41 6.88 -15.67
C THR B 300 5.09 8.13 -15.12
N ILE B 301 5.50 8.12 -13.85
CA ILE B 301 6.28 9.20 -13.27
C ILE B 301 7.75 8.82 -13.14
N ILE B 302 8.02 7.63 -12.59
CA ILE B 302 9.41 7.23 -12.34
C ILE B 302 10.16 6.98 -13.65
N VAL B 303 9.55 6.26 -14.59
CA VAL B 303 10.25 5.87 -15.81
C VAL B 303 10.69 7.08 -16.63
N PRO B 304 9.85 8.08 -16.89
CA PRO B 304 10.37 9.27 -17.60
C PRO B 304 11.50 9.94 -16.86
N ILE B 305 11.51 9.88 -15.52
CA ILE B 305 12.62 10.45 -14.76
C ILE B 305 13.90 9.66 -15.02
N LEU B 306 13.83 8.33 -14.96
CA LEU B 306 15.00 7.50 -15.21
C LEU B 306 15.48 7.65 -16.66
N ALA B 307 14.55 7.66 -17.61
CA ALA B 307 14.92 7.69 -19.03
C ALA B 307 15.53 9.02 -19.43
N ALA B 308 15.03 10.12 -18.86
CA ALA B 308 15.67 11.42 -19.09
C ALA B 308 17.11 11.41 -18.62
N SER B 309 17.38 10.76 -17.49
CA SER B 309 18.73 10.66 -16.96
C SER B 309 19.68 9.96 -17.92
N LEU B 310 19.16 9.15 -18.85
CA LEU B 310 20.02 8.50 -19.83
C LEU B 310 20.70 9.50 -20.76
N LEU B 311 20.20 10.74 -20.82
CA LEU B 311 20.77 11.78 -21.67
C LEU B 311 21.60 12.79 -20.89
N SER B 312 21.93 12.49 -19.63
CA SER B 312 22.68 13.43 -18.80
C SER B 312 24.18 13.35 -19.08
N MET C 1 -36.26 8.77 -5.16
CA MET C 1 -35.23 9.19 -4.22
C MET C 1 -35.25 8.32 -2.96
N ILE C 2 -34.06 7.96 -2.48
CA ILE C 2 -33.94 7.16 -1.26
C ILE C 2 -34.01 8.08 -0.05
N ASN C 3 -34.69 7.60 0.99
CA ASN C 3 -34.95 8.40 2.17
C ASN C 3 -34.02 8.01 3.32
N ARG C 4 -34.13 8.77 4.42
CA ARG C 4 -33.16 8.68 5.51
C ARG C 4 -33.26 7.35 6.24
N GLU C 5 -34.48 6.94 6.59
CA GLU C 5 -34.63 5.76 7.44
C GLU C 5 -34.24 4.46 6.74
N ASP C 6 -34.08 4.46 5.41
CA ASP C 6 -33.48 3.31 4.74
C ASP C 6 -32.00 3.21 5.07
N LEU C 7 -31.26 4.30 4.88
CA LEU C 7 -29.83 4.29 5.15
C LEU C 7 -29.56 4.05 6.64
N LEU C 8 -30.30 4.75 7.50
CA LEU C 8 -30.13 4.59 8.94
C LEU C 8 -31.03 3.48 9.46
N LYS C 9 -30.66 2.24 9.10
CA LYS C 9 -31.42 1.06 9.48
C LYS C 9 -30.72 0.21 10.53
N ASN C 10 -29.44 -0.10 10.33
CA ASN C 10 -28.73 -1.01 11.21
C ASN C 10 -27.63 -0.27 11.96
N PRO C 11 -27.71 -0.21 13.28
CA PRO C 11 -26.67 0.51 14.04
C PRO C 11 -25.44 -0.35 14.28
N VAL C 12 -24.29 0.32 14.38
CA VAL C 12 -23.04 -0.34 14.73
C VAL C 12 -23.14 -0.86 16.16
N GLU C 13 -22.64 -2.08 16.37
CA GLU C 13 -22.75 -2.75 17.67
C GLU C 13 -21.35 -2.95 18.24
N ASP C 14 -21.12 -2.40 19.44
CA ASP C 14 -19.86 -2.63 20.12
C ASP C 14 -19.74 -4.08 20.56
N ILE C 15 -18.51 -4.61 20.50
CA ILE C 15 -18.23 -5.95 20.94
C ILE C 15 -17.46 -5.89 22.25
N ALA C 16 -17.30 -7.05 22.88
CA ALA C 16 -16.55 -7.17 24.13
C ALA C 16 -15.67 -8.40 24.04
N LEU C 17 -14.80 -8.57 25.04
CA LEU C 17 -13.97 -9.76 25.10
C LEU C 17 -14.81 -11.03 25.14
N ARG C 18 -16.03 -10.94 25.66
CA ARG C 18 -16.90 -12.09 25.74
C ARG C 18 -17.29 -12.62 24.36
N ASP C 19 -17.45 -11.73 23.39
CA ASP C 19 -17.79 -12.14 22.03
C ASP C 19 -16.65 -12.86 21.33
N LEU C 20 -15.45 -12.83 21.89
CA LEU C 20 -14.28 -13.44 21.26
C LEU C 20 -13.79 -14.69 21.97
N GLU C 21 -14.50 -15.16 22.99
CA GLU C 21 -14.07 -16.34 23.73
C GLU C 21 -14.13 -17.60 22.87
N LYS C 22 -15.09 -17.65 21.93
CA LYS C 22 -15.17 -18.80 21.02
C LYS C 22 -13.89 -18.97 20.23
N TYR C 23 -13.27 -17.86 19.82
CA TYR C 23 -12.17 -17.86 18.86
C TYR C 23 -10.81 -17.68 19.53
N SER C 24 -10.69 -18.05 20.81
CA SER C 24 -9.44 -17.88 21.53
C SER C 24 -8.32 -18.78 21.02
N ASP C 25 -8.63 -19.77 20.21
CA ASP C 25 -7.62 -20.67 19.64
C ASP C 25 -7.30 -20.33 18.18
N ILE C 26 -7.81 -19.22 17.67
CA ILE C 26 -7.72 -18.96 16.23
C ILE C 26 -6.29 -18.73 15.78
N VAL C 27 -5.41 -18.27 16.67
CA VAL C 27 -4.01 -18.07 16.30
C VAL C 27 -3.36 -19.40 15.92
N ASN C 28 -3.85 -20.50 16.47
CA ASN C 28 -3.33 -21.81 16.08
C ASN C 28 -3.59 -22.10 14.62
N VAL C 29 -4.69 -21.57 14.06
CA VAL C 29 -4.96 -21.73 12.63
C VAL C 29 -3.90 -20.98 11.82
N PHE C 30 -3.65 -19.72 12.17
CA PHE C 30 -2.68 -18.94 11.41
C PHE C 30 -1.26 -19.41 11.66
N ASP C 31 -1.00 -20.03 12.82
CA ASP C 31 0.29 -20.68 13.04
C ASP C 31 0.50 -21.83 12.06
N LYS C 32 -0.54 -22.64 11.84
CA LYS C 32 -0.45 -23.74 10.89
C LYS C 32 -0.25 -23.24 9.46
N ILE C 33 -1.02 -22.22 9.06
CA ILE C 33 -0.91 -21.66 7.72
C ILE C 33 0.48 -21.05 7.52
N TYR C 34 0.97 -20.34 8.53
CA TYR C 34 2.23 -19.61 8.48
C TYR C 34 2.32 -18.74 7.24
N GLY C 35 1.26 -18.00 6.98
CA GLY C 35 1.31 -16.96 6.00
C GLY C 35 2.25 -15.85 6.45
N PHE C 36 2.26 -14.81 5.63
CA PHE C 36 3.20 -13.70 5.82
C PHE C 36 2.85 -12.89 7.06
N SER C 37 1.58 -12.57 7.27
CA SER C 37 1.15 -11.92 8.51
C SER C 37 1.15 -12.88 9.70
N SER C 38 1.23 -14.19 9.46
CA SER C 38 1.02 -15.16 10.53
C SER C 38 2.10 -15.08 11.59
N GLU C 39 3.37 -14.87 11.19
CA GLU C 39 4.44 -14.78 12.17
C GLU C 39 4.25 -13.58 13.08
N GLY C 40 3.79 -12.45 12.53
CA GLY C 40 3.48 -11.31 13.37
C GLY C 40 2.31 -11.57 14.30
N ILE C 41 1.29 -12.28 13.82
CA ILE C 41 0.14 -12.60 14.66
C ILE C 41 0.54 -13.57 15.77
N VAL C 42 1.24 -14.64 15.43
CA VAL C 42 1.65 -15.62 16.43
C VAL C 42 2.60 -15.00 17.43
N ARG C 43 3.59 -14.24 16.95
CA ARG C 43 4.54 -13.59 17.85
C ARG C 43 3.86 -12.49 18.67
N GLY C 44 3.06 -11.66 18.02
CA GLY C 44 2.38 -10.59 18.73
C GLY C 44 1.44 -11.10 19.80
N SER C 45 0.79 -12.23 19.55
CA SER C 45 -0.03 -12.86 20.59
C SER C 45 0.81 -13.24 21.79
N LYS C 46 2.00 -13.80 21.55
CA LYS C 46 2.87 -14.19 22.66
C LYS C 46 3.40 -12.97 23.40
N ILE C 47 3.70 -11.89 22.68
CA ILE C 47 4.18 -10.66 23.33
C ILE C 47 3.10 -10.07 24.22
N LEU C 48 1.85 -10.05 23.73
CA LEU C 48 0.76 -9.47 24.51
C LEU C 48 0.57 -10.21 25.83
N LYS C 49 0.60 -11.54 25.81
CA LYS C 49 0.49 -12.32 27.04
C LYS C 49 1.67 -12.04 27.97
N GLU C 50 2.88 -12.05 27.43
CA GLU C 50 4.06 -11.79 28.24
C GLU C 50 4.06 -10.37 28.79
N MET C 51 3.52 -9.43 28.03
CA MET C 51 3.48 -8.03 28.46
C MET C 51 2.48 -7.83 29.59
N ILE C 52 1.37 -8.56 29.57
CA ILE C 52 0.38 -8.46 30.65
C ILE C 52 0.99 -8.93 31.96
N LYS C 53 1.76 -10.03 31.92
CA LYS C 53 2.39 -10.54 33.13
C LYS C 53 3.51 -9.61 33.60
N ASP C 54 4.37 -9.18 32.68
CA ASP C 54 5.66 -8.60 33.04
C ASP C 54 5.67 -7.09 33.08
N ALA C 55 4.86 -6.41 32.27
CA ALA C 55 4.91 -4.96 32.17
C ALA C 55 3.92 -4.32 33.14
N ASP C 56 4.43 -3.53 34.08
CA ASP C 56 3.58 -2.80 35.02
C ASP C 56 3.09 -1.48 34.43
N LEU C 57 3.64 -1.04 33.31
CA LEU C 57 3.13 0.11 32.57
C LEU C 57 2.75 -0.37 31.18
N ARG C 58 1.46 -0.30 30.86
CA ARG C 58 0.92 -0.92 29.65
C ARG C 58 0.13 0.11 28.85
N PHE C 59 0.65 0.49 27.69
CA PHE C 59 0.04 1.50 26.85
C PHE C 59 -0.96 0.88 25.88
N LEU C 60 -2.05 1.60 25.61
CA LEU C 60 -2.99 1.26 24.55
C LEU C 60 -3.12 2.51 23.67
N SER C 61 -2.43 2.50 22.54
CA SER C 61 -2.37 3.65 21.63
C SER C 61 -3.11 3.33 20.35
N PHE C 62 -4.03 4.21 19.95
CA PHE C 62 -4.84 3.94 18.76
C PHE C 62 -5.31 5.25 18.16
N THR C 63 -5.73 5.18 16.90
CA THR C 63 -6.23 6.33 16.17
C THR C 63 -7.75 6.45 16.32
N ALA C 64 -8.28 7.57 15.84
CA ALA C 64 -9.67 7.93 16.15
C ALA C 64 -10.67 7.03 15.43
N ASN C 65 -10.40 6.69 14.17
CA ASN C 65 -11.44 6.08 13.32
C ASN C 65 -11.93 4.75 13.86
N LEU C 66 -11.15 4.06 14.69
CA LEU C 66 -11.60 2.79 15.26
C LEU C 66 -12.79 2.98 16.19
N VAL C 67 -12.87 4.14 16.86
CA VAL C 67 -13.91 4.39 17.84
C VAL C 67 -15.28 4.60 17.22
N SER C 68 -15.36 4.72 15.90
CA SER C 68 -16.64 4.76 15.20
C SER C 68 -17.11 3.37 14.78
N THR C 69 -16.35 2.33 15.10
CA THR C 69 -16.70 0.95 14.82
C THR C 69 -17.04 0.24 16.12
N GLY C 70 -17.35 -1.05 16.02
CA GLY C 70 -17.60 -1.85 17.20
C GLY C 70 -16.38 -2.15 18.03
N LEU C 71 -15.20 -1.76 17.58
CA LEU C 71 -13.98 -1.93 18.36
C LEU C 71 -13.95 -1.04 19.58
N ARG C 72 -14.80 -0.01 19.62
CA ARG C 72 -14.84 0.89 20.77
C ARG C 72 -15.13 0.12 22.06
N GLY C 73 -16.12 -0.76 22.02
CA GLY C 73 -16.41 -1.59 23.18
C GLY C 73 -15.28 -2.52 23.54
N LEU C 74 -14.53 -3.00 22.54
CA LEU C 74 -13.40 -3.87 22.82
C LEU C 74 -12.32 -3.13 23.60
N PHE C 75 -12.01 -1.90 23.20
CA PHE C 75 -11.02 -1.12 23.94
C PHE C 75 -11.49 -0.83 25.36
N ALA C 76 -12.78 -0.50 25.51
CA ALA C 76 -13.32 -0.22 26.84
C ALA C 76 -13.26 -1.46 27.72
N ASP C 77 -13.53 -2.64 27.16
CA ASP C 77 -13.44 -3.86 27.95
C ASP C 77 -12.00 -4.19 28.31
N LEU C 78 -11.04 -3.85 27.44
CA LEU C 78 -9.64 -4.15 27.72
C LEU C 78 -9.11 -3.32 28.89
N VAL C 79 -9.55 -2.07 29.00
CA VAL C 79 -9.11 -1.24 30.13
C VAL C 79 -9.90 -1.58 31.39
N LYS C 80 -11.19 -1.91 31.24
CA LYS C 80 -11.97 -2.38 32.39
C LYS C 80 -11.28 -3.54 33.09
N ARG C 81 -10.85 -4.53 32.31
CA ARG C 81 -10.26 -5.75 32.87
C ARG C 81 -8.79 -5.57 33.22
N GLY C 82 -8.23 -4.38 33.03
CA GLY C 82 -6.88 -4.09 33.46
C GLY C 82 -5.78 -4.49 32.51
N TYR C 83 -6.11 -4.80 31.25
CA TYR C 83 -5.07 -5.16 30.29
C TYR C 83 -4.12 -4.00 30.04
N PHE C 84 -4.65 -2.78 29.98
CA PHE C 84 -3.85 -1.59 29.74
C PHE C 84 -4.23 -0.53 30.76
N ASN C 85 -3.22 0.18 31.29
CA ASN C 85 -3.46 1.15 32.35
C ASN C 85 -3.10 2.58 31.95
N ILE C 86 -2.85 2.84 30.66
CA ILE C 86 -2.66 4.21 30.17
C ILE C 86 -3.03 4.23 28.70
N ILE C 87 -3.75 5.27 28.30
CA ILE C 87 -4.23 5.42 26.94
C ILE C 87 -3.62 6.68 26.33
N VAL C 88 -3.02 6.54 25.15
CA VAL C 88 -2.57 7.66 24.35
C VAL C 88 -3.32 7.60 23.02
N THR C 89 -4.10 8.63 22.73
CA THR C 89 -4.97 8.60 21.57
C THR C 89 -5.10 10.01 21.03
N THR C 90 -6.10 10.24 20.16
CA THR C 90 -6.28 11.51 19.48
C THR C 90 -7.62 12.13 19.88
N GLY C 91 -7.81 13.37 19.43
CA GLY C 91 -9.04 14.08 19.75
C GLY C 91 -10.28 13.43 19.18
N GLY C 92 -10.15 12.78 18.02
CA GLY C 92 -11.29 12.11 17.42
C GLY C 92 -11.79 10.93 18.22
N THR C 93 -10.91 10.29 18.98
CA THR C 93 -11.35 9.25 19.91
C THR C 93 -12.29 9.85 20.97
N ILE C 94 -11.95 11.03 21.48
CA ILE C 94 -12.82 11.70 22.44
C ILE C 94 -14.14 12.07 21.81
N ASP C 95 -14.11 12.55 20.56
CA ASP C 95 -15.35 12.89 19.87
C ASP C 95 -16.27 11.69 19.75
N HIS C 96 -15.74 10.58 19.23
CA HIS C 96 -16.57 9.41 18.95
C HIS C 96 -17.09 8.78 20.23
N ASP C 97 -16.25 8.68 21.27
CA ASP C 97 -16.71 8.05 22.50
C ASP C 97 -17.76 8.89 23.20
N LEU C 98 -17.59 10.22 23.21
CA LEU C 98 -18.58 11.09 23.83
C LEU C 98 -19.91 11.06 23.08
N ALA C 99 -19.86 11.15 21.76
CA ALA C 99 -21.08 11.15 20.97
C ALA C 99 -21.85 9.84 21.17
N ARG C 100 -21.15 8.72 21.14
CA ARG C 100 -21.81 7.42 21.30
C ARG C 100 -22.18 7.13 22.75
N SER C 101 -21.55 7.81 23.71
CA SER C 101 -21.92 7.63 25.11
C SER C 101 -23.19 8.38 25.46
N PHE C 102 -23.52 9.44 24.73
CA PHE C 102 -24.64 10.31 25.07
C PHE C 102 -25.71 10.29 23.99
N GLY C 103 -26.04 9.09 23.51
CA GLY C 103 -27.18 8.91 22.63
C GLY C 103 -26.89 8.97 21.15
N GLY C 104 -25.72 9.46 20.75
CA GLY C 104 -25.35 9.45 19.35
C GLY C 104 -25.12 8.02 18.91
N VAL C 105 -25.87 7.55 17.92
CA VAL C 105 -25.80 6.17 17.48
C VAL C 105 -25.31 6.14 16.04
N TYR C 106 -24.29 5.32 15.78
CA TYR C 106 -23.67 5.19 14.47
C TYR C 106 -24.27 3.99 13.76
N TYR C 107 -24.36 4.09 12.43
CA TYR C 107 -25.07 3.10 11.64
C TYR C 107 -24.16 2.50 10.56
N LYS C 108 -24.47 1.27 10.18
CA LYS C 108 -23.75 0.60 9.12
C LYS C 108 -24.17 1.16 7.77
N GLY C 109 -23.19 1.52 6.95
CA GLY C 109 -23.49 2.02 5.62
C GLY C 109 -22.80 1.20 4.55
N SER C 110 -22.30 1.88 3.52
CA SER C 110 -21.55 1.23 2.45
C SER C 110 -20.60 2.25 1.85
N PHE C 111 -19.50 1.74 1.28
CA PHE C 111 -18.73 2.57 0.38
C PHE C 111 -19.51 2.85 -0.90
N ASP C 112 -20.56 2.08 -1.16
CA ASP C 112 -21.44 2.26 -2.32
C ASP C 112 -22.65 3.14 -1.96
N ILE C 113 -22.37 4.33 -1.45
CA ILE C 113 -23.40 5.32 -1.22
C ILE C 113 -23.23 6.54 -2.13
N ASP C 114 -22.01 6.81 -2.60
CA ASP C 114 -21.53 7.88 -3.49
C ASP C 114 -21.46 9.24 -2.78
N ASP C 115 -21.87 9.32 -1.52
CA ASP C 115 -21.59 10.42 -0.60
C ASP C 115 -22.37 11.70 -0.89
N ALA C 116 -23.02 11.77 -2.05
CA ALA C 116 -23.65 13.03 -2.43
C ALA C 116 -24.99 13.21 -1.72
N MET C 117 -25.83 12.18 -1.72
CA MET C 117 -27.07 12.24 -0.95
C MET C 117 -26.80 12.46 0.54
N LEU C 118 -25.64 12.00 1.03
CA LEU C 118 -25.36 12.09 2.46
C LEU C 118 -25.36 13.52 2.95
N LYS C 119 -24.77 14.45 2.18
CA LYS C 119 -24.81 15.86 2.59
C LYS C 119 -26.24 16.39 2.60
N ASP C 120 -27.08 15.90 1.67
CA ASP C 120 -28.48 16.32 1.64
C ASP C 120 -29.24 15.76 2.85
N LEU C 121 -28.97 14.50 3.19
CA LEU C 121 -29.66 13.84 4.29
C LEU C 121 -29.00 14.09 5.64
N GLU C 122 -27.99 14.97 5.67
CA GLU C 122 -27.27 15.33 6.90
C GLU C 122 -26.65 14.10 7.57
N ILE C 123 -25.71 13.49 6.84
CA ILE C 123 -24.99 12.32 7.33
C ILE C 123 -23.52 12.47 6.93
N HIS C 124 -22.62 12.14 7.85
CA HIS C 124 -21.20 12.06 7.58
C HIS C 124 -20.77 10.60 7.48
N ARG C 125 -19.94 10.29 6.49
CA ARG C 125 -19.45 8.93 6.28
C ARG C 125 -18.03 8.81 6.82
N LEU C 126 -17.78 7.78 7.61
CA LEU C 126 -16.45 7.47 8.15
C LEU C 126 -16.17 6.01 7.82
N GLY C 127 -15.39 5.77 6.77
CA GLY C 127 -15.26 4.43 6.23
C GLY C 127 -16.55 4.03 5.56
N ASN C 128 -17.20 2.98 6.05
CA ASN C 128 -18.57 2.66 5.68
C ASN C 128 -19.47 2.68 6.91
N VAL C 129 -19.17 3.60 7.83
CA VAL C 129 -20.00 3.86 9.00
C VAL C 129 -20.68 5.21 8.78
N LEU C 130 -21.99 5.26 8.99
CA LEU C 130 -22.77 6.47 8.76
C LEU C 130 -22.97 7.20 10.09
N VAL C 131 -22.56 8.46 10.15
CA VAL C 131 -22.68 9.27 11.34
C VAL C 131 -23.68 10.40 11.09
N PRO C 132 -24.91 10.29 11.57
CA PRO C 132 -25.88 11.38 11.37
C PRO C 132 -25.41 12.67 12.02
N PHE C 133 -25.80 13.80 11.41
CA PHE C 133 -25.41 15.10 11.93
C PHE C 133 -25.84 15.28 13.38
N GLU C 134 -26.98 14.71 13.76
CA GLU C 134 -27.47 14.85 15.13
C GLU C 134 -26.79 13.90 16.11
N SER C 135 -26.11 12.88 15.62
CA SER C 135 -25.38 11.96 16.47
C SER C 135 -23.94 12.39 16.74
N TYR C 136 -23.47 13.44 16.07
CA TYR C 136 -22.10 13.91 16.16
C TYR C 136 -22.09 15.43 16.17
N GLY C 137 -21.18 16.01 16.92
CA GLY C 137 -21.10 17.46 16.95
C GLY C 137 -22.18 18.09 17.80
N LYS C 138 -23.44 18.03 17.33
CA LYS C 138 -24.54 18.58 18.13
C LYS C 138 -24.62 17.90 19.49
N VAL C 139 -24.40 16.58 19.53
CA VAL C 139 -24.30 15.90 20.82
C VAL C 139 -23.10 16.44 21.59
N ILE C 140 -21.90 16.37 20.99
CA ILE C 140 -20.70 16.84 21.68
C ILE C 140 -20.85 18.29 22.11
N GLU C 141 -21.45 19.12 21.25
CA GLU C 141 -21.65 20.52 21.56
C GLU C 141 -22.53 20.71 22.78
N GLU C 142 -23.64 19.97 22.87
CA GLU C 142 -24.53 20.12 24.01
C GLU C 142 -23.91 19.60 25.30
N ILE C 143 -23.18 18.48 25.21
CA ILE C 143 -22.66 17.85 26.43
C ILE C 143 -21.55 18.69 27.05
N VAL C 144 -20.70 19.30 26.22
CA VAL C 144 -19.65 20.18 26.75
C VAL C 144 -20.27 21.47 27.30
N ARG C 145 -21.27 22.01 26.60
CA ARG C 145 -21.95 23.20 27.10
C ARG C 145 -22.62 22.94 28.44
N LYS C 146 -23.13 21.72 28.65
CA LYS C 146 -23.86 21.38 29.86
C LYS C 146 -22.93 21.20 31.06
N PHE C 147 -21.78 20.55 30.87
CA PHE C 147 -20.99 20.04 31.98
C PHE C 147 -19.68 20.77 32.23
N LEU C 148 -19.15 21.49 31.25
CA LEU C 148 -17.92 22.25 31.47
C LEU C 148 -18.05 23.31 32.57
N PRO C 149 -19.15 24.08 32.69
CA PRO C 149 -19.19 25.09 33.77
C PRO C 149 -18.95 24.51 35.16
N GLU C 150 -19.52 23.35 35.47
CA GLU C 150 -19.28 22.74 36.78
C GLU C 150 -17.83 22.33 36.93
N ILE C 151 -17.25 21.76 35.88
CA ILE C 151 -15.84 21.37 35.92
C ILE C 151 -14.94 22.60 36.00
N ALA C 152 -15.26 23.64 35.22
CA ALA C 152 -14.43 24.83 35.21
C ALA C 152 -14.51 25.60 36.52
N LYS C 153 -15.70 25.62 37.14
CA LYS C 153 -15.84 26.29 38.44
C LYS C 153 -14.99 25.61 39.50
N ASP C 154 -14.95 24.28 39.49
CA ASP C 154 -14.08 23.55 40.42
C ASP C 154 -12.61 23.85 40.14
N LYS C 155 -12.21 23.76 38.87
CA LYS C 155 -10.81 23.92 38.48
C LYS C 155 -10.76 24.76 37.21
N LYS C 156 -10.26 25.99 37.33
CA LYS C 156 -10.17 26.89 36.18
C LYS C 156 -9.03 26.56 35.24
N GLU C 157 -8.02 25.81 35.69
CA GLU C 157 -6.94 25.33 34.84
C GLU C 157 -6.71 23.86 35.13
N ILE C 158 -7.06 23.00 34.17
CA ILE C 158 -7.11 21.56 34.41
C ILE C 158 -6.21 20.84 33.41
N PRO C 159 -5.50 19.80 33.83
CA PRO C 159 -4.86 18.90 32.86
C PRO C 159 -5.91 18.22 32.01
N ALA C 160 -5.55 17.94 30.75
CA ALA C 160 -6.51 17.33 29.83
C ALA C 160 -6.94 15.95 30.29
N TYR C 161 -6.05 15.20 30.93
CA TYR C 161 -6.42 13.88 31.42
C TYR C 161 -7.47 13.97 32.52
N GLU C 162 -7.38 14.98 33.38
CA GLU C 162 -8.39 15.16 34.42
C GLU C 162 -9.72 15.58 33.82
N LEU C 163 -9.69 16.44 32.79
CA LEU C 163 -10.91 16.84 32.11
C LEU C 163 -11.63 15.64 31.49
N LEU C 164 -10.86 14.75 30.85
CA LEU C 164 -11.46 13.53 30.30
C LEU C 164 -11.95 12.62 31.41
N TRP C 165 -11.20 12.53 32.51
CA TRP C 165 -11.70 11.82 33.68
C TRP C 165 -12.97 12.46 34.22
N GLU C 166 -12.99 13.80 34.25
CA GLU C 166 -14.19 14.51 34.69
C GLU C 166 -15.40 14.13 33.84
N PHE C 167 -15.23 14.12 32.51
CA PHE C 167 -16.32 13.65 31.67
C PHE C 167 -16.63 12.19 31.96
N GLY C 168 -15.61 11.33 31.91
CA GLY C 168 -15.82 9.91 32.18
C GLY C 168 -16.54 9.62 33.48
N LYS C 169 -16.46 10.56 34.43
CA LYS C 169 -17.30 10.49 35.63
C LYS C 169 -18.77 10.41 35.26
N ARG C 170 -19.18 11.11 34.20
CA ARG C 170 -20.58 11.36 33.91
C ARG C 170 -21.12 10.55 32.73
N ILE C 171 -20.36 9.57 32.23
CA ILE C 171 -20.87 8.64 31.23
C ILE C 171 -21.47 7.42 31.93
N SER C 172 -22.65 7.01 31.48
CA SER C 172 -23.26 5.76 31.94
C SER C 172 -22.98 4.60 31.00
N ASP C 173 -22.69 4.87 29.73
CA ASP C 173 -22.52 3.83 28.71
C ASP C 173 -21.42 2.86 29.11
N SER C 174 -21.80 1.59 29.30
CA SER C 174 -20.86 0.57 29.72
C SER C 174 -19.84 0.22 28.64
N ASN C 175 -20.07 0.65 27.39
CA ASN C 175 -19.11 0.43 26.31
C ASN C 175 -18.18 1.62 26.10
N SER C 176 -18.25 2.63 26.98
CA SER C 176 -17.50 3.85 26.79
C SER C 176 -16.07 3.69 27.28
N ILE C 177 -15.11 4.07 26.43
CA ILE C 177 -13.70 4.05 26.82
C ILE C 177 -13.45 5.05 27.93
N LEU C 178 -14.03 6.25 27.83
CA LEU C 178 -13.79 7.29 28.82
C LEU C 178 -14.35 6.89 30.19
N ARG C 179 -15.53 6.27 30.21
CA ARG C 179 -16.08 5.78 31.48
C ARG C 179 -15.19 4.71 32.07
N ALA C 180 -14.72 3.78 31.25
CA ALA C 180 -13.82 2.72 31.73
C ALA C 180 -12.49 3.31 32.20
N ALA C 181 -11.99 4.31 31.49
CA ALA C 181 -10.74 4.96 31.91
C ALA C 181 -10.92 5.67 33.25
N TYR C 182 -12.06 6.32 33.45
CA TYR C 182 -12.33 6.94 34.75
C TYR C 182 -12.46 5.90 35.84
N GLU C 183 -13.20 4.81 35.57
CA GLU C 183 -13.46 3.81 36.61
C GLU C 183 -12.18 3.17 37.11
N LYS C 184 -11.25 2.86 36.21
CA LYS C 184 -9.97 2.28 36.59
C LYS C 184 -8.92 3.32 36.88
N LYS C 185 -9.27 4.61 36.82
CA LYS C 185 -8.32 5.71 36.97
C LYS C 185 -7.15 5.54 36.00
N VAL C 186 -7.49 5.35 34.73
CA VAL C 186 -6.52 5.17 33.66
C VAL C 186 -6.40 6.50 32.91
N PRO C 187 -5.25 7.16 32.96
CA PRO C 187 -5.12 8.46 32.26
C PRO C 187 -5.26 8.31 30.76
N VAL C 188 -5.85 9.32 30.14
CA VAL C 188 -6.04 9.36 28.69
C VAL C 188 -5.25 10.55 28.17
N ILE C 189 -4.04 10.29 27.67
CA ILE C 189 -3.15 11.34 27.20
C ILE C 189 -3.47 11.66 25.75
N VAL C 190 -3.91 12.89 25.51
CA VAL C 190 -4.30 13.32 24.17
C VAL C 190 -3.56 14.61 23.81
N PRO C 191 -2.32 14.54 23.33
CA PRO C 191 -1.57 15.78 23.07
C PRO C 191 -2.26 16.72 22.09
N GLY C 192 -2.93 16.18 21.07
CA GLY C 192 -3.63 17.01 20.12
C GLY C 192 -5.11 17.12 20.42
N ILE C 193 -5.44 17.29 21.70
CA ILE C 193 -6.84 17.30 22.15
C ILE C 193 -7.62 18.45 21.50
N VAL C 194 -6.94 19.56 21.20
CA VAL C 194 -7.62 20.73 20.63
C VAL C 194 -8.17 20.49 19.23
N ASP C 195 -7.83 19.36 18.61
CA ASP C 195 -8.28 19.04 17.25
C ASP C 195 -9.49 18.14 17.34
N GLY C 196 -10.60 18.57 16.75
CA GLY C 196 -11.82 17.80 16.70
C GLY C 196 -12.99 18.56 17.27
N SER C 197 -14.13 17.86 17.33
CA SER C 197 -15.37 18.47 17.82
C SER C 197 -15.27 18.82 19.31
N PHE C 198 -14.83 17.86 20.12
CA PHE C 198 -14.68 18.12 21.54
C PHE C 198 -13.62 19.18 21.79
N GLY C 199 -12.51 19.14 21.05
CA GLY C 199 -11.48 20.15 21.21
C GLY C 199 -11.96 21.53 20.81
N THR C 200 -12.75 21.62 19.74
CA THR C 200 -13.29 22.90 19.32
C THR C 200 -14.32 23.41 20.33
N ASN C 201 -15.26 22.56 20.74
CA ASN C 201 -16.27 22.98 21.71
C ASN C 201 -15.65 23.36 23.05
N LEU C 202 -14.47 22.79 23.36
CA LEU C 202 -13.70 23.27 24.51
C LEU C 202 -13.32 24.73 24.32
N PHE C 203 -12.93 25.11 23.09
CA PHE C 203 -12.52 26.48 22.82
C PHE C 203 -13.70 27.44 22.87
N ILE C 204 -14.88 27.00 22.40
CA ILE C 204 -16.06 27.88 22.42
C ILE C 204 -16.40 28.27 23.85
N GLN C 205 -16.43 27.29 24.75
CA GLN C 205 -16.80 27.55 26.14
C GLN C 205 -15.67 28.20 26.93
N SER C 206 -14.43 28.07 26.48
CA SER C 206 -13.34 28.78 27.14
C SER C 206 -13.48 30.29 27.00
N GLN C 207 -14.21 30.76 25.97
CA GLN C 207 -14.47 32.18 25.82
C GLN C 207 -15.38 32.73 26.92
N PHE C 208 -16.15 31.87 27.58
CA PHE C 208 -17.14 32.30 28.57
C PHE C 208 -16.82 31.88 30.00
N LEU C 209 -15.89 30.97 30.21
CA LEU C 209 -15.84 30.24 31.47
C LEU C 209 -14.56 30.39 32.28
N ASN C 210 -13.58 31.18 31.82
CA ASN C 210 -12.29 31.27 32.50
C ASN C 210 -11.74 29.85 32.74
N PHE C 211 -11.49 29.17 31.62
CA PHE C 211 -11.15 27.75 31.64
C PHE C 211 -9.98 27.53 30.70
N LYS C 212 -8.83 27.18 31.27
CA LYS C 212 -7.62 26.91 30.51
C LYS C 212 -7.20 25.46 30.71
N ILE C 213 -6.55 24.89 29.71
CA ILE C 213 -5.96 23.56 29.81
C ILE C 213 -4.45 23.71 29.87
N ASN C 214 -3.81 22.90 30.70
CA ASN C 214 -2.36 22.92 30.89
C ASN C 214 -1.82 21.56 30.49
N LEU C 215 -1.45 21.41 29.22
CA LEU C 215 -0.94 20.14 28.71
C LEU C 215 0.40 19.77 29.33
N PHE C 216 1.11 20.74 29.94
CA PHE C 216 2.35 20.43 30.64
C PHE C 216 2.11 19.50 31.81
N GLU C 217 0.90 19.47 32.36
CA GLU C 217 0.59 18.52 33.42
C GLU C 217 0.43 17.11 32.88
N ASP C 218 -0.18 16.97 31.69
CA ASP C 218 -0.25 15.66 31.05
C ASP C 218 1.15 15.14 30.72
N MET C 219 2.04 16.04 30.29
CA MET C 219 3.42 15.64 30.04
C MET C 219 4.10 15.18 31.32
N ARG C 220 3.83 15.86 32.44
CA ARG C 220 4.42 15.45 33.70
C ARG C 220 3.91 14.07 34.12
N LEU C 221 2.64 13.77 33.85
CA LEU C 221 2.12 12.44 34.19
C LEU C 221 2.87 11.36 33.42
N ILE C 222 2.76 11.37 32.09
CA ILE C 222 3.35 10.30 31.29
C ILE C 222 4.86 10.24 31.49
N LYS C 223 5.50 11.37 31.76
CA LYS C 223 6.92 11.36 32.12
C LYS C 223 7.13 10.56 33.40
N ASP C 224 6.29 10.81 34.41
CA ASP C 224 6.48 10.16 35.71
C ASP C 224 6.27 8.65 35.61
N LEU C 225 5.26 8.21 34.87
CA LEU C 225 5.02 6.77 34.73
C LEU C 225 6.21 6.08 34.07
N VAL C 226 6.74 6.68 33.00
CA VAL C 226 7.85 6.08 32.28
C VAL C 226 9.07 5.94 33.19
N PHE C 227 9.36 6.99 33.97
CA PHE C 227 10.53 6.96 34.83
C PHE C 227 10.34 6.02 36.02
N SER C 228 9.12 5.95 36.56
CA SER C 228 8.89 5.19 37.78
C SER C 228 8.53 3.72 37.53
N CYS C 229 8.11 3.38 36.32
CA CYS C 229 7.76 1.99 36.03
C CYS C 229 9.02 1.13 35.88
N LYS C 230 8.86 -0.17 36.07
CA LYS C 230 9.97 -1.09 35.89
C LYS C 230 10.11 -1.50 34.43
N LYS C 231 9.05 -2.07 33.85
CA LYS C 231 9.04 -2.44 32.44
C LYS C 231 7.75 -1.94 31.81
N SER C 232 7.84 -1.61 30.51
CA SER C 232 6.75 -0.97 29.80
C SER C 232 6.38 -1.78 28.56
N GLY C 233 5.09 -1.77 28.23
CA GLY C 233 4.59 -2.41 27.04
C GLY C 233 3.55 -1.54 26.35
N ALA C 234 3.22 -1.91 25.11
CA ALA C 234 2.26 -1.12 24.35
C ALA C 234 1.67 -1.96 23.24
N LEU C 235 0.37 -1.76 22.99
CA LEU C 235 -0.28 -2.19 21.76
C LEU C 235 -0.63 -0.93 20.99
N ILE C 236 0.12 -0.65 19.92
CA ILE C 236 0.00 0.58 19.15
C ILE C 236 -0.73 0.24 17.86
N ILE C 237 -1.87 0.86 17.64
CA ILE C 237 -2.70 0.61 16.46
C ILE C 237 -2.69 1.86 15.60
N GLY C 238 -2.20 1.71 14.37
CA GLY C 238 -2.05 2.84 13.48
C GLY C 238 -0.81 3.65 13.81
N GLY C 239 -0.70 4.81 13.17
CA GLY C 239 0.43 5.69 13.39
C GLY C 239 0.02 7.05 13.91
N GLY C 240 0.53 8.11 13.29
CA GLY C 240 0.14 9.44 13.69
C GLY C 240 0.72 9.86 15.03
N ILE C 241 0.10 10.91 15.60
CA ILE C 241 0.61 11.51 16.83
C ILE C 241 0.49 10.55 18.00
N SER C 242 -0.53 9.69 18.01
CA SER C 242 -0.69 8.73 19.10
C SER C 242 0.49 7.76 19.16
N LYS C 243 0.93 7.26 18.00
CA LYS C 243 2.07 6.35 17.99
C LYS C 243 3.36 7.06 18.37
N HIS C 244 3.60 8.25 17.83
CA HIS C 244 4.84 8.96 18.13
C HIS C 244 4.95 9.24 19.62
N HIS C 245 3.89 9.77 20.22
CA HIS C 245 3.95 10.17 21.62
C HIS C 245 4.23 8.96 22.51
N THR C 246 3.55 7.84 22.26
CA THR C 246 3.81 6.63 23.03
C THR C 246 5.26 6.20 22.90
N ILE C 247 5.75 6.13 21.67
CA ILE C 247 7.13 5.71 21.43
C ILE C 247 8.10 6.76 21.96
N TRP C 248 7.76 8.04 21.83
CA TRP C 248 8.66 9.12 22.23
C TRP C 248 8.95 9.07 23.72
N TRP C 249 7.91 8.93 24.55
CA TRP C 249 8.10 9.04 25.99
C TRP C 249 8.77 7.80 26.55
N ASN C 250 8.57 6.64 25.94
CA ASN C 250 9.24 5.43 26.40
C ASN C 250 10.73 5.44 26.09
N GLN C 251 11.21 6.41 25.30
CA GLN C 251 12.63 6.54 25.04
C GLN C 251 13.41 6.74 26.34
N PHE C 252 12.84 7.48 27.29
CA PHE C 252 13.55 7.84 28.50
C PHE C 252 13.87 6.63 29.37
N LYS C 253 13.22 5.49 29.15
CA LYS C 253 13.49 4.26 29.88
C LYS C 253 14.09 3.19 28.96
N ASP C 254 14.90 3.62 28.00
CA ASP C 254 15.55 2.75 27.03
C ASP C 254 14.55 2.03 26.13
N GLY C 255 13.33 2.54 26.02
CA GLY C 255 12.37 2.05 25.05
C GLY C 255 11.34 1.11 25.66
N LEU C 256 10.39 0.73 24.80
CA LEU C 256 9.36 -0.22 25.18
C LEU C 256 9.95 -1.61 25.33
N ASP C 257 9.69 -2.25 26.47
CA ASP C 257 10.13 -3.62 26.66
C ASP C 257 9.30 -4.59 25.83
N TYR C 258 8.01 -4.31 25.65
CA TYR C 258 7.14 -5.10 24.80
C TYR C 258 6.34 -4.17 23.91
N ALA C 259 6.06 -4.60 22.69
CA ALA C 259 5.33 -3.76 21.76
C ALA C 259 4.74 -4.60 20.64
N VAL C 260 3.48 -4.33 20.31
CA VAL C 260 2.82 -4.90 19.14
C VAL C 260 2.23 -3.75 18.34
N TYR C 261 2.63 -3.66 17.07
CA TYR C 261 2.16 -2.61 16.18
C TYR C 261 1.19 -3.21 15.18
N VAL C 262 0.07 -2.52 14.95
CA VAL C 262 -0.91 -2.90 13.95
C VAL C 262 -1.11 -1.70 13.04
N THR C 263 -0.69 -1.83 11.78
CA THR C 263 -0.73 -0.69 10.87
C THR C 263 -0.96 -1.18 9.46
N THR C 264 -1.45 -0.27 8.61
CA THR C 264 -1.53 -0.50 7.17
C THR C 264 -0.54 0.32 6.38
N ALA C 265 0.01 1.40 6.95
CA ALA C 265 0.94 2.25 6.24
C ALA C 265 2.24 1.52 5.95
N GLN C 266 2.95 1.99 4.94
CA GLN C 266 4.20 1.40 4.49
C GLN C 266 5.38 2.31 4.83
N GLU C 267 6.58 1.77 4.62
CA GLU C 267 7.82 2.42 5.05
C GLU C 267 8.49 3.25 3.96
N TYR C 268 8.20 2.97 2.69
CA TYR C 268 8.97 3.57 1.61
C TYR C 268 8.85 5.09 1.54
N ASP C 269 7.80 5.67 2.11
CA ASP C 269 7.56 7.11 2.01
C ASP C 269 8.21 7.89 3.15
N GLY C 270 9.02 7.24 3.99
CA GLY C 270 9.70 7.94 5.06
C GLY C 270 8.82 8.41 6.18
N SER C 271 7.62 7.85 6.30
CA SER C 271 6.69 8.26 7.34
C SER C 271 6.98 7.56 8.65
N LEU C 272 6.62 8.23 9.75
CA LEU C 272 6.71 7.60 11.06
C LEU C 272 5.64 6.52 11.24
N SER C 273 4.45 6.77 10.68
CA SER C 273 3.35 5.80 10.83
C SER C 273 3.69 4.46 10.19
N GLY C 274 4.51 4.46 9.15
CA GLY C 274 4.94 3.25 8.49
C GLY C 274 6.32 2.75 8.86
N ALA C 275 6.91 3.27 9.93
CA ALA C 275 8.26 2.89 10.32
C ALA C 275 8.24 1.58 11.11
N LYS C 276 9.13 0.66 10.74
CA LYS C 276 9.20 -0.67 11.35
C LYS C 276 9.88 -0.58 12.71
N PRO C 277 9.84 -1.68 13.49
CA PRO C 277 10.74 -1.76 14.65
C PRO C 277 12.20 -1.67 14.27
N ARG C 278 12.58 -2.16 13.09
CA ARG C 278 13.92 -1.93 12.58
C ARG C 278 13.96 -0.53 11.98
N GLU C 279 13.38 0.40 12.72
CA GLU C 279 13.56 1.84 12.58
C GLU C 279 13.72 2.51 13.93
N ALA C 280 13.24 1.86 14.99
CA ALA C 280 13.27 2.37 16.35
C ALA C 280 14.50 1.92 17.13
N ILE C 281 15.37 1.10 16.52
CA ILE C 281 16.70 0.92 17.09
C ILE C 281 17.56 2.14 16.79
N SER C 282 17.38 2.76 15.61
CA SER C 282 18.09 3.98 15.30
C SER C 282 17.74 5.09 16.30
N TRP C 283 16.45 5.22 16.62
CA TRP C 283 16.06 6.03 17.77
C TRP C 283 16.24 5.21 19.05
N ASN C 284 16.02 5.86 20.19
CA ASN C 284 16.32 5.26 21.48
C ASN C 284 15.16 4.45 22.07
N LYS C 285 14.11 4.19 21.29
CA LYS C 285 12.81 3.85 21.84
C LYS C 285 12.47 2.36 21.82
N ILE C 286 13.45 1.49 21.61
CA ILE C 286 13.28 0.06 21.88
C ILE C 286 14.55 -0.46 22.55
N ARG C 287 14.37 -1.45 23.42
CA ARG C 287 15.48 -2.01 24.17
C ARG C 287 16.38 -2.85 23.25
N PRO C 288 17.68 -2.91 23.56
CA PRO C 288 18.59 -3.72 22.72
C PRO C 288 18.20 -5.18 22.64
N ASN C 289 17.58 -5.72 23.69
CA ASN C 289 17.05 -7.09 23.68
C ASN C 289 15.56 -6.99 24.02
N ALA C 290 14.74 -6.76 23.00
CA ALA C 290 13.32 -6.48 23.19
C ALA C 290 12.50 -7.30 22.21
N LYS C 291 11.25 -7.59 22.62
CA LYS C 291 10.32 -8.38 21.84
C LYS C 291 9.28 -7.44 21.25
N HIS C 292 9.44 -7.12 19.97
CA HIS C 292 8.53 -6.23 19.25
C HIS C 292 8.04 -6.94 18.00
N ALA C 293 6.76 -6.75 17.68
CA ALA C 293 6.16 -7.39 16.52
C ALA C 293 5.29 -6.37 15.78
N THR C 294 5.31 -6.45 14.45
CA THR C 294 4.49 -5.60 13.60
C THR C 294 3.61 -6.46 12.71
N ILE C 295 2.33 -6.15 12.68
CA ILE C 295 1.36 -6.84 11.83
C ILE C 295 0.75 -5.82 10.88
N TYR C 296 0.73 -6.16 9.60
CA TYR C 296 0.17 -5.28 8.57
C TYR C 296 -1.22 -5.80 8.20
N GLY C 297 -2.23 -4.98 8.47
CA GLY C 297 -3.59 -5.36 8.11
C GLY C 297 -4.59 -4.42 8.73
N ASP C 298 -5.84 -4.60 8.34
CA ASP C 298 -6.94 -3.82 8.88
C ASP C 298 -7.08 -4.10 10.37
N ALA C 299 -7.15 -3.03 11.17
CA ALA C 299 -7.24 -3.19 12.62
C ALA C 299 -8.56 -3.84 13.02
N THR C 300 -9.63 -3.62 12.24
CA THR C 300 -10.90 -4.26 12.56
C THR C 300 -10.86 -5.76 12.35
N ILE C 301 -9.84 -6.27 11.66
CA ILE C 301 -9.64 -7.71 11.50
C ILE C 301 -8.57 -8.22 12.46
N ILE C 302 -7.44 -7.50 12.55
CA ILE C 302 -6.30 -8.00 13.32
C ILE C 302 -6.54 -7.90 14.82
N VAL C 303 -7.10 -6.78 15.29
CA VAL C 303 -7.29 -6.60 16.74
C VAL C 303 -8.21 -7.66 17.33
N PRO C 304 -9.39 -7.96 16.76
CA PRO C 304 -10.18 -9.06 17.31
C PRO C 304 -9.44 -10.39 17.36
N ILE C 305 -8.54 -10.64 16.41
CA ILE C 305 -7.75 -11.87 16.45
C ILE C 305 -6.76 -11.83 17.61
N LEU C 306 -6.04 -10.72 17.78
CA LEU C 306 -5.12 -10.61 18.90
C LEU C 306 -5.87 -10.61 20.23
N ALA C 307 -6.98 -9.88 20.31
CA ALA C 307 -7.73 -9.80 21.56
C ALA C 307 -8.30 -11.16 21.96
N ALA C 308 -8.86 -11.89 20.98
CA ALA C 308 -9.41 -13.21 21.28
C ALA C 308 -8.33 -14.14 21.83
N SER C 309 -7.10 -14.01 21.35
CA SER C 309 -6.02 -14.89 21.79
C SER C 309 -5.64 -14.66 23.25
N LEU C 310 -5.98 -13.50 23.82
CA LEU C 310 -5.68 -13.26 25.23
C LEU C 310 -6.43 -14.23 26.13
N LEU C 311 -7.55 -14.77 25.65
CA LEU C 311 -8.40 -15.66 26.45
C LEU C 311 -8.02 -17.13 26.30
N SER C 312 -6.98 -17.44 25.54
CA SER C 312 -6.55 -18.83 25.38
C SER C 312 -5.94 -19.34 26.68
N MET D 1 35.51 -2.60 11.11
CA MET D 1 34.31 -1.95 11.63
C MET D 1 34.12 -0.58 11.00
N ILE D 2 32.86 -0.20 10.80
CA ILE D 2 32.54 1.07 10.14
C ILE D 2 32.60 2.20 11.17
N ASN D 3 33.13 3.34 10.75
CA ASN D 3 33.32 4.49 11.64
C ASN D 3 32.44 5.65 11.19
N ARG D 4 32.34 6.65 12.08
CA ARG D 4 31.30 7.67 11.97
C ARG D 4 31.43 8.49 10.69
N GLU D 5 32.61 9.05 10.43
CA GLU D 5 32.73 10.03 9.36
C GLU D 5 32.45 9.44 7.98
N ASP D 6 32.54 8.11 7.82
CA ASP D 6 32.15 7.50 6.55
C ASP D 6 30.65 7.63 6.31
N LEU D 7 29.84 7.24 7.30
CA LEU D 7 28.39 7.40 7.15
C LEU D 7 28.02 8.88 7.03
N LEU D 8 28.64 9.73 7.84
CA LEU D 8 28.37 11.17 7.79
C LEU D 8 29.35 11.82 6.82
N LYS D 9 29.03 11.69 5.53
CA LYS D 9 29.85 12.27 4.48
C LYS D 9 29.14 13.36 3.68
N ASN D 10 27.93 13.08 3.20
CA ASN D 10 27.23 14.02 2.32
C ASN D 10 26.01 14.59 3.01
N PRO D 11 25.96 15.91 3.25
CA PRO D 11 24.80 16.49 3.93
C PRO D 11 23.62 16.67 2.99
N VAL D 12 22.42 16.64 3.58
CA VAL D 12 21.20 16.96 2.85
C VAL D 12 21.20 18.44 2.52
N GLU D 13 20.77 18.78 1.30
CA GLU D 13 20.81 20.15 0.81
C GLU D 13 19.40 20.65 0.53
N ASP D 14 19.07 21.81 1.06
CA ASP D 14 17.79 22.44 0.78
C ASP D 14 17.77 23.03 -0.62
N ILE D 15 16.65 22.86 -1.31
CA ILE D 15 16.45 23.48 -2.60
C ILE D 15 15.51 24.66 -2.45
N ALA D 16 15.41 25.48 -3.49
CA ALA D 16 14.45 26.56 -3.57
C ALA D 16 13.73 26.47 -4.91
N LEU D 17 12.77 27.36 -5.13
CA LEU D 17 12.04 27.37 -6.40
C LEU D 17 13.00 27.59 -7.57
N ARG D 18 14.08 28.32 -7.35
CA ARG D 18 15.02 28.60 -8.43
C ARG D 18 15.63 27.34 -9.01
N ASP D 19 15.85 26.31 -8.19
CA ASP D 19 16.43 25.06 -8.67
C ASP D 19 15.48 24.29 -9.58
N LEU D 20 14.20 24.63 -9.59
CA LEU D 20 13.20 23.94 -10.41
C LEU D 20 12.79 24.74 -11.64
N GLU D 21 13.50 25.83 -11.94
CA GLU D 21 13.08 26.72 -13.03
C GLU D 21 13.13 26.02 -14.38
N LYS D 22 14.20 25.27 -14.65
CA LYS D 22 14.36 24.64 -15.96
C LYS D 22 13.42 23.47 -16.17
N TYR D 23 12.77 22.99 -15.12
CA TYR D 23 11.80 21.90 -15.21
C TYR D 23 10.37 22.42 -15.13
N SER D 24 10.16 23.72 -15.38
CA SER D 24 8.84 24.32 -15.23
C SER D 24 7.83 23.84 -16.26
N ASP D 25 8.28 23.20 -17.34
CA ASP D 25 7.41 22.70 -18.38
C ASP D 25 7.14 21.21 -18.26
N ILE D 26 7.55 20.59 -17.15
CA ILE D 26 7.53 19.13 -17.09
C ILE D 26 6.12 18.56 -17.00
N VAL D 27 5.14 19.33 -16.54
CA VAL D 27 3.78 18.82 -16.48
C VAL D 27 3.27 18.47 -17.88
N ASN D 28 3.81 19.12 -18.91
CA ASN D 28 3.43 18.78 -20.28
C ASN D 28 3.79 17.33 -20.60
N VAL D 29 4.95 16.86 -20.13
CA VAL D 29 5.36 15.48 -20.39
C VAL D 29 4.35 14.50 -19.81
N PHE D 30 3.97 14.71 -18.56
CA PHE D 30 3.01 13.81 -17.92
C PHE D 30 1.62 13.96 -18.52
N ASP D 31 1.29 15.14 -19.04
CA ASP D 31 0.04 15.30 -19.78
C ASP D 31 0.04 14.46 -21.05
N LYS D 32 1.17 14.45 -21.77
CA LYS D 32 1.28 13.62 -22.97
C LYS D 32 1.18 12.14 -22.64
N ILE D 33 1.88 11.70 -21.59
CA ILE D 33 1.84 10.30 -21.19
C ILE D 33 0.43 9.92 -20.74
N TYR D 34 -0.22 10.82 -20.01
CA TYR D 34 -1.53 10.58 -19.40
C TYR D 34 -1.56 9.25 -18.65
N GLY D 35 -0.56 9.05 -17.81
CA GLY D 35 -0.61 7.99 -16.85
C GLY D 35 -1.71 8.22 -15.84
N PHE D 36 -1.77 7.30 -14.89
CA PHE D 36 -2.82 7.31 -13.89
C PHE D 36 -2.69 8.51 -12.95
N SER D 37 -1.47 8.84 -12.53
CA SER D 37 -1.24 10.05 -11.74
C SER D 37 -1.18 11.31 -12.60
N SER D 38 -1.22 11.19 -13.92
CA SER D 38 -0.99 12.35 -14.78
C SER D 38 -2.12 13.36 -14.70
N GLU D 39 -3.38 12.90 -14.67
CA GLU D 39 -4.49 13.85 -14.60
C GLU D 39 -4.47 14.63 -13.29
N GLY D 40 -4.13 13.96 -12.18
CA GLY D 40 -4.06 14.67 -10.92
C GLY D 40 -2.95 15.71 -10.89
N ILE D 41 -1.81 15.39 -11.49
CA ILE D 41 -0.72 16.37 -11.56
C ILE D 41 -1.11 17.55 -12.44
N VAL D 42 -1.72 17.29 -13.59
CA VAL D 42 -2.12 18.38 -14.49
C VAL D 42 -3.18 19.24 -13.82
N ARG D 43 -4.20 18.61 -13.22
CA ARG D 43 -5.26 19.36 -12.55
C ARG D 43 -4.73 20.07 -11.31
N GLY D 44 -3.85 19.41 -10.55
CA GLY D 44 -3.30 20.03 -9.35
C GLY D 44 -2.51 21.28 -9.66
N SER D 45 -1.71 21.26 -10.73
CA SER D 45 -0.95 22.43 -11.13
C SER D 45 -1.86 23.60 -11.47
N LYS D 46 -2.93 23.34 -12.23
CA LYS D 46 -3.89 24.38 -12.56
C LYS D 46 -4.57 24.92 -11.30
N ILE D 47 -4.96 24.02 -10.40
CA ILE D 47 -5.61 24.45 -9.15
C ILE D 47 -4.66 25.30 -8.32
N LEU D 48 -3.37 24.94 -8.30
CA LEU D 48 -2.39 25.74 -7.57
C LEU D 48 -2.29 27.15 -8.15
N LYS D 49 -2.22 27.26 -9.48
CA LYS D 49 -2.15 28.58 -10.11
C LYS D 49 -3.41 29.39 -9.81
N GLU D 50 -4.57 28.76 -9.96
CA GLU D 50 -5.83 29.46 -9.70
C GLU D 50 -5.96 29.83 -8.22
N MET D 51 -5.37 29.03 -7.33
CA MET D 51 -5.45 29.31 -5.91
C MET D 51 -4.65 30.55 -5.54
N ILE D 52 -3.52 30.78 -6.21
CA ILE D 52 -2.73 31.98 -5.95
C ILE D 52 -3.48 33.24 -6.39
N LYS D 53 -4.36 33.13 -7.39
CA LYS D 53 -5.03 34.30 -7.93
C LYS D 53 -6.37 34.59 -7.24
N ASP D 54 -7.12 33.57 -6.81
CA ASP D 54 -8.40 33.76 -6.14
C ASP D 54 -8.31 33.76 -4.62
N ALA D 55 -7.59 32.83 -4.03
CA ALA D 55 -7.66 32.59 -2.60
C ALA D 55 -6.80 33.59 -1.83
N ASP D 56 -7.42 34.34 -0.93
CA ASP D 56 -6.67 35.22 -0.04
C ASP D 56 -6.14 34.49 1.19
N LEU D 57 -6.75 33.36 1.56
CA LEU D 57 -6.29 32.52 2.66
C LEU D 57 -5.80 31.20 2.07
N ARG D 58 -4.50 30.96 2.12
CA ARG D 58 -3.88 29.81 1.48
C ARG D 58 -3.10 29.00 2.50
N PHE D 59 -3.44 27.73 2.63
CA PHE D 59 -2.87 26.83 3.64
C PHE D 59 -1.74 26.00 3.06
N LEU D 60 -0.68 25.82 3.84
CA LEU D 60 0.38 24.86 3.54
C LEU D 60 0.42 23.89 4.70
N SER D 61 -0.26 22.75 4.55
CA SER D 61 -0.32 21.71 5.57
C SER D 61 0.57 20.55 5.15
N PHE D 62 1.51 20.17 6.02
CA PHE D 62 2.45 19.11 5.68
C PHE D 62 2.87 18.38 6.93
N THR D 63 3.32 17.14 6.73
CA THR D 63 3.77 16.31 7.84
C THR D 63 5.24 16.62 8.17
N ALA D 64 5.74 15.99 9.23
CA ALA D 64 7.04 16.38 9.78
C ALA D 64 8.19 15.89 8.91
N ASN D 65 8.08 14.68 8.34
CA ASN D 65 9.26 14.03 7.78
C ASN D 65 9.82 14.77 6.57
N LEU D 66 8.98 15.51 5.84
CA LEU D 66 9.48 16.27 4.69
C LEU D 66 10.52 17.31 5.11
N VAL D 67 10.42 17.82 6.34
CA VAL D 67 11.32 18.86 6.81
C VAL D 67 12.73 18.33 7.11
N SER D 68 12.91 17.02 7.14
CA SER D 68 14.24 16.43 7.28
C SER D 68 14.92 16.22 5.93
N THR D 69 14.28 16.62 4.84
CA THR D 69 14.82 16.49 3.50
C THR D 69 15.12 17.88 2.93
N GLY D 70 15.51 17.91 1.65
CA GLY D 70 15.71 19.17 0.97
C GLY D 70 14.44 19.96 0.72
N LEU D 71 13.27 19.34 0.91
CA LEU D 71 12.01 20.06 0.72
C LEU D 71 11.82 21.17 1.74
N ARG D 72 12.53 21.12 2.88
CA ARG D 72 12.38 22.17 3.88
C ARG D 72 12.70 23.53 3.28
N GLY D 73 13.77 23.63 2.49
CA GLY D 73 14.09 24.88 1.84
C GLY D 73 13.00 25.32 0.87
N LEU D 74 12.43 24.38 0.13
CA LEU D 74 11.34 24.72 -0.79
C LEU D 74 10.14 25.25 -0.03
N PHE D 75 9.76 24.60 1.08
CA PHE D 75 8.64 25.09 1.88
C PHE D 75 8.93 26.47 2.44
N ALA D 76 10.16 26.71 2.90
CA ALA D 76 10.55 28.04 3.33
C ALA D 76 10.52 29.02 2.16
N ASP D 77 10.98 28.59 0.98
CA ASP D 77 10.94 29.46 -0.19
C ASP D 77 9.51 29.77 -0.60
N LEU D 78 8.62 28.78 -0.54
CA LEU D 78 7.24 29.00 -0.94
C LEU D 78 6.57 30.03 -0.03
N VAL D 79 6.91 30.03 1.26
CA VAL D 79 6.37 31.02 2.19
C VAL D 79 6.95 32.39 1.89
N LYS D 80 8.25 32.47 1.59
CA LYS D 80 8.90 33.76 1.38
C LYS D 80 8.31 34.51 0.20
N ARG D 81 8.03 33.80 -0.89
CA ARG D 81 7.45 34.43 -2.08
C ARG D 81 5.94 34.63 -1.97
N GLY D 82 5.35 34.36 -0.80
CA GLY D 82 3.95 34.67 -0.57
C GLY D 82 2.96 33.71 -1.20
N TYR D 83 3.37 32.49 -1.53
CA TYR D 83 2.44 31.54 -2.11
C TYR D 83 1.43 31.05 -1.07
N PHE D 84 1.86 30.89 0.18
CA PHE D 84 1.00 30.44 1.26
C PHE D 84 1.19 31.37 2.47
N ASN D 85 0.10 31.68 3.15
CA ASN D 85 0.12 32.64 4.25
C ASN D 85 -0.30 32.04 5.59
N ILE D 86 -0.50 30.73 5.66
CA ILE D 86 -0.78 30.08 6.95
C ILE D 86 -0.32 28.62 6.85
N ILE D 87 0.40 28.17 7.86
CA ILE D 87 0.95 26.82 7.91
C ILE D 87 0.25 26.05 9.02
N VAL D 88 -0.22 24.85 8.71
CA VAL D 88 -0.67 23.89 9.72
C VAL D 88 0.25 22.69 9.61
N THR D 89 0.96 22.39 10.68
CA THR D 89 1.92 21.28 10.66
C THR D 89 1.99 20.67 12.04
N THR D 90 3.01 19.86 12.28
CA THR D 90 3.15 19.12 13.52
C THR D 90 4.42 19.56 14.25
N GLY D 91 4.59 19.02 15.47
CA GLY D 91 5.76 19.35 16.27
C GLY D 91 7.05 18.82 15.70
N GLY D 92 6.99 17.78 14.86
CA GLY D 92 8.19 17.31 14.19
C GLY D 92 8.76 18.33 13.21
N THR D 93 7.88 19.10 12.55
CA THR D 93 8.35 20.17 11.69
C THR D 93 9.13 21.20 12.49
N ILE D 94 8.63 21.57 13.67
CA ILE D 94 9.33 22.53 14.53
C ILE D 94 10.66 21.96 14.97
N ASP D 95 10.70 20.68 15.34
CA ASP D 95 11.96 20.05 15.73
C ASP D 95 12.98 20.12 14.60
N HIS D 96 12.58 19.71 13.39
CA HIS D 96 13.52 19.63 12.28
C HIS D 96 13.99 21.01 11.82
N ASP D 97 13.06 21.97 11.72
CA ASP D 97 13.44 23.30 11.26
C ASP D 97 14.37 23.98 12.24
N LEU D 98 14.11 23.85 13.54
CA LEU D 98 14.96 24.48 14.55
C LEU D 98 16.34 23.85 14.57
N ALA D 99 16.42 22.52 14.53
CA ALA D 99 17.71 21.85 14.60
C ALA D 99 18.59 22.21 13.41
N ARG D 100 18.00 22.25 12.21
CA ARG D 100 18.77 22.60 11.02
C ARG D 100 19.02 24.09 10.91
N SER D 101 18.22 24.92 11.59
CA SER D 101 18.48 26.36 11.58
C SER D 101 19.68 26.74 12.43
N PHE D 102 20.08 25.89 13.37
CA PHE D 102 21.07 26.21 14.38
C PHE D 102 22.29 25.31 14.29
N GLY D 103 22.74 25.03 13.07
CA GLY D 103 23.97 24.28 12.87
C GLY D 103 23.83 22.78 12.88
N GLY D 104 22.66 22.24 13.22
CA GLY D 104 22.42 20.82 13.07
C GLY D 104 22.29 20.49 11.61
N VAL D 105 23.09 19.56 11.12
CA VAL D 105 23.14 19.23 9.70
C VAL D 105 22.79 17.75 9.52
N TYR D 106 21.85 17.49 8.62
CA TYR D 106 21.39 16.14 8.30
C TYR D 106 22.17 15.63 7.09
N TYR D 107 22.36 14.31 7.04
CA TYR D 107 23.19 13.71 6.01
C TYR D 107 22.41 12.66 5.22
N LYS D 108 22.83 12.48 3.97
CA LYS D 108 22.29 11.39 3.17
C LYS D 108 22.79 10.05 3.69
N GLY D 109 21.89 9.08 3.74
CA GLY D 109 22.25 7.76 4.24
C GLY D 109 21.75 6.65 3.33
N SER D 110 21.13 5.63 3.92
CA SER D 110 20.56 4.54 3.14
C SER D 110 19.53 3.82 3.99
N PHE D 111 18.58 3.17 3.31
CA PHE D 111 17.63 2.31 4.00
C PHE D 111 18.29 1.04 4.50
N ASP D 112 19.31 0.55 3.79
CA ASP D 112 19.91 -0.75 4.09
C ASP D 112 21.18 -0.57 4.93
N ILE D 113 20.97 -0.10 6.16
CA ILE D 113 21.97 -0.17 7.21
C ILE D 113 21.27 -0.74 8.44
N ASP D 114 21.84 -1.81 9.00
CA ASP D 114 21.10 -2.72 9.89
C ASP D 114 20.47 -2.03 11.09
N ASP D 115 20.80 -0.76 11.35
CA ASP D 115 20.18 0.07 12.38
C ASP D 115 20.60 -0.37 13.78
N ALA D 116 21.25 -1.52 13.88
CA ALA D 116 21.79 -2.00 15.15
C ALA D 116 23.18 -1.46 15.41
N MET D 117 23.69 -0.61 14.52
CA MET D 117 24.94 0.10 14.74
C MET D 117 24.80 1.61 14.76
N LEU D 118 23.71 2.16 14.21
CA LEU D 118 23.49 3.60 14.33
C LEU D 118 23.32 3.99 15.80
N LYS D 119 22.51 3.25 16.53
CA LYS D 119 22.55 3.32 18.00
C LYS D 119 23.83 2.60 18.44
N ASP D 120 24.82 3.41 18.87
CA ASP D 120 26.23 3.08 19.12
C ASP D 120 27.09 4.09 18.37
N LEU D 121 26.98 4.10 17.04
CA LEU D 121 27.66 5.08 16.20
C LEU D 121 27.14 6.49 16.41
N GLU D 122 26.17 6.65 17.31
CA GLU D 122 25.59 7.94 17.69
C GLU D 122 24.88 8.66 16.54
N ILE D 123 23.81 8.03 16.00
CA ILE D 123 23.08 8.54 14.84
C ILE D 123 21.62 8.09 14.93
N HIS D 124 20.69 8.94 14.48
CA HIS D 124 19.33 8.53 14.19
C HIS D 124 19.13 8.36 12.70
N ARG D 125 18.11 7.58 12.34
CA ARG D 125 17.71 7.40 10.95
C ARG D 125 16.26 7.82 10.78
N LEU D 126 16.02 8.71 9.80
CA LEU D 126 14.67 9.12 9.42
C LEU D 126 14.55 8.88 7.91
N GLY D 127 13.90 7.78 7.53
CA GLY D 127 13.90 7.35 6.15
C GLY D 127 15.30 6.85 5.77
N ASN D 128 15.92 7.51 4.79
CA ASN D 128 17.33 7.31 4.51
C ASN D 128 18.12 8.60 4.75
N VAL D 129 17.62 9.44 5.66
CA VAL D 129 18.31 10.63 6.13
C VAL D 129 18.83 10.34 7.53
N LEU D 130 20.12 10.60 7.75
CA LEU D 130 20.77 10.30 9.02
C LEU D 130 20.88 11.57 9.85
N VAL D 131 20.54 11.46 11.14
CA VAL D 131 20.58 12.60 12.05
C VAL D 131 21.42 12.23 13.28
N PRO D 132 22.63 12.78 13.42
CA PRO D 132 23.41 12.52 14.65
C PRO D 132 22.72 13.11 15.86
N PHE D 133 22.90 12.49 17.05
CA PHE D 133 22.22 13.07 18.21
C PHE D 133 22.70 14.48 18.50
N GLU D 134 23.91 14.85 18.11
CA GLU D 134 24.36 16.22 18.39
C GLU D 134 23.76 17.23 17.43
N SER D 135 23.07 16.80 16.38
CA SER D 135 22.36 17.69 15.47
C SER D 135 20.87 17.78 15.77
N TYR D 136 20.37 17.00 16.73
CA TYR D 136 18.95 16.90 17.01
C TYR D 136 18.73 16.76 18.50
N GLY D 137 17.76 17.49 19.04
CA GLY D 137 17.50 17.43 20.47
C GLY D 137 18.54 18.20 21.26
N LYS D 138 19.81 17.83 21.09
CA LYS D 138 20.89 18.60 21.72
C LYS D 138 20.88 20.04 21.25
N VAL D 139 20.65 20.27 19.97
CA VAL D 139 20.47 21.63 19.46
C VAL D 139 19.15 22.22 19.93
N ILE D 140 18.09 21.41 19.93
CA ILE D 140 16.79 21.91 20.35
C ILE D 140 16.80 22.23 21.85
N GLU D 141 17.48 21.40 22.64
CA GLU D 141 17.55 21.66 24.08
C GLU D 141 18.26 22.98 24.37
N GLU D 142 19.46 23.15 23.83
CA GLU D 142 20.23 24.36 24.11
C GLU D 142 19.48 25.61 23.68
N ILE D 143 18.69 25.51 22.61
CA ILE D 143 18.02 26.69 22.07
C ILE D 143 16.78 27.04 22.90
N VAL D 144 16.01 26.03 23.32
CA VAL D 144 14.88 26.29 24.20
C VAL D 144 15.37 26.82 25.55
N ARG D 145 16.45 26.24 26.07
CA ARG D 145 17.01 26.72 27.33
C ARG D 145 17.52 28.16 27.19
N LYS D 146 18.14 28.48 26.06
CA LYS D 146 18.78 29.78 25.91
C LYS D 146 17.75 30.90 25.77
N PHE D 147 16.66 30.66 25.04
CA PHE D 147 15.80 31.74 24.61
C PHE D 147 14.44 31.79 25.30
N LEU D 148 13.96 30.68 25.86
CA LEU D 148 12.66 30.71 26.54
C LEU D 148 12.61 31.68 27.72
N PRO D 149 13.65 31.81 28.56
CA PRO D 149 13.56 32.80 29.65
C PRO D 149 13.21 34.21 29.19
N GLU D 150 13.81 34.70 28.11
CA GLU D 150 13.49 36.04 27.61
C GLU D 150 12.04 36.10 27.12
N ILE D 151 11.60 35.07 26.39
CA ILE D 151 10.24 35.05 25.86
C ILE D 151 9.22 34.94 26.99
N ALA D 152 9.47 34.04 27.96
CA ALA D 152 8.53 33.85 29.06
C ALA D 152 8.41 35.10 29.92
N LYS D 153 9.52 35.79 30.15
CA LYS D 153 9.48 37.02 30.94
C LYS D 153 8.60 38.07 30.27
N ASP D 154 8.67 38.16 28.94
CA ASP D 154 7.79 39.06 28.21
C ASP D 154 6.33 38.62 28.33
N LYS D 155 6.06 37.33 28.13
CA LYS D 155 4.70 36.81 28.11
C LYS D 155 4.67 35.48 28.85
N LYS D 156 4.03 35.45 30.02
CA LYS D 156 3.93 34.21 30.79
C LYS D 156 3.01 33.21 30.09
N GLU D 157 1.87 33.67 29.59
CA GLU D 157 0.91 32.82 28.89
C GLU D 157 0.92 33.22 27.42
N ILE D 158 1.65 32.47 26.62
CA ILE D 158 1.83 32.79 25.20
C ILE D 158 1.05 31.77 24.37
N PRO D 159 0.48 32.17 23.24
CA PRO D 159 -0.04 31.18 22.30
C PRO D 159 1.07 30.57 21.48
N ALA D 160 0.78 29.40 20.90
CA ALA D 160 1.80 28.61 20.24
C ALA D 160 2.38 29.33 19.03
N TYR D 161 1.53 29.93 18.20
CA TYR D 161 2.02 30.57 16.99
C TYR D 161 2.95 31.74 17.31
N GLU D 162 2.60 32.54 18.31
CA GLU D 162 3.47 33.63 18.72
C GLU D 162 4.80 33.11 19.27
N LEU D 163 4.75 32.02 20.03
CA LEU D 163 5.98 31.42 20.53
C LEU D 163 6.87 30.96 19.39
N LEU D 164 6.27 30.43 18.32
CA LEU D 164 7.05 30.04 17.14
C LEU D 164 7.61 31.26 16.41
N TRP D 165 6.83 32.34 16.32
CA TRP D 165 7.33 33.56 15.72
C TRP D 165 8.54 34.09 16.48
N GLU D 166 8.49 34.02 17.81
CA GLU D 166 9.61 34.47 18.61
C GLU D 166 10.87 33.67 18.28
N PHE D 167 10.73 32.35 18.12
CA PHE D 167 11.87 31.54 17.71
C PHE D 167 12.26 31.82 16.27
N GLY D 168 11.27 32.02 15.38
CA GLY D 168 11.59 32.41 14.03
C GLY D 168 12.27 33.76 13.95
N LYS D 169 12.04 34.61 14.94
CA LYS D 169 12.73 35.90 15.02
C LYS D 169 14.23 35.71 15.16
N ARG D 170 14.65 34.66 15.86
CA ARG D 170 16.06 34.46 16.20
C ARG D 170 16.78 33.52 15.25
N ILE D 171 16.13 33.09 14.17
CA ILE D 171 16.76 32.25 13.16
C ILE D 171 17.50 33.13 12.17
N SER D 172 18.67 32.68 11.73
CA SER D 172 19.39 33.33 10.64
C SER D 172 19.29 32.57 9.32
N ASP D 173 19.14 31.25 9.39
CA ASP D 173 19.04 30.41 8.20
C ASP D 173 17.97 30.90 7.25
N SER D 174 18.34 31.07 5.98
CA SER D 174 17.41 31.53 4.96
C SER D 174 16.53 30.42 4.41
N ASN D 175 16.86 29.17 4.68
CA ASN D 175 16.04 28.03 4.31
C ASN D 175 15.13 27.59 5.44
N SER D 176 15.02 28.38 6.50
CA SER D 176 14.20 28.03 7.64
C SER D 176 12.75 28.40 7.38
N ILE D 177 11.84 27.43 7.59
CA ILE D 177 10.41 27.71 7.49
C ILE D 177 10.00 28.70 8.58
N LEU D 178 10.51 28.52 9.79
CA LEU D 178 10.17 29.42 10.89
C LEU D 178 10.67 30.83 10.62
N ARG D 179 11.88 30.98 10.11
CA ARG D 179 12.37 32.31 9.72
C ARG D 179 11.46 32.94 8.68
N ALA D 180 11.14 32.18 7.63
CA ALA D 180 10.25 32.69 6.59
C ALA D 180 8.87 32.99 7.15
N ALA D 181 8.40 32.16 8.09
CA ALA D 181 7.11 32.42 8.72
C ALA D 181 7.13 33.71 9.52
N TYR D 182 8.20 33.94 10.28
CA TYR D 182 8.30 35.19 11.04
C TYR D 182 8.39 36.40 10.12
N GLU D 183 9.21 36.31 9.07
CA GLU D 183 9.43 37.46 8.19
C GLU D 183 8.15 37.90 7.51
N LYS D 184 7.33 36.95 7.08
CA LYS D 184 6.07 37.25 6.42
C LYS D 184 4.91 37.32 7.41
N LYS D 185 5.17 37.11 8.69
CA LYS D 185 4.13 37.13 9.74
C LYS D 185 2.99 36.18 9.40
N VAL D 186 3.32 35.01 8.87
CA VAL D 186 2.33 33.98 8.61
C VAL D 186 2.27 33.07 9.84
N PRO D 187 1.07 32.71 10.30
CA PRO D 187 0.97 31.87 11.51
C PRO D 187 1.32 30.42 11.23
N VAL D 188 1.97 29.80 12.19
CA VAL D 188 2.25 28.36 12.15
C VAL D 188 1.39 27.71 13.22
N ILE D 189 0.36 26.99 12.78
CA ILE D 189 -0.60 26.36 13.68
C ILE D 189 -0.15 24.92 13.93
N VAL D 190 0.20 24.63 15.18
CA VAL D 190 0.67 23.29 15.55
C VAL D 190 -0.18 22.77 16.69
N PRO D 191 -1.36 22.19 16.41
CA PRO D 191 -2.24 21.73 17.50
C PRO D 191 -1.58 20.71 18.41
N GLY D 192 -0.69 19.88 17.89
CA GLY D 192 0.03 18.93 18.70
C GLY D 192 1.44 19.39 19.01
N ILE D 193 1.58 20.69 19.31
CA ILE D 193 2.91 21.27 19.55
C ILE D 193 3.63 20.55 20.68
N VAL D 194 2.87 20.07 21.67
CA VAL D 194 3.44 19.39 22.83
C VAL D 194 4.22 18.14 22.45
N ASP D 195 3.94 17.56 21.29
CA ASP D 195 4.59 16.32 20.85
C ASP D 195 5.89 16.65 20.13
N GLY D 196 6.99 16.11 20.61
CA GLY D 196 8.29 16.26 19.97
C GLY D 196 9.35 16.70 20.95
N SER D 197 10.55 16.95 20.41
CA SER D 197 11.65 17.43 21.22
C SER D 197 11.42 18.87 21.68
N PHE D 198 10.93 19.71 20.78
CA PHE D 198 10.63 21.10 21.15
C PHE D 198 9.54 21.16 22.21
N GLY D 199 8.49 20.35 22.05
CA GLY D 199 7.44 20.34 23.06
C GLY D 199 7.93 19.84 24.41
N THR D 200 8.77 18.79 24.40
CA THR D 200 9.29 18.26 25.65
C THR D 200 10.17 19.29 26.36
N ASN D 201 11.03 19.99 25.60
CA ASN D 201 11.89 21.00 26.22
C ASN D 201 11.08 22.21 26.68
N LEU D 202 9.94 22.48 26.04
CA LEU D 202 9.01 23.47 26.57
C LEU D 202 8.50 23.06 27.94
N PHE D 203 8.14 21.79 28.10
CA PHE D 203 7.68 21.30 29.40
C PHE D 203 8.81 21.32 30.42
N ILE D 204 10.03 20.96 30.01
CA ILE D 204 11.15 20.94 30.93
C ILE D 204 11.39 22.34 31.51
N GLN D 205 11.39 23.35 30.65
CA GLN D 205 11.59 24.71 31.13
C GLN D 205 10.35 25.27 31.81
N SER D 206 9.16 24.76 31.47
CA SER D 206 7.95 25.21 32.15
C SER D 206 7.96 24.86 33.63
N GLN D 207 8.80 23.89 34.03
CA GLN D 207 8.96 23.58 35.45
C GLN D 207 9.63 24.73 36.20
N PHE D 208 10.49 25.49 35.52
CA PHE D 208 11.30 26.51 36.17
C PHE D 208 10.91 27.95 35.86
N LEU D 209 10.17 28.20 34.79
CA LEU D 209 10.17 29.51 34.16
C LEU D 209 8.84 30.26 34.25
N ASN D 210 7.86 29.74 34.98
CA ASN D 210 6.55 30.39 35.07
C ASN D 210 6.01 30.69 33.67
N PHE D 211 5.75 29.62 32.93
CA PHE D 211 5.47 29.71 31.50
C PHE D 211 4.35 28.75 31.15
N LYS D 212 3.38 29.23 30.36
CA LYS D 212 2.25 28.41 29.96
C LYS D 212 1.88 28.72 28.51
N ILE D 213 1.29 27.74 27.84
CA ILE D 213 0.82 27.86 26.47
C ILE D 213 -0.70 27.88 26.50
N ASN D 214 -1.30 28.80 25.75
CA ASN D 214 -2.75 28.88 25.62
C ASN D 214 -3.11 28.52 24.18
N LEU D 215 -3.30 27.22 23.92
CA LEU D 215 -3.64 26.77 22.57
C LEU D 215 -5.02 27.27 22.14
N PHE D 216 -5.86 27.73 23.07
CA PHE D 216 -7.15 28.31 22.70
C PHE D 216 -6.97 29.60 21.89
N GLU D 217 -5.85 30.29 22.05
CA GLU D 217 -5.59 31.46 21.22
C GLU D 217 -5.24 31.05 19.79
N ASP D 218 -4.51 29.96 19.63
CA ASP D 218 -4.24 29.44 18.29
C ASP D 218 -5.54 29.05 17.59
N MET D 219 -6.45 28.41 18.31
CA MET D 219 -7.74 28.06 17.72
C MET D 219 -8.51 29.31 17.32
N ARG D 220 -8.43 30.36 18.13
CA ARG D 220 -9.13 31.60 17.84
C ARG D 220 -8.61 32.25 16.56
N LEU D 221 -7.28 32.23 16.36
CA LEU D 221 -6.71 32.87 15.18
C LEU D 221 -7.14 32.16 13.90
N ILE D 222 -6.98 30.84 13.84
CA ILE D 222 -7.38 30.10 12.64
C ILE D 222 -8.88 30.18 12.45
N LYS D 223 -9.64 30.22 13.54
CA LYS D 223 -11.07 30.47 13.43
C LYS D 223 -11.35 31.85 12.84
N ASP D 224 -10.62 32.86 13.30
CA ASP D 224 -10.84 34.23 12.83
C ASP D 224 -10.51 34.35 11.35
N LEU D 225 -9.39 33.78 10.91
CA LEU D 225 -8.98 33.88 9.51
C LEU D 225 -10.01 33.23 8.60
N VAL D 226 -10.48 32.03 8.96
CA VAL D 226 -11.43 31.30 8.12
C VAL D 226 -12.73 32.08 7.96
N PHE D 227 -13.25 32.63 9.07
CA PHE D 227 -14.50 33.36 9.01
C PHE D 227 -14.36 34.66 8.21
N SER D 228 -13.22 35.34 8.34
CA SER D 228 -13.03 36.65 7.74
C SER D 228 -12.54 36.59 6.30
N CYS D 229 -12.02 35.46 5.84
CA CYS D 229 -11.52 35.36 4.48
C CYS D 229 -12.66 35.22 3.49
N LYS D 230 -12.36 35.56 2.22
CA LYS D 230 -13.33 35.46 1.15
C LYS D 230 -13.31 34.08 0.49
N LYS D 231 -12.12 33.61 0.10
CA LYS D 231 -11.94 32.29 -0.47
C LYS D 231 -10.70 31.65 0.15
N SER D 232 -10.71 30.32 0.23
CA SER D 232 -9.63 29.59 0.86
C SER D 232 -9.07 28.53 -0.07
N GLY D 233 -7.77 28.29 0.04
CA GLY D 233 -7.12 27.23 -0.69
C GLY D 233 -6.12 26.52 0.20
N ALA D 234 -5.70 25.34 -0.23
CA ALA D 234 -4.77 24.56 0.57
C ALA D 234 -3.99 23.60 -0.32
N LEU D 235 -2.70 23.45 -0.02
CA LEU D 235 -1.89 22.35 -0.51
C LEU D 235 -1.57 21.48 0.70
N ILE D 236 -2.17 20.30 0.76
CA ILE D 236 -2.04 19.41 1.90
C ILE D 236 -1.18 18.22 1.49
N ILE D 237 -0.08 18.02 2.21
CA ILE D 237 0.88 16.96 1.92
C ILE D 237 0.84 15.98 3.08
N GLY D 238 0.37 14.77 2.81
CA GLY D 238 0.22 13.77 3.85
C GLY D 238 -1.10 13.90 4.58
N GLY D 239 -1.30 13.00 5.54
CA GLY D 239 -2.51 13.01 6.34
C GLY D 239 -2.25 13.46 7.76
N GLY D 240 -2.83 12.76 8.73
CA GLY D 240 -2.59 13.08 10.12
C GLY D 240 -3.31 14.33 10.59
N ILE D 241 -2.87 14.80 11.76
CA ILE D 241 -3.52 15.93 12.42
C ILE D 241 -3.39 17.19 11.58
N SER D 242 -2.28 17.36 10.86
CA SER D 242 -2.10 18.53 10.02
C SER D 242 -3.16 18.59 8.92
N LYS D 243 -3.49 17.45 8.32
CA LYS D 243 -4.52 17.44 7.29
C LYS D 243 -5.91 17.61 7.88
N HIS D 244 -6.21 16.92 8.98
CA HIS D 244 -7.53 17.02 9.56
C HIS D 244 -7.81 18.44 10.05
N HIS D 245 -6.84 19.04 10.74
CA HIS D 245 -7.03 20.37 11.30
C HIS D 245 -7.28 21.40 10.19
N THR D 246 -6.49 21.34 9.12
CA THR D 246 -6.71 22.22 7.98
C THR D 246 -8.11 22.04 7.42
N ILE D 247 -8.52 20.78 7.26
CA ILE D 247 -9.86 20.48 6.77
C ILE D 247 -10.90 20.84 7.81
N TRP D 248 -10.60 20.58 9.10
CA TRP D 248 -11.60 20.78 10.15
C TRP D 248 -12.04 22.23 10.26
N TRP D 249 -11.17 23.17 9.91
CA TRP D 249 -11.52 24.58 10.12
C TRP D 249 -12.17 25.23 8.92
N ASN D 250 -12.07 24.63 7.74
CA ASN D 250 -12.63 25.25 6.55
C ASN D 250 -14.13 24.95 6.37
N GLN D 251 -14.69 24.02 7.14
CA GLN D 251 -16.13 23.79 7.05
C GLN D 251 -16.93 25.01 7.47
N PHE D 252 -16.40 25.78 8.42
CA PHE D 252 -17.09 26.96 8.90
C PHE D 252 -17.31 27.97 7.77
N LYS D 253 -16.55 27.87 6.69
CA LYS D 253 -16.73 28.69 5.50
C LYS D 253 -17.16 27.86 4.29
N ASP D 254 -17.92 26.79 4.55
CA ASP D 254 -18.43 25.87 3.52
C ASP D 254 -17.31 25.18 2.76
N GLY D 255 -16.08 25.22 3.26
CA GLY D 255 -15.02 24.37 2.79
C GLY D 255 -13.97 25.10 1.99
N LEU D 256 -12.94 24.35 1.64
CA LEU D 256 -11.87 24.86 0.79
C LEU D 256 -12.40 25.11 -0.62
N ASP D 257 -12.09 26.28 -1.17
CA ASP D 257 -12.45 26.57 -2.54
C ASP D 257 -11.49 25.92 -3.53
N TYR D 258 -10.24 25.72 -3.12
CA TYR D 258 -9.24 25.02 -3.91
C TYR D 258 -8.44 24.12 -2.99
N ALA D 259 -8.06 22.94 -3.48
CA ALA D 259 -7.31 22.01 -2.65
C ALA D 259 -6.51 21.07 -3.54
N VAL D 260 -5.28 20.78 -3.10
CA VAL D 260 -4.43 19.78 -3.73
C VAL D 260 -3.87 18.89 -2.64
N TYR D 261 -4.16 17.60 -2.72
CA TYR D 261 -3.70 16.63 -1.73
C TYR D 261 -2.64 15.74 -2.36
N VAL D 262 -1.49 15.63 -1.70
CA VAL D 262 -0.45 14.68 -2.07
C VAL D 262 -0.28 13.72 -0.89
N THR D 263 -0.49 12.43 -1.14
CA THR D 263 -0.45 11.44 -0.07
C THR D 263 -0.06 10.10 -0.64
N THR D 264 0.35 9.19 0.25
CA THR D 264 0.56 7.80 -0.11
C THR D 264 -0.46 6.86 0.51
N ALA D 265 -1.24 7.34 1.48
CA ALA D 265 -2.22 6.49 2.16
C ALA D 265 -3.33 6.07 1.22
N GLN D 266 -3.94 4.93 1.54
CA GLN D 266 -5.04 4.36 0.77
C GLN D 266 -6.35 4.53 1.52
N GLU D 267 -7.45 4.34 0.80
CA GLU D 267 -8.79 4.60 1.34
C GLU D 267 -9.42 3.38 2.01
N TYR D 268 -8.93 2.18 1.71
CA TYR D 268 -9.61 0.96 2.15
C TYR D 268 -9.65 0.81 3.66
N ASP D 269 -8.76 1.47 4.40
CA ASP D 269 -8.70 1.32 5.84
C ASP D 269 -9.52 2.36 6.59
N GLY D 270 -10.21 3.26 5.88
CA GLY D 270 -11.12 4.19 6.53
C GLY D 270 -10.48 5.31 7.30
N SER D 271 -9.23 5.66 6.99
CA SER D 271 -8.52 6.69 7.72
C SER D 271 -8.79 8.07 7.14
N LEU D 272 -8.60 9.08 7.98
CA LEU D 272 -8.63 10.47 7.51
C LEU D 272 -7.50 10.73 6.53
N SER D 273 -6.33 10.14 6.77
CA SER D 273 -5.17 10.36 5.93
C SER D 273 -5.37 9.82 4.51
N GLY D 274 -6.10 8.71 4.37
CA GLY D 274 -6.29 8.11 3.06
C GLY D 274 -7.64 8.42 2.42
N ALA D 275 -8.30 9.47 2.91
CA ALA D 275 -9.64 9.82 2.45
C ALA D 275 -9.56 10.78 1.27
N LYS D 276 -10.31 10.45 0.23
CA LYS D 276 -10.21 11.21 -1.02
C LYS D 276 -11.22 12.30 -1.25
N PRO D 277 -11.11 12.98 -2.38
CA PRO D 277 -12.16 13.95 -2.67
C PRO D 277 -13.44 13.20 -2.92
N ARG D 278 -14.58 13.76 -2.56
CA ARG D 278 -15.91 13.20 -2.77
C ARG D 278 -16.32 12.45 -1.54
N GLU D 279 -15.38 12.12 -0.67
CA GLU D 279 -15.79 11.61 0.63
C GLU D 279 -15.78 12.95 1.32
N ALA D 280 -15.21 13.94 0.64
CA ALA D 280 -15.15 15.25 1.17
C ALA D 280 -16.58 15.64 1.17
N ILE D 281 -17.26 15.38 0.05
CA ILE D 281 -18.63 15.84 0.00
C ILE D 281 -19.47 15.31 1.16
N SER D 282 -18.97 14.31 1.90
CA SER D 282 -19.73 13.78 3.04
C SER D 282 -19.74 14.77 4.21
N TRP D 283 -18.62 15.45 4.47
CA TRP D 283 -18.66 16.60 5.35
C TRP D 283 -18.72 17.88 4.52
N ASN D 284 -18.91 19.01 5.20
CA ASN D 284 -19.14 20.28 4.51
C ASN D 284 -17.91 21.18 4.54
N LYS D 285 -16.74 20.56 4.40
CA LYS D 285 -15.46 21.27 4.28
C LYS D 285 -14.93 21.24 2.85
N ILE D 286 -15.80 20.96 1.87
CA ILE D 286 -15.55 21.18 0.45
C ILE D 286 -16.78 21.87 -0.13
N ARG D 287 -16.55 22.85 -1.01
CA ARG D 287 -17.67 23.54 -1.62
C ARG D 287 -18.42 22.60 -2.57
N PRO D 288 -19.72 22.81 -2.74
CA PRO D 288 -20.48 22.00 -3.71
C PRO D 288 -19.97 22.13 -5.14
N ASN D 289 -19.36 23.26 -5.47
CA ASN D 289 -18.78 23.51 -6.80
C ASN D 289 -17.34 23.97 -6.57
N ALA D 290 -16.42 23.01 -6.46
CA ALA D 290 -15.04 23.32 -6.09
C ALA D 290 -14.09 22.47 -6.92
N LYS D 291 -12.85 22.92 -7.00
CA LYS D 291 -11.79 22.29 -7.79
C LYS D 291 -10.80 21.63 -6.83
N HIS D 292 -10.88 20.30 -6.72
CA HIS D 292 -10.03 19.53 -5.82
C HIS D 292 -9.30 18.46 -6.60
N ALA D 293 -8.05 18.21 -6.24
CA ALA D 293 -7.24 17.20 -6.91
C ALA D 293 -6.37 16.47 -5.90
N THR D 294 -6.34 15.15 -6.02
CA THR D 294 -5.50 14.29 -5.19
C THR D 294 -4.50 13.55 -6.07
N ILE D 295 -3.25 13.50 -5.62
CA ILE D 295 -2.18 12.78 -6.31
C ILE D 295 -1.57 11.80 -5.32
N TYR D 296 -1.43 10.55 -5.74
CA TYR D 296 -0.82 9.52 -4.91
C TYR D 296 0.63 9.33 -5.33
N GLY D 297 1.55 9.55 -4.41
CA GLY D 297 2.96 9.36 -4.69
C GLY D 297 3.80 9.96 -3.59
N ASP D 298 5.09 9.63 -3.63
CA ASP D 298 6.05 10.19 -2.69
C ASP D 298 6.10 11.70 -2.86
N ALA D 299 6.00 12.43 -1.75
CA ALA D 299 5.98 13.88 -1.83
C ALA D 299 7.29 14.44 -2.34
N THR D 300 8.41 13.77 -2.06
CA THR D 300 9.71 14.26 -2.52
C THR D 300 9.83 14.23 -4.03
N ILE D 301 8.94 13.54 -4.72
CA ILE D 301 8.88 13.53 -6.18
C ILE D 301 7.73 14.38 -6.69
N ILE D 302 6.54 14.22 -6.10
CA ILE D 302 5.36 14.91 -6.60
C ILE D 302 5.44 16.41 -6.32
N VAL D 303 5.88 16.79 -5.12
CA VAL D 303 5.89 18.21 -4.75
C VAL D 303 6.84 19.04 -5.61
N PRO D 304 8.08 18.62 -5.89
CA PRO D 304 8.90 19.40 -6.82
C PRO D 304 8.24 19.57 -8.18
N ILE D 305 7.51 18.56 -8.65
CA ILE D 305 6.85 18.65 -9.94
C ILE D 305 5.78 19.75 -9.92
N LEU D 306 4.95 19.76 -8.87
CA LEU D 306 3.92 20.80 -8.76
C LEU D 306 4.55 22.18 -8.62
N ALA D 307 5.56 22.30 -7.76
CA ALA D 307 6.18 23.60 -7.51
C ALA D 307 6.84 24.14 -8.76
N ALA D 308 7.50 23.28 -9.54
CA ALA D 308 8.11 23.72 -10.79
C ALA D 308 7.07 24.25 -11.77
N SER D 309 5.85 23.70 -11.72
CA SER D 309 4.79 24.16 -12.60
C SER D 309 4.38 25.59 -12.33
N LEU D 310 4.62 26.09 -11.12
CA LEU D 310 4.26 27.47 -10.78
C LEU D 310 5.08 28.50 -11.55
N LEU D 311 6.24 28.10 -12.08
CA LEU D 311 7.09 28.99 -12.85
C LEU D 311 6.83 28.92 -14.36
N SER D 312 5.87 28.12 -14.79
CA SER D 312 5.55 27.99 -16.21
C SER D 312 4.83 29.23 -16.72
N ILE E 3 24.92 -44.85 -32.92
CA ILE E 3 24.15 -44.24 -31.85
C ILE E 3 24.70 -44.68 -30.48
N THR E 4 26.03 -44.55 -30.33
CA THR E 4 26.64 -44.79 -29.03
C THR E 4 26.24 -43.67 -28.06
N TYR E 5 26.35 -43.96 -26.76
CA TYR E 5 25.79 -43.10 -25.73
C TYR E 5 26.86 -42.53 -24.82
N THR E 6 26.59 -41.34 -24.30
CA THR E 6 27.41 -40.73 -23.25
C THR E 6 26.51 -39.82 -22.43
N THR E 7 27.12 -38.94 -21.63
CA THR E 7 26.39 -37.98 -20.80
C THR E 7 26.77 -36.56 -21.20
N VAL E 8 25.85 -35.63 -20.92
CA VAL E 8 26.02 -34.24 -21.34
C VAL E 8 27.28 -33.64 -20.73
N GLY E 9 27.54 -33.94 -19.46
CA GLY E 9 28.73 -33.42 -18.82
C GLY E 9 30.02 -33.91 -19.44
N GLU E 10 29.98 -35.07 -20.08
CA GLU E 10 31.15 -35.61 -20.77
C GLU E 10 31.43 -34.90 -22.09
N LEU E 11 30.45 -34.18 -22.63
CA LEU E 11 30.64 -33.49 -23.89
C LEU E 11 31.57 -32.30 -23.71
N LYS E 12 32.46 -32.09 -24.70
CA LYS E 12 33.34 -30.93 -24.75
C LYS E 12 33.42 -30.45 -26.19
N VAL E 13 34.13 -29.33 -26.39
CA VAL E 13 34.24 -28.74 -27.72
C VAL E 13 34.93 -29.73 -28.65
N GLY E 14 34.31 -29.98 -29.80
CA GLY E 14 34.82 -30.92 -30.77
C GLY E 14 34.15 -32.28 -30.71
N SER E 15 33.45 -32.60 -29.63
CA SER E 15 32.73 -33.87 -29.54
C SER E 15 31.52 -33.86 -30.47
N TYR E 16 30.97 -35.04 -30.71
CA TYR E 16 29.83 -35.20 -31.60
C TYR E 16 28.64 -35.75 -30.82
N VAL E 17 27.44 -35.28 -31.18
CA VAL E 17 26.24 -35.61 -30.42
C VAL E 17 25.04 -35.46 -31.35
N VAL E 18 23.99 -36.24 -31.10
CA VAL E 18 22.77 -36.19 -31.88
C VAL E 18 21.77 -35.26 -31.20
N ILE E 19 21.33 -34.24 -31.92
CA ILE E 19 20.30 -33.32 -31.45
C ILE E 19 19.25 -33.19 -32.54
N ASP E 20 17.98 -33.35 -32.16
CA ASP E 20 16.86 -33.31 -33.11
C ASP E 20 17.02 -34.33 -34.23
N GLY E 21 17.71 -35.43 -33.96
CA GLY E 21 17.93 -36.48 -34.92
C GLY E 21 19.14 -36.32 -35.80
N GLU E 22 19.78 -35.14 -35.81
CA GLU E 22 20.90 -34.88 -36.70
C GLU E 22 22.21 -34.92 -35.93
N PRO E 23 23.24 -35.60 -36.45
CA PRO E 23 24.56 -35.52 -35.80
C PRO E 23 25.09 -34.10 -35.81
N CYS E 24 25.73 -33.71 -34.71
CA CYS E 24 26.20 -32.34 -34.56
C CYS E 24 27.58 -32.33 -33.92
N ARG E 25 28.35 -31.29 -34.23
CA ARG E 25 29.67 -31.08 -33.66
C ARG E 25 29.59 -29.98 -32.61
N VAL E 26 29.97 -30.32 -31.37
CA VAL E 26 29.89 -29.36 -30.28
C VAL E 26 30.87 -28.23 -30.51
N VAL E 27 30.40 -27.00 -30.37
CA VAL E 27 31.25 -25.81 -30.51
C VAL E 27 31.28 -24.96 -29.25
N GLU E 28 30.37 -25.17 -28.30
CA GLU E 28 30.34 -24.39 -27.08
C GLU E 28 29.68 -25.21 -25.98
N VAL E 29 30.26 -25.19 -24.79
CA VAL E 29 29.69 -25.83 -23.62
C VAL E 29 29.74 -24.84 -22.47
N THR E 30 28.58 -24.59 -21.84
CA THR E 30 28.47 -23.67 -20.73
C THR E 30 27.83 -24.40 -19.55
N LYS E 31 28.44 -24.27 -18.37
CA LYS E 31 27.95 -24.93 -17.18
C LYS E 31 27.12 -23.96 -16.33
N ALA E 32 26.17 -24.52 -15.58
CA ALA E 32 25.33 -23.75 -14.68
C ALA E 32 25.30 -24.45 -13.32
N LYS E 33 25.47 -23.68 -12.25
CA LYS E 33 25.56 -24.26 -10.92
C LYS E 33 24.20 -24.75 -10.44
N THR E 34 24.21 -25.52 -9.36
CA THR E 34 23.02 -26.19 -8.86
C THR E 34 22.07 -25.18 -8.19
N GLY E 35 20.91 -25.68 -7.79
CA GLY E 35 20.00 -24.90 -6.98
C GLY E 35 18.52 -24.98 -7.33
N LYS E 36 17.95 -23.82 -7.65
CA LYS E 36 16.51 -23.65 -7.79
C LYS E 36 15.98 -24.44 -8.98
N HIS E 37 16.72 -24.49 -10.08
CA HIS E 37 16.28 -25.25 -11.24
C HIS E 37 16.40 -26.75 -10.99
N GLY E 38 17.40 -27.16 -10.20
CA GLY E 38 17.64 -28.57 -9.94
C GLY E 38 19.12 -28.89 -9.88
N SER E 39 19.51 -29.98 -10.54
CA SER E 39 20.89 -30.40 -10.52
C SER E 39 21.75 -29.50 -11.40
N ALA E 40 23.07 -29.70 -11.32
CA ALA E 40 23.99 -28.96 -12.18
C ALA E 40 23.73 -29.29 -13.64
N LYS E 41 23.73 -28.27 -14.48
CA LYS E 41 23.33 -28.40 -15.87
C LYS E 41 24.42 -27.87 -16.79
N ALA E 42 24.35 -28.32 -18.04
CA ALA E 42 25.22 -27.82 -19.09
C ALA E 42 24.38 -27.43 -20.29
N ASN E 43 24.75 -26.33 -20.95
CA ASN E 43 24.18 -25.93 -22.22
C ASN E 43 25.23 -26.14 -23.29
N VAL E 44 24.94 -27.00 -24.25
CA VAL E 44 25.86 -27.31 -25.34
C VAL E 44 25.34 -26.64 -26.60
N VAL E 45 26.24 -26.01 -27.34
CA VAL E 45 25.94 -25.40 -28.63
C VAL E 45 26.69 -26.18 -29.70
N ALA E 46 25.97 -26.64 -30.71
CA ALA E 46 26.55 -27.51 -31.72
C ALA E 46 26.05 -27.12 -33.10
N ILE E 47 26.83 -27.49 -34.11
CA ILE E 47 26.51 -27.24 -35.51
C ILE E 47 26.15 -28.57 -36.17
N GLY E 48 25.01 -28.60 -36.84
CA GLY E 48 24.63 -29.78 -37.60
C GLY E 48 25.59 -30.07 -38.72
N VAL E 49 26.08 -31.31 -38.79
CA VAL E 49 27.07 -31.66 -39.81
C VAL E 49 26.44 -31.56 -41.20
N PHE E 50 25.21 -32.03 -41.36
CA PHE E 50 24.54 -31.97 -42.66
C PHE E 50 23.88 -30.61 -42.89
N SER E 51 22.98 -30.22 -42.00
CA SER E 51 22.20 -29.02 -42.21
C SER E 51 22.99 -27.74 -41.97
N GLY E 52 24.01 -27.78 -41.11
CA GLY E 52 24.76 -26.60 -40.77
C GLY E 52 24.10 -25.71 -39.74
N ALA E 53 22.95 -26.10 -39.21
CA ALA E 53 22.19 -25.25 -38.30
C ALA E 53 22.76 -25.29 -36.89
N LYS E 54 22.54 -24.20 -36.16
CA LYS E 54 22.94 -24.12 -34.76
C LYS E 54 21.89 -24.82 -33.90
N LYS E 55 22.33 -25.82 -33.13
CA LYS E 55 21.45 -26.57 -32.25
C LYS E 55 21.99 -26.50 -30.83
N THR E 56 21.09 -26.29 -29.87
CA THR E 56 21.46 -26.18 -28.47
C THR E 56 20.72 -27.21 -27.64
N LEU E 57 21.38 -27.67 -26.58
CA LEU E 57 20.80 -28.65 -25.67
C LEU E 57 21.17 -28.24 -24.24
N MET E 58 20.16 -28.04 -23.40
CA MET E 58 20.35 -27.77 -21.98
C MET E 58 19.82 -28.96 -21.21
N ALA E 59 20.66 -29.54 -20.36
CA ALA E 59 20.32 -30.79 -19.69
C ALA E 59 21.17 -30.92 -18.44
N PRO E 60 20.75 -31.74 -17.48
CA PRO E 60 21.62 -32.07 -16.36
C PRO E 60 22.87 -32.78 -16.86
N VAL E 61 23.97 -32.60 -16.14
CA VAL E 61 25.26 -33.14 -16.57
C VAL E 61 25.24 -34.65 -16.69
N ASP E 62 24.36 -35.33 -15.96
CA ASP E 62 24.27 -36.78 -15.99
C ASP E 62 23.29 -37.31 -17.03
N GLN E 63 22.64 -36.42 -17.79
CA GLN E 63 21.65 -36.85 -18.78
C GLN E 63 22.31 -37.64 -19.91
N GLN E 64 21.66 -38.71 -20.34
CA GLN E 64 22.20 -39.57 -21.38
C GLN E 64 21.86 -39.02 -22.76
N VAL E 65 22.88 -38.89 -23.62
CA VAL E 65 22.72 -38.41 -24.98
C VAL E 65 23.36 -39.41 -25.94
N GLU E 66 22.95 -39.34 -27.20
CA GLU E 66 23.39 -40.27 -28.23
C GLU E 66 24.50 -39.65 -29.06
N VAL E 67 25.55 -40.42 -29.31
CA VAL E 67 26.67 -40.01 -30.15
C VAL E 67 26.61 -40.78 -31.46
N PRO E 68 26.77 -40.13 -32.60
CA PRO E 68 26.90 -40.86 -33.86
C PRO E 68 28.34 -41.32 -34.10
N ILE E 69 28.47 -42.35 -34.92
CA ILE E 69 29.76 -42.96 -35.24
C ILE E 69 30.20 -42.52 -36.62
N ILE E 70 31.49 -42.18 -36.75
CA ILE E 70 31.96 -41.38 -37.88
C ILE E 70 32.21 -42.23 -39.12
N GLU E 71 32.79 -43.43 -38.95
CA GLU E 71 32.99 -44.37 -40.06
C GLU E 71 33.70 -43.72 -41.25
N LYS E 72 34.86 -43.13 -40.97
CA LYS E 72 35.57 -42.37 -42.00
C LYS E 72 36.04 -43.27 -43.13
N HIS E 73 35.95 -42.77 -44.36
CA HIS E 73 36.40 -43.48 -45.55
C HIS E 73 37.24 -42.55 -46.40
N ILE E 74 37.93 -43.14 -47.39
CA ILE E 74 38.70 -42.39 -48.38
C ILE E 74 38.39 -42.97 -49.76
N GLY E 75 38.11 -42.12 -50.73
CA GLY E 75 37.71 -42.57 -52.05
C GLY E 75 38.16 -41.72 -53.21
N GLN E 76 37.49 -41.86 -54.36
CA GLN E 76 37.85 -41.12 -55.57
C GLN E 76 36.61 -40.97 -56.45
N ILE E 77 36.65 -39.95 -57.31
CA ILE E 77 35.53 -39.57 -58.17
C ILE E 77 35.80 -40.05 -59.60
N ILE E 78 34.76 -40.59 -60.25
CA ILE E 78 34.91 -41.07 -61.62
C ILE E 78 34.26 -40.09 -62.60
N ALA E 79 32.98 -39.80 -62.42
CA ALA E 79 32.22 -38.98 -63.35
C ALA E 79 32.30 -37.51 -62.92
N ASP E 80 31.44 -36.67 -63.52
CA ASP E 80 31.25 -35.34 -62.94
C ASP E 80 29.77 -35.09 -62.66
N MET E 81 28.90 -35.43 -63.61
CA MET E 81 27.44 -35.51 -63.41
C MET E 81 26.85 -34.20 -62.88
N GLY E 82 27.63 -33.13 -62.83
CA GLY E 82 27.12 -31.86 -62.33
C GLY E 82 26.80 -31.88 -60.84
N ASN E 83 25.51 -31.79 -60.50
CA ASN E 83 25.12 -31.65 -59.10
C ASN E 83 25.48 -32.89 -58.29
N LYS E 84 25.30 -34.07 -58.87
CA LYS E 84 25.64 -35.34 -58.24
C LYS E 84 27.03 -35.81 -58.67
N ILE E 85 27.67 -36.59 -57.81
CA ILE E 85 29.04 -37.05 -58.02
C ILE E 85 29.12 -38.54 -57.74
N GLN E 86 29.85 -39.27 -58.60
CA GLN E 86 29.98 -40.72 -58.50
C GLN E 86 31.35 -41.06 -57.93
N VAL E 87 31.36 -41.64 -56.72
CA VAL E 87 32.58 -41.84 -55.95
C VAL E 87 32.94 -43.32 -55.91
N MET E 88 34.24 -43.60 -55.88
CA MET E 88 34.76 -44.95 -55.74
C MET E 88 35.55 -45.04 -54.44
N ASP E 89 35.07 -45.87 -53.51
CA ASP E 89 35.80 -46.07 -52.25
C ASP E 89 37.09 -46.83 -52.53
N LEU E 90 38.20 -46.36 -51.94
CA LEU E 90 39.48 -47.02 -52.15
C LEU E 90 39.43 -48.47 -51.70
N GLU E 91 38.90 -48.70 -50.51
CA GLU E 91 38.60 -50.05 -50.05
C GLU E 91 37.18 -50.41 -50.49
N SER E 92 37.04 -51.60 -51.08
CA SER E 92 35.76 -52.27 -51.37
C SER E 92 34.96 -51.73 -52.56
N TYR E 93 35.55 -50.94 -53.47
CA TYR E 93 34.84 -50.50 -54.67
C TYR E 93 33.58 -49.75 -54.24
N GLU E 94 32.42 -50.38 -54.40
CA GLU E 94 31.13 -49.86 -53.96
C GLU E 94 30.90 -48.42 -54.46
N THR E 95 31.13 -48.23 -55.76
CA THR E 95 30.97 -46.92 -56.36
C THR E 95 29.53 -46.43 -56.18
N PHE E 96 29.38 -45.19 -55.70
CA PHE E 96 28.11 -44.66 -55.26
C PHE E 96 27.98 -43.21 -55.69
N GLU E 97 26.78 -42.65 -55.51
CA GLU E 97 26.47 -41.28 -55.91
C GLU E 97 26.13 -40.44 -54.68
N ILE E 98 26.69 -39.23 -54.62
CA ILE E 98 26.46 -38.26 -53.55
C ILE E 98 26.36 -36.86 -54.16
N GLU E 99 26.15 -35.85 -53.29
CA GLU E 99 25.93 -34.47 -53.69
C GLU E 99 27.19 -33.63 -53.51
N LYS E 100 27.42 -32.72 -54.46
CA LYS E 100 28.60 -31.87 -54.41
C LYS E 100 28.64 -31.08 -53.11
N PRO E 101 29.82 -30.91 -52.51
CA PRO E 101 29.93 -30.06 -51.31
C PRO E 101 29.69 -28.60 -51.69
N THR E 102 28.63 -28.02 -51.14
CA THR E 102 28.30 -26.62 -51.40
C THR E 102 29.26 -25.65 -50.72
N GLU E 103 30.29 -26.15 -50.04
CA GLU E 103 31.29 -25.30 -49.41
C GLU E 103 32.25 -24.73 -50.46
N ASP E 104 32.88 -23.60 -50.10
CA ASP E 104 33.73 -22.89 -51.05
C ASP E 104 35.02 -23.65 -51.35
N GLU E 105 35.72 -24.10 -50.30
CA GLU E 105 37.02 -24.73 -50.49
C GLU E 105 36.91 -26.11 -51.10
N LEU E 106 35.75 -26.75 -51.02
CA LEU E 106 35.55 -28.09 -51.56
C LEU E 106 34.91 -28.09 -52.94
N ALA E 107 34.07 -27.09 -53.25
CA ALA E 107 33.49 -26.99 -54.59
C ALA E 107 34.54 -26.69 -55.64
N SER E 108 35.65 -26.08 -55.25
CA SER E 108 36.83 -26.00 -56.10
C SER E 108 37.81 -27.10 -55.68
N LYS E 109 38.72 -27.44 -56.61
CA LYS E 109 39.61 -28.60 -56.60
C LYS E 109 38.89 -29.88 -57.05
N ILE E 110 37.67 -29.78 -57.57
CA ILE E 110 36.95 -30.94 -58.07
C ILE E 110 37.37 -31.20 -59.51
N LYS E 111 37.74 -32.45 -59.79
CA LYS E 111 38.14 -32.86 -61.13
C LYS E 111 37.95 -34.36 -61.22
N PRO E 112 37.86 -34.92 -62.43
CA PRO E 112 37.80 -36.38 -62.55
C PRO E 112 39.05 -37.02 -61.95
N ASN E 113 38.84 -38.16 -61.28
CA ASN E 113 39.91 -38.90 -60.61
C ASN E 113 40.61 -38.04 -59.57
N ALA E 114 39.82 -37.35 -58.75
CA ALA E 114 40.33 -36.58 -57.62
C ALA E 114 40.08 -37.37 -56.34
N GLU E 115 41.13 -37.50 -55.52
CA GLU E 115 41.04 -38.27 -54.30
C GLU E 115 40.44 -37.41 -53.18
N LEU E 116 39.41 -37.94 -52.52
CA LEU E 116 38.69 -37.22 -51.47
C LEU E 116 38.57 -38.10 -50.23
N GLU E 117 38.20 -37.47 -49.12
CA GLU E 117 37.94 -38.15 -47.86
C GLU E 117 36.52 -37.85 -47.43
N TYR E 118 35.68 -38.89 -47.35
CA TYR E 118 34.28 -38.74 -46.98
C TYR E 118 33.98 -39.56 -45.73
N TRP E 119 33.27 -38.95 -44.78
CA TRP E 119 32.86 -39.59 -43.55
C TRP E 119 31.45 -40.15 -43.69
N GLU E 120 31.17 -41.23 -42.98
CA GLU E 120 29.84 -41.85 -43.04
C GLU E 120 29.22 -41.93 -41.65
N ILE E 121 28.23 -41.08 -41.41
CA ILE E 121 27.65 -40.91 -40.09
C ILE E 121 26.15 -41.17 -40.18
N MET E 122 25.68 -42.17 -39.42
CA MET E 122 24.28 -42.47 -39.16
C MET E 122 23.49 -42.89 -40.39
N GLY E 123 24.11 -42.94 -41.57
CA GLY E 123 23.39 -43.31 -42.77
C GLY E 123 23.43 -42.25 -43.86
N ARG E 124 24.37 -41.30 -43.73
CA ARG E 124 24.51 -40.22 -44.69
C ARG E 124 25.97 -39.79 -44.75
N ARG E 125 26.51 -39.69 -45.96
CA ARG E 125 27.92 -39.42 -46.16
C ARG E 125 28.16 -37.94 -46.44
N LYS E 126 29.37 -37.49 -46.14
CA LYS E 126 29.75 -36.09 -46.31
C LYS E 126 31.23 -36.00 -46.64
N ILE E 127 31.55 -35.16 -47.63
CA ILE E 127 32.94 -34.93 -48.02
C ILE E 127 33.54 -33.86 -47.13
N VAL E 128 34.81 -34.02 -46.78
CA VAL E 128 35.52 -33.09 -45.90
C VAL E 128 36.71 -32.45 -46.60
N ARG E 129 37.53 -33.25 -47.28
CA ARG E 129 38.74 -32.76 -47.92
C ARG E 129 38.85 -33.36 -49.32
N VAL E 130 39.77 -32.81 -50.10
CA VAL E 130 40.04 -33.28 -51.46
C VAL E 130 41.53 -33.15 -51.73
N LYS E 131 42.13 -34.19 -52.29
CA LYS E 131 43.55 -34.18 -52.63
C LYS E 131 43.75 -34.25 -54.14
N SER F 2 -17.62 -32.96 -51.26
CA SER F 2 -18.78 -32.28 -50.70
C SER F 2 -18.53 -30.77 -50.56
N ILE F 3 -18.28 -30.35 -49.32
CA ILE F 3 -17.76 -29.03 -48.96
C ILE F 3 -18.60 -27.88 -49.51
N THR F 4 -19.92 -27.94 -49.33
CA THR F 4 -20.72 -26.74 -49.50
C THR F 4 -20.49 -25.81 -48.32
N TYR F 5 -20.58 -24.50 -48.57
CA TYR F 5 -20.12 -23.48 -47.64
C TYR F 5 -21.30 -22.71 -47.05
N THR F 6 -21.27 -22.50 -45.73
CA THR F 6 -22.20 -21.61 -45.03
C THR F 6 -21.41 -20.78 -44.03
N THR F 7 -22.14 -19.95 -43.29
CA THR F 7 -21.58 -19.13 -42.23
C THR F 7 -21.98 -19.69 -40.86
N VAL F 8 -21.17 -19.36 -39.85
CA VAL F 8 -21.41 -19.88 -38.50
C VAL F 8 -22.76 -19.40 -37.99
N GLY F 9 -23.10 -18.14 -38.21
CA GLY F 9 -24.37 -17.61 -37.76
C GLY F 9 -25.57 -18.29 -38.37
N GLU F 10 -25.41 -18.93 -39.54
CA GLU F 10 -26.49 -19.66 -40.17
C GLU F 10 -26.70 -21.05 -39.59
N LEU F 11 -25.75 -21.56 -38.81
CA LEU F 11 -25.88 -22.89 -38.24
C LEU F 11 -26.87 -22.90 -37.08
N LYS F 12 -27.74 -23.91 -37.07
CA LYS F 12 -28.66 -24.16 -35.96
C LYS F 12 -28.62 -25.65 -35.63
N VAL F 13 -29.20 -25.99 -34.48
CA VAL F 13 -29.20 -27.38 -34.02
C VAL F 13 -29.78 -28.28 -35.09
N GLY F 14 -29.07 -29.36 -35.40
CA GLY F 14 -29.45 -30.27 -36.45
C GLY F 14 -28.69 -30.08 -37.75
N SER F 15 -28.17 -28.89 -38.00
CA SER F 15 -27.37 -28.67 -39.19
C SER F 15 -26.06 -29.46 -39.12
N TYR F 16 -25.43 -29.64 -40.27
CA TYR F 16 -24.17 -30.38 -40.35
C TYR F 16 -23.05 -29.42 -40.75
N VAL F 17 -21.86 -29.67 -40.20
CA VAL F 17 -20.71 -28.81 -40.41
C VAL F 17 -19.45 -29.67 -40.27
N VAL F 18 -18.41 -29.28 -41.00
CA VAL F 18 -17.13 -29.97 -40.93
C VAL F 18 -16.28 -29.30 -39.85
N ILE F 19 -15.82 -30.08 -38.88
CA ILE F 19 -14.94 -29.60 -37.82
C ILE F 19 -13.77 -30.57 -37.74
N ASP F 20 -12.56 -30.03 -37.85
CA ASP F 20 -11.32 -30.83 -37.83
C ASP F 20 -11.36 -31.95 -38.87
N GLY F 21 -12.01 -31.68 -40.01
CA GLY F 21 -12.08 -32.62 -41.10
C GLY F 21 -13.21 -33.63 -41.03
N GLU F 22 -13.92 -33.70 -39.91
CA GLU F 22 -14.99 -34.68 -39.77
C GLU F 22 -16.34 -34.01 -39.85
N PRO F 23 -17.27 -34.53 -40.64
CA PRO F 23 -18.64 -34.01 -40.61
C PRO F 23 -19.26 -34.21 -39.24
N CYS F 24 -20.01 -33.21 -38.80
CA CYS F 24 -20.59 -33.23 -37.46
C CYS F 24 -22.01 -32.71 -37.51
N ARG F 25 -22.84 -33.19 -36.59
CA ARG F 25 -24.21 -32.71 -36.44
C ARG F 25 -24.25 -31.73 -35.27
N VAL F 26 -24.68 -30.51 -35.54
CA VAL F 26 -24.73 -29.48 -34.52
C VAL F 26 -25.79 -29.83 -33.49
N VAL F 27 -25.40 -29.85 -32.21
CA VAL F 27 -26.32 -30.15 -31.13
C VAL F 27 -26.58 -28.96 -30.22
N GLU F 28 -25.71 -27.95 -30.22
CA GLU F 28 -25.87 -26.77 -29.38
C GLU F 28 -25.28 -25.58 -30.11
N VAL F 29 -25.92 -24.43 -29.97
CA VAL F 29 -25.40 -23.16 -30.48
C VAL F 29 -25.62 -22.10 -29.41
N THR F 30 -24.57 -21.35 -29.09
CA THR F 30 -24.63 -20.28 -28.11
C THR F 30 -23.98 -19.03 -28.67
N LYS F 31 -24.58 -17.88 -28.40
CA LYS F 31 -24.16 -16.61 -28.96
C LYS F 31 -23.52 -15.72 -27.90
N ALA F 32 -22.61 -14.86 -28.35
CA ALA F 32 -21.99 -13.86 -27.50
C ALA F 32 -21.99 -12.54 -28.26
N LYS F 33 -22.68 -11.54 -27.71
CA LYS F 33 -22.74 -10.22 -28.36
C LYS F 33 -21.40 -9.51 -28.22
N THR F 34 -21.01 -9.20 -26.98
CA THR F 34 -19.65 -8.91 -26.52
C THR F 34 -19.06 -7.75 -27.32
N GLY F 35 -17.78 -7.82 -27.71
CA GLY F 35 -17.14 -6.71 -28.39
C GLY F 35 -15.74 -6.37 -27.92
N LYS F 36 -15.35 -6.82 -26.72
CA LYS F 36 -13.99 -6.57 -26.26
C LYS F 36 -12.97 -7.43 -26.98
N HIS F 37 -13.41 -8.54 -27.57
CA HIS F 37 -12.55 -9.40 -28.38
C HIS F 37 -12.81 -9.27 -29.86
N GLY F 38 -13.87 -8.57 -30.25
CA GLY F 38 -14.18 -8.37 -31.65
C GLY F 38 -15.66 -8.42 -31.98
N SER F 39 -15.99 -9.01 -33.13
CA SER F 39 -17.36 -9.04 -33.63
C SER F 39 -18.19 -10.06 -32.85
N ALA F 40 -19.51 -9.99 -33.07
CA ALA F 40 -20.41 -10.95 -32.45
C ALA F 40 -20.06 -12.36 -32.89
N LYS F 41 -20.08 -13.30 -31.94
CA LYS F 41 -19.57 -14.63 -32.15
C LYS F 41 -20.58 -15.67 -31.70
N ALA F 42 -20.45 -16.86 -32.26
CA ALA F 42 -21.24 -18.02 -31.85
C ALA F 42 -20.30 -19.16 -31.50
N ASN F 43 -20.76 -20.01 -30.59
CA ASN F 43 -20.07 -21.25 -30.24
C ASN F 43 -20.99 -22.41 -30.57
N VAL F 44 -20.57 -23.25 -31.51
CA VAL F 44 -21.35 -24.42 -31.89
C VAL F 44 -20.70 -25.66 -31.29
N VAL F 45 -21.54 -26.50 -30.68
CA VAL F 45 -21.13 -27.80 -30.17
C VAL F 45 -21.76 -28.86 -31.07
N ALA F 46 -20.95 -29.80 -31.56
CA ALA F 46 -21.41 -30.76 -32.54
C ALA F 46 -20.78 -32.12 -32.25
N ILE F 47 -21.42 -33.15 -32.77
CA ILE F 47 -21.00 -34.54 -32.58
C ILE F 47 -20.59 -35.11 -33.92
N GLY F 48 -19.36 -35.64 -34.00
CA GLY F 48 -18.87 -36.26 -35.21
C GLY F 48 -19.73 -37.43 -35.65
N VAL F 49 -20.09 -37.47 -36.93
CA VAL F 49 -20.96 -38.53 -37.41
C VAL F 49 -20.24 -39.88 -37.36
N PHE F 50 -18.94 -39.88 -37.65
CA PHE F 50 -18.18 -41.14 -37.67
C PHE F 50 -17.62 -41.47 -36.29
N SER F 51 -16.81 -40.57 -35.72
CA SER F 51 -16.13 -40.84 -34.47
C SER F 51 -17.02 -40.71 -33.24
N GLY F 52 -18.11 -39.96 -33.35
CA GLY F 52 -18.97 -39.73 -32.19
C GLY F 52 -18.40 -38.79 -31.16
N ALA F 53 -17.29 -38.12 -31.46
CA ALA F 53 -16.66 -37.22 -30.52
C ALA F 53 -17.33 -35.85 -30.55
N LYS F 54 -17.24 -35.14 -29.42
CA LYS F 54 -17.80 -33.80 -29.29
C LYS F 54 -16.80 -32.78 -29.79
N LYS F 55 -17.16 -32.09 -30.87
CA LYS F 55 -16.31 -31.05 -31.47
C LYS F 55 -16.95 -29.69 -31.28
N THR F 56 -16.14 -28.69 -30.96
CA THR F 56 -16.63 -27.35 -30.68
C THR F 56 -15.90 -26.34 -31.55
N LEU F 57 -16.61 -25.27 -31.89
CA LEU F 57 -16.08 -24.24 -32.79
C LEU F 57 -16.66 -22.89 -32.37
N MET F 58 -15.80 -21.98 -31.93
CA MET F 58 -16.18 -20.59 -31.69
C MET F 58 -15.61 -19.73 -32.80
N ALA F 59 -16.44 -18.85 -33.35
CA ALA F 59 -16.05 -18.04 -34.50
C ALA F 59 -17.02 -16.88 -34.61
N PRO F 60 -16.66 -15.83 -35.36
CA PRO F 60 -17.63 -14.79 -35.67
C PRO F 60 -18.78 -15.37 -36.48
N VAL F 61 -19.95 -14.75 -36.34
CA VAL F 61 -21.15 -15.25 -37.01
C VAL F 61 -20.99 -15.21 -38.52
N ASP F 62 -20.16 -14.30 -39.03
CA ASP F 62 -19.92 -14.19 -40.46
C ASP F 62 -18.80 -15.08 -40.97
N GLN F 63 -18.19 -15.89 -40.09
CA GLN F 63 -17.10 -16.76 -40.51
C GLN F 63 -17.63 -17.88 -41.40
N GLN F 64 -16.88 -18.21 -42.44
CA GLN F 64 -17.27 -19.21 -43.41
C GLN F 64 -16.83 -20.59 -42.95
N VAL F 65 -17.76 -21.55 -42.98
CA VAL F 65 -17.49 -22.93 -42.61
C VAL F 65 -17.95 -23.84 -43.74
N GLU F 66 -17.43 -25.06 -43.73
CA GLU F 66 -17.74 -26.06 -44.74
C GLU F 66 -18.82 -27.01 -44.23
N VAL F 67 -19.79 -27.29 -45.07
CA VAL F 67 -20.89 -28.20 -44.76
C VAL F 67 -20.70 -29.48 -45.58
N PRO F 68 -20.83 -30.66 -44.99
CA PRO F 68 -20.85 -31.88 -45.79
C PRO F 68 -22.17 -32.02 -46.52
N ILE F 69 -22.10 -32.58 -47.73
CA ILE F 69 -23.29 -32.83 -48.53
C ILE F 69 -23.80 -34.24 -48.22
N ILE F 70 -25.09 -34.34 -47.95
CA ILE F 70 -25.71 -35.60 -47.51
C ILE F 70 -26.23 -36.36 -48.72
N GLU F 71 -26.14 -37.69 -48.65
CA GLU F 71 -26.62 -38.58 -49.70
C GLU F 71 -27.36 -39.72 -49.02
N LYS F 72 -28.68 -39.60 -48.89
CA LYS F 72 -29.48 -40.58 -48.16
C LYS F 72 -29.91 -41.67 -49.14
N HIS F 73 -29.11 -42.73 -49.22
CA HIS F 73 -29.43 -43.89 -50.04
C HIS F 73 -30.22 -44.91 -49.23
N ILE F 74 -30.87 -45.82 -49.95
CA ILE F 74 -31.67 -46.89 -49.35
C ILE F 74 -31.21 -48.22 -49.95
N GLY F 75 -30.83 -49.16 -49.09
CA GLY F 75 -30.28 -50.43 -49.57
C GLY F 75 -30.81 -51.67 -48.89
N GLN F 76 -30.15 -52.81 -49.13
CA GLN F 76 -30.54 -54.08 -48.54
C GLN F 76 -29.31 -54.97 -48.45
N ILE F 77 -29.25 -55.78 -47.38
CA ILE F 77 -28.10 -56.62 -47.08
C ILE F 77 -28.28 -58.00 -47.71
N ILE F 78 -27.19 -58.57 -48.23
CA ILE F 78 -27.22 -59.90 -48.81
C ILE F 78 -26.56 -60.90 -47.87
N ALA F 79 -25.29 -60.70 -47.56
CA ALA F 79 -24.51 -61.63 -46.78
C ALA F 79 -24.12 -61.01 -45.45
N ASP F 80 -23.57 -61.85 -44.56
CA ASP F 80 -23.16 -61.45 -43.22
C ASP F 80 -21.71 -61.79 -42.91
N MET F 81 -21.22 -62.93 -43.41
CA MET F 81 -19.86 -63.46 -43.21
C MET F 81 -19.24 -63.17 -41.84
N GLY F 82 -19.11 -61.89 -41.48
CA GLY F 82 -18.37 -61.54 -40.29
C GLY F 82 -18.15 -60.06 -40.08
N ASN F 83 -16.87 -59.67 -39.94
CA ASN F 83 -16.48 -58.28 -39.66
C ASN F 83 -17.31 -57.26 -40.42
N LYS F 84 -17.48 -57.46 -41.73
CA LYS F 84 -18.28 -56.59 -42.56
C LYS F 84 -19.54 -57.30 -43.04
N ILE F 85 -20.41 -56.53 -43.68
CA ILE F 85 -21.63 -57.07 -44.29
C ILE F 85 -21.76 -56.50 -45.70
N GLN F 86 -22.40 -57.27 -46.57
CA GLN F 86 -22.58 -56.88 -47.96
C GLN F 86 -23.99 -56.36 -48.18
N VAL F 87 -24.09 -55.19 -48.81
CA VAL F 87 -25.36 -54.47 -48.97
C VAL F 87 -25.54 -54.11 -50.44
N MET F 88 -26.78 -54.05 -50.88
CA MET F 88 -27.12 -53.67 -52.25
C MET F 88 -28.02 -52.45 -52.24
N ASP F 89 -27.59 -51.39 -52.92
CA ASP F 89 -28.40 -50.19 -53.05
C ASP F 89 -29.62 -50.47 -53.94
N LEU F 90 -30.78 -49.94 -53.52
CA LEU F 90 -32.01 -50.17 -54.27
C LEU F 90 -31.92 -49.59 -55.68
N GLU F 91 -31.37 -48.39 -55.80
CA GLU F 91 -31.05 -47.79 -57.09
C GLU F 91 -29.56 -47.98 -57.37
N SER F 92 -29.19 -47.90 -58.65
CA SER F 92 -27.80 -47.98 -59.07
C SER F 92 -27.14 -49.26 -58.56
N TYR F 93 -27.60 -50.38 -59.12
CA TYR F 93 -27.24 -51.72 -58.67
C TYR F 93 -25.74 -51.87 -58.42
N GLU F 94 -25.39 -52.18 -57.18
CA GLU F 94 -23.99 -52.20 -56.78
C GLU F 94 -23.85 -52.90 -55.43
N THR F 95 -22.85 -53.77 -55.33
CA THR F 95 -22.55 -54.51 -54.12
C THR F 95 -21.31 -53.91 -53.44
N PHE F 96 -21.41 -53.65 -52.14
CA PHE F 96 -20.32 -53.08 -51.37
C PHE F 96 -20.40 -53.60 -49.93
N GLU F 97 -19.41 -53.23 -49.12
CA GLU F 97 -19.27 -53.75 -47.77
C GLU F 97 -19.14 -52.62 -46.76
N ILE F 98 -19.81 -52.79 -45.61
CA ILE F 98 -19.81 -51.81 -44.53
C ILE F 98 -19.58 -52.54 -43.22
N GLU F 99 -19.13 -51.78 -42.22
CA GLU F 99 -18.84 -52.32 -40.90
C GLU F 99 -20.13 -52.54 -40.10
N LYS F 100 -20.01 -53.32 -39.02
CA LYS F 100 -21.06 -53.41 -38.03
C LYS F 100 -21.07 -52.14 -37.17
N PRO F 101 -22.22 -51.48 -37.00
CA PRO F 101 -22.24 -50.18 -36.33
C PRO F 101 -21.88 -50.22 -34.85
N THR F 102 -21.56 -51.39 -34.29
CA THR F 102 -20.97 -51.60 -32.97
C THR F 102 -21.48 -50.67 -31.87
N GLU F 103 -22.79 -50.38 -31.86
CA GLU F 103 -23.37 -49.56 -30.81
C GLU F 103 -24.31 -50.30 -29.88
N ASP F 104 -25.17 -51.16 -30.44
CA ASP F 104 -26.08 -52.13 -29.81
C ASP F 104 -27.50 -51.92 -30.31
N GLU F 105 -27.97 -50.68 -30.33
CA GLU F 105 -29.28 -50.40 -30.93
C GLU F 105 -29.28 -50.76 -32.40
N LEU F 106 -28.17 -50.50 -33.08
CA LEU F 106 -27.88 -51.11 -34.37
C LEU F 106 -26.87 -52.24 -34.18
N ALA F 107 -26.66 -53.02 -35.26
CA ALA F 107 -25.78 -54.19 -35.28
C ALA F 107 -26.38 -55.35 -34.50
N SER F 108 -27.47 -55.08 -33.78
CA SER F 108 -28.34 -56.13 -33.28
C SER F 108 -29.73 -55.80 -33.83
N LYS F 109 -29.81 -55.67 -35.15
CA LYS F 109 -31.07 -55.67 -35.88
C LYS F 109 -30.86 -56.44 -37.18
N ILE F 110 -29.68 -57.05 -37.32
CA ILE F 110 -29.20 -57.56 -38.60
C ILE F 110 -29.85 -58.89 -38.96
N LYS F 111 -30.18 -59.04 -40.23
CA LYS F 111 -30.73 -60.29 -40.74
C LYS F 111 -30.61 -60.27 -42.25
N PRO F 112 -30.55 -61.43 -42.90
CA PRO F 112 -30.46 -61.45 -44.36
C PRO F 112 -31.66 -60.76 -44.99
N ASN F 113 -31.40 -60.01 -46.06
CA ASN F 113 -32.43 -59.27 -46.81
C ASN F 113 -33.16 -58.27 -45.91
N ALA F 114 -32.42 -57.59 -45.04
CA ALA F 114 -32.96 -56.52 -44.22
C ALA F 114 -32.75 -55.19 -44.93
N GLU F 115 -33.85 -54.47 -45.18
CA GLU F 115 -33.74 -53.16 -45.80
C GLU F 115 -33.18 -52.15 -44.81
N LEU F 116 -32.17 -51.39 -45.24
CA LEU F 116 -31.56 -50.38 -44.40
C LEU F 116 -31.42 -49.08 -45.18
N GLU F 117 -31.23 -47.99 -44.44
CA GLU F 117 -31.01 -46.66 -45.02
C GLU F 117 -29.63 -46.18 -44.57
N TYR F 118 -28.76 -45.93 -45.53
CA TYR F 118 -27.40 -45.49 -45.26
C TYR F 118 -27.13 -44.15 -45.93
N TRP F 119 -26.47 -43.26 -45.20
CA TRP F 119 -26.11 -41.93 -45.69
C TRP F 119 -24.66 -41.91 -46.13
N GLU F 120 -24.40 -41.18 -47.22
CA GLU F 120 -23.06 -41.07 -47.78
C GLU F 120 -22.63 -39.61 -47.70
N ILE F 121 -21.55 -39.33 -46.96
CA ILE F 121 -21.05 -37.98 -46.77
C ILE F 121 -19.54 -37.99 -46.92
N MET F 122 -19.03 -37.11 -47.79
CA MET F 122 -17.62 -36.78 -47.95
C MET F 122 -16.75 -37.97 -48.36
N GLY F 123 -17.34 -39.09 -48.72
CA GLY F 123 -16.59 -40.27 -49.09
C GLY F 123 -16.66 -41.45 -48.13
N ARG F 124 -17.62 -41.45 -47.20
CA ARG F 124 -17.81 -42.56 -46.29
C ARG F 124 -19.31 -42.73 -46.06
N ARG F 125 -19.69 -43.91 -45.58
CA ARG F 125 -21.10 -44.26 -45.39
C ARG F 125 -21.36 -44.66 -43.94
N LYS F 126 -22.61 -44.49 -43.52
CA LYS F 126 -23.02 -44.86 -42.18
C LYS F 126 -24.45 -45.35 -42.19
N ILE F 127 -24.72 -46.43 -41.47
CA ILE F 127 -26.05 -47.01 -41.34
C ILE F 127 -26.81 -46.28 -40.24
N VAL F 128 -28.10 -46.10 -40.43
CA VAL F 128 -28.94 -45.36 -39.48
C VAL F 128 -30.08 -46.23 -38.98
N ARG F 129 -30.93 -46.70 -39.88
CA ARG F 129 -32.16 -47.39 -39.52
C ARG F 129 -32.24 -48.73 -40.23
N VAL F 130 -33.09 -49.62 -39.69
CA VAL F 130 -33.32 -50.94 -40.25
C VAL F 130 -34.81 -51.16 -40.49
N LYS F 131 -35.62 -50.92 -39.46
CA LYS F 131 -37.05 -51.24 -39.48
C LYS F 131 -37.27 -52.73 -39.70
N ILE G 3 19.56 29.11 49.42
CA ILE G 3 19.49 28.77 48.00
C ILE G 3 20.84 28.30 47.47
N THR G 4 21.58 29.19 46.81
CA THR G 4 22.79 28.83 46.06
C THR G 4 22.34 27.90 44.94
N TYR G 5 23.23 27.06 44.41
CA TYR G 5 22.83 26.17 43.34
C TYR G 5 23.58 24.86 43.41
N THR G 6 22.90 23.80 42.93
CA THR G 6 23.50 22.49 42.73
C THR G 6 22.98 21.94 41.40
N THR G 7 23.69 20.95 40.87
CA THR G 7 23.28 20.30 39.64
C THR G 7 22.34 19.13 39.95
N VAL G 8 21.31 18.98 39.11
CA VAL G 8 20.33 17.92 39.32
C VAL G 8 20.99 16.55 39.30
N GLY G 9 22.11 16.42 38.59
CA GLY G 9 22.84 15.16 38.61
C GLY G 9 23.54 14.89 39.92
N GLU G 10 23.90 15.94 40.66
CA GLU G 10 24.48 15.74 41.99
C GLU G 10 23.44 15.30 43.00
N LEU G 11 22.15 15.46 42.70
CA LEU G 11 21.10 15.10 43.64
C LEU G 11 21.02 13.60 43.82
N LYS G 12 20.87 13.17 45.07
CA LYS G 12 20.78 11.76 45.43
C LYS G 12 19.85 11.64 46.62
N VAL G 13 19.31 10.43 46.81
CA VAL G 13 18.29 10.19 47.82
C VAL G 13 18.72 10.76 49.15
N GLY G 14 17.85 11.57 49.76
CA GLY G 14 18.14 12.26 50.99
C GLY G 14 18.55 13.71 50.82
N SER G 15 18.93 14.12 49.61
CA SER G 15 19.32 15.50 49.37
C SER G 15 18.08 16.41 49.43
N TYR G 16 18.35 17.71 49.49
CA TYR G 16 17.28 18.71 49.58
C TYR G 16 17.37 19.67 48.40
N VAL G 17 16.19 20.13 47.98
CA VAL G 17 16.06 20.92 46.76
C VAL G 17 14.77 21.71 46.86
N VAL G 18 14.75 22.89 46.24
CA VAL G 18 13.53 23.69 46.16
C VAL G 18 12.79 23.33 44.88
N ILE G 19 11.48 23.11 44.99
CA ILE G 19 10.61 22.87 43.86
C ILE G 19 9.36 23.73 44.06
N ASP G 20 9.07 24.60 43.10
CA ASP G 20 7.94 25.53 43.17
C ASP G 20 8.00 26.40 44.43
N GLY G 21 9.22 26.76 44.85
CA GLY G 21 9.42 27.62 45.99
C GLY G 21 9.46 26.93 47.34
N GLU G 22 9.18 25.63 47.39
CA GLU G 22 9.12 24.90 48.64
C GLU G 22 10.30 23.95 48.76
N PRO G 23 11.02 23.97 49.88
CA PRO G 23 12.09 22.98 50.08
C PRO G 23 11.53 21.56 50.12
N CYS G 24 12.26 20.63 49.51
CA CYS G 24 11.80 19.25 49.42
C CYS G 24 12.98 18.32 49.62
N ARG G 25 12.68 17.13 50.15
CA ARG G 25 13.67 16.07 50.34
C ARG G 25 13.46 15.02 49.26
N VAL G 26 14.45 14.83 48.41
CA VAL G 26 14.33 13.86 47.32
C VAL G 26 14.27 12.46 47.90
N VAL G 27 13.40 11.63 47.32
CA VAL G 27 13.19 10.27 47.80
C VAL G 27 13.52 9.28 46.68
N GLU G 28 13.37 9.72 45.44
CA GLU G 28 13.66 8.90 44.28
C GLU G 28 14.49 9.69 43.27
N VAL G 29 15.36 8.97 42.56
CA VAL G 29 16.17 9.54 41.48
C VAL G 29 16.30 8.49 40.40
N THR G 30 15.86 8.82 39.18
CA THR G 30 15.95 7.91 38.04
C THR G 30 16.67 8.61 36.90
N LYS G 31 17.63 7.91 36.29
CA LYS G 31 18.48 8.48 35.25
C LYS G 31 18.01 8.05 33.86
N ALA G 32 18.46 8.81 32.85
CA ALA G 32 18.13 8.51 31.45
C ALA G 32 19.30 8.97 30.57
N LYS G 33 20.21 8.05 30.28
CA LYS G 33 21.32 8.32 29.37
C LYS G 33 20.84 8.16 27.94
N THR G 34 20.62 9.28 27.24
CA THR G 34 19.78 9.26 26.06
C THR G 34 20.29 10.24 25.01
N GLY G 35 19.56 10.27 23.89
CA GLY G 35 19.64 11.29 22.85
C GLY G 35 18.24 11.56 22.31
N LYS G 36 18.14 12.25 21.17
CA LYS G 36 16.90 12.58 20.47
C LYS G 36 16.09 13.64 21.22
N HIS G 37 16.49 13.92 22.45
CA HIS G 37 16.03 15.10 23.17
C HIS G 37 17.17 15.90 23.75
N GLY G 38 18.35 15.30 23.90
CA GLY G 38 19.54 16.02 24.31
C GLY G 38 20.40 15.25 25.29
N SER G 39 21.01 15.97 26.23
CA SER G 39 21.94 15.37 27.17
C SER G 39 21.24 14.43 28.15
N ALA G 40 22.04 13.71 28.92
CA ALA G 40 21.52 12.77 29.90
C ALA G 40 20.69 13.51 30.94
N LYS G 41 19.62 12.85 31.39
CA LYS G 41 18.63 13.48 32.25
C LYS G 41 18.42 12.67 33.51
N ALA G 42 17.81 13.32 34.50
CA ALA G 42 17.40 12.67 35.74
C ALA G 42 16.02 13.18 36.12
N ASN G 43 15.19 12.25 36.58
CA ASN G 43 13.88 12.58 37.16
C ASN G 43 13.97 12.38 38.66
N VAL G 44 13.69 13.43 39.42
CA VAL G 44 13.79 13.42 40.87
C VAL G 44 12.39 13.52 41.46
N VAL G 45 12.08 12.63 42.40
CA VAL G 45 10.84 12.67 43.16
C VAL G 45 11.18 13.14 44.57
N ALA G 46 10.48 14.16 45.04
CA ALA G 46 10.81 14.77 46.31
C ALA G 46 9.53 15.08 47.09
N ILE G 47 9.64 15.07 48.41
CA ILE G 47 8.54 15.38 49.31
C ILE G 47 8.81 16.74 49.93
N GLY G 48 7.87 17.66 49.77
CA GLY G 48 7.94 18.91 50.49
C GLY G 48 7.91 18.68 51.99
N VAL G 49 8.91 19.19 52.71
CA VAL G 49 8.96 18.95 54.15
C VAL G 49 7.87 19.72 54.89
N PHE G 50 7.37 20.81 54.32
CA PHE G 50 6.28 21.56 54.94
C PHE G 50 4.92 21.04 54.49
N SER G 51 4.66 21.09 53.18
CA SER G 51 3.35 20.73 52.65
C SER G 51 3.14 19.21 52.58
N GLY G 52 4.22 18.42 52.53
CA GLY G 52 4.11 16.99 52.42
C GLY G 52 3.79 16.48 51.04
N ALA G 53 3.56 17.36 50.08
CA ALA G 53 3.15 16.95 48.74
C ALA G 53 4.33 16.37 47.95
N LYS G 54 4.01 15.48 47.02
CA LYS G 54 5.01 14.89 46.15
C LYS G 54 5.27 15.83 44.97
N LYS G 55 6.54 16.16 44.76
CA LYS G 55 6.95 17.04 43.67
C LYS G 55 7.99 16.34 42.80
N THR G 56 7.85 16.48 41.50
CA THR G 56 8.76 15.87 40.54
C THR G 56 9.45 16.96 39.72
N LEU G 57 10.68 16.65 39.29
CA LEU G 57 11.44 17.55 38.44
C LEU G 57 12.29 16.72 37.49
N MET G 58 12.18 16.99 36.20
CA MET G 58 12.93 16.30 35.16
C MET G 58 13.70 17.33 34.36
N ALA G 59 15.01 17.15 34.27
CA ALA G 59 15.87 18.17 33.67
C ALA G 59 17.18 17.50 33.27
N PRO G 60 17.98 18.15 32.43
CA PRO G 60 19.31 17.61 32.11
C PRO G 60 20.20 17.53 33.34
N VAL G 61 21.17 16.61 33.28
CA VAL G 61 22.05 16.35 34.41
C VAL G 61 22.84 17.57 34.84
N ASP G 62 23.05 18.53 33.93
CA ASP G 62 23.83 19.73 34.21
C ASP G 62 22.97 20.92 34.61
N GLN G 63 21.66 20.76 34.70
CA GLN G 63 20.79 21.87 35.07
C GLN G 63 21.07 22.32 36.50
N GLN G 64 21.11 23.63 36.69
CA GLN G 64 21.33 24.20 38.01
C GLN G 64 20.00 24.32 38.76
N VAL G 65 20.02 23.93 40.02
CA VAL G 65 18.83 23.98 40.87
C VAL G 65 19.23 24.46 42.26
N GLU G 66 18.30 25.08 42.96
CA GLU G 66 18.58 25.73 44.23
C GLU G 66 18.31 24.78 45.38
N VAL G 67 19.14 24.87 46.41
CA VAL G 67 19.08 23.99 47.57
C VAL G 67 18.81 24.84 48.81
N PRO G 68 17.79 24.54 49.61
CA PRO G 68 17.62 25.25 50.88
C PRO G 68 18.75 24.90 51.84
N ILE G 69 19.44 25.93 52.34
CA ILE G 69 20.51 25.70 53.29
C ILE G 69 19.91 25.31 54.63
N ILE G 70 20.57 24.40 55.33
CA ILE G 70 20.03 23.75 56.53
C ILE G 70 20.77 24.28 57.75
N GLU G 71 20.01 24.71 58.76
CA GLU G 71 20.58 25.28 59.99
C GLU G 71 20.02 24.50 61.18
N LYS G 72 20.92 23.95 61.99
CA LYS G 72 20.56 23.01 63.06
C LYS G 72 20.57 23.75 64.40
N HIS G 73 19.46 24.42 64.69
CA HIS G 73 19.32 25.15 65.94
C HIS G 73 18.77 24.23 67.04
N ILE G 74 19.01 24.62 68.29
CA ILE G 74 18.60 23.84 69.46
C ILE G 74 17.93 24.77 70.46
N GLY G 75 16.69 24.48 70.83
CA GLY G 75 15.93 25.39 71.68
C GLY G 75 15.13 24.76 72.80
N GLN G 76 14.16 25.50 73.33
CA GLN G 76 13.36 25.03 74.47
C GLN G 76 12.02 25.75 74.46
N ILE G 77 11.14 25.36 75.39
CA ILE G 77 9.76 25.84 75.44
C ILE G 77 9.31 25.91 76.89
N ILE G 78 8.51 26.93 77.22
CA ILE G 78 7.93 27.05 78.56
C ILE G 78 6.40 26.88 78.55
N ALA G 79 5.70 27.29 77.50
CA ALA G 79 4.24 27.31 77.48
C ALA G 79 3.67 26.17 76.64
N ASP G 80 2.35 25.99 76.73
CA ASP G 80 1.66 24.88 76.09
C ASP G 80 0.30 25.30 75.52
N MET G 81 0.24 26.44 74.84
CA MET G 81 -0.98 26.83 74.13
C MET G 81 -1.24 25.83 73.00
N GLY G 82 -2.52 25.52 72.79
CA GLY G 82 -2.88 24.45 71.89
C GLY G 82 -2.41 24.68 70.45
N ASN G 83 -2.63 25.87 69.91
CA ASN G 83 -2.27 26.08 68.51
C ASN G 83 -0.77 26.25 68.34
N LYS G 84 -0.18 27.26 68.97
CA LYS G 84 1.24 27.53 68.77
C LYS G 84 2.02 27.29 70.06
N ILE G 85 3.34 27.48 69.96
CA ILE G 85 4.25 27.25 71.07
C ILE G 85 5.45 28.16 70.84
N GLN G 86 6.12 28.55 71.93
CA GLN G 86 7.07 29.65 71.88
C GLN G 86 8.46 29.30 72.42
N VAL G 87 9.26 30.35 72.71
CA VAL G 87 10.39 30.34 73.65
C VAL G 87 11.72 30.13 72.92
N MET G 88 12.83 30.26 73.65
CA MET G 88 14.13 30.67 73.14
C MET G 88 14.96 29.53 72.56
N ASP G 89 15.82 29.89 71.62
CA ASP G 89 16.90 29.05 71.13
C ASP G 89 18.07 29.13 72.11
N LEU G 90 18.81 28.02 72.24
CA LEU G 90 19.88 27.96 73.23
C LEU G 90 20.93 29.05 72.99
N GLU G 91 21.27 29.30 71.74
CA GLU G 91 22.06 30.46 71.37
C GLU G 91 21.14 31.64 71.09
N SER G 92 21.55 32.83 71.53
CA SER G 92 20.85 34.09 71.29
C SER G 92 19.58 34.24 72.12
N TYR G 93 19.18 33.19 72.83
CA TYR G 93 18.09 33.23 73.82
C TYR G 93 16.85 34.01 73.36
N GLU G 94 16.42 33.84 72.11
CA GLU G 94 15.37 34.68 71.54
C GLU G 94 14.02 33.94 71.55
N THR G 95 13.00 34.61 72.09
CA THR G 95 11.67 34.02 72.28
C THR G 95 10.75 34.44 71.14
N PHE G 96 10.18 33.46 70.43
CA PHE G 96 9.13 33.68 69.45
C PHE G 96 8.35 32.37 69.31
N GLU G 97 7.35 32.37 68.43
CA GLU G 97 6.31 31.35 68.41
C GLU G 97 6.44 30.41 67.22
N ILE G 98 6.17 29.12 67.46
CA ILE G 98 6.16 28.07 66.44
C ILE G 98 4.87 27.26 66.60
N GLU G 99 4.53 26.54 65.54
CA GLU G 99 3.37 25.64 65.54
C GLU G 99 3.81 24.22 65.91
N LYS G 100 2.87 23.46 66.45
CA LYS G 100 3.16 22.07 66.79
C LYS G 100 3.40 21.25 65.52
N PRO G 101 4.24 20.21 65.59
CA PRO G 101 4.45 19.37 64.40
C PRO G 101 3.34 18.36 64.14
N THR G 102 2.37 18.22 65.05
CA THR G 102 1.07 17.61 64.80
C THR G 102 1.11 16.12 64.44
N GLU G 103 2.29 15.53 64.36
CA GLU G 103 2.41 14.12 63.99
C GLU G 103 2.35 13.24 65.23
N ASP G 104 2.16 11.95 65.00
CA ASP G 104 2.43 11.00 66.07
C ASP G 104 3.93 10.92 66.30
N GLU G 105 4.32 10.25 67.40
CA GLU G 105 5.67 10.14 67.95
C GLU G 105 6.22 11.47 68.43
N LEU G 106 5.47 12.55 68.27
CA LEU G 106 5.91 13.83 68.82
C LEU G 106 4.80 14.49 69.65
N ALA G 107 3.55 14.23 69.29
CA ALA G 107 2.44 14.75 70.07
C ALA G 107 2.39 14.09 71.44
N SER G 108 1.92 14.85 72.42
CA SER G 108 1.76 14.48 73.83
C SER G 108 3.09 14.47 74.59
N LYS G 109 4.21 14.78 73.95
CA LYS G 109 5.48 14.94 74.66
C LYS G 109 5.96 16.38 74.68
N ILE G 110 5.17 17.32 74.17
CA ILE G 110 5.49 18.74 74.32
C ILE G 110 5.10 19.16 75.75
N LYS G 111 6.07 19.72 76.46
CA LYS G 111 5.90 20.05 77.87
C LYS G 111 6.67 21.32 78.16
N PRO G 112 6.36 22.02 79.25
CA PRO G 112 7.21 23.13 79.68
C PRO G 112 8.64 22.65 79.93
N ASN G 113 9.60 23.48 79.52
CA ASN G 113 11.02 23.17 79.66
C ASN G 113 11.39 21.85 78.99
N ALA G 114 10.82 21.61 77.81
CA ALA G 114 11.14 20.45 77.00
C ALA G 114 12.13 20.87 75.91
N GLU G 115 13.32 20.29 75.93
CA GLU G 115 14.37 20.68 74.99
C GLU G 115 14.14 20.00 73.64
N LEU G 116 14.16 20.80 72.58
CA LEU G 116 13.92 20.31 71.23
C LEU G 116 14.95 20.88 70.28
N GLU G 117 15.16 20.16 69.17
CA GLU G 117 16.02 20.63 68.10
C GLU G 117 15.14 20.96 66.90
N TYR G 118 15.34 22.15 66.34
CA TYR G 118 14.51 22.62 65.24
C TYR G 118 15.38 23.07 64.08
N TRP G 119 14.95 22.71 62.87
CA TRP G 119 15.65 23.04 61.64
C TRP G 119 15.06 24.30 61.02
N GLU G 120 15.94 25.19 60.54
CA GLU G 120 15.52 26.39 59.82
C GLU G 120 15.89 26.22 58.36
N ILE G 121 14.89 26.37 57.48
CA ILE G 121 15.09 26.23 56.05
C ILE G 121 14.53 27.47 55.36
N MET G 122 15.36 28.10 54.53
CA MET G 122 14.97 29.29 53.76
C MET G 122 14.39 30.39 54.64
N GLY G 123 13.11 30.29 54.98
CA GLY G 123 12.47 31.35 55.75
C GLY G 123 11.57 30.88 56.88
N ARG G 124 11.56 29.57 57.16
CA ARG G 124 10.66 29.02 58.18
C ARG G 124 11.43 27.98 58.99
N ARG G 125 10.71 27.20 59.78
CA ARG G 125 11.30 26.36 60.80
C ARG G 125 10.42 25.14 61.04
N LYS G 126 11.00 24.09 61.62
CA LYS G 126 10.27 22.84 61.81
C LYS G 126 10.92 21.99 62.90
N ILE G 127 10.09 21.27 63.65
CA ILE G 127 10.48 20.40 64.76
C ILE G 127 10.55 18.96 64.27
N VAL G 128 11.58 18.23 64.71
CA VAL G 128 11.61 16.78 64.47
C VAL G 128 11.92 16.00 65.75
N ARG G 129 13.06 16.29 66.38
CA ARG G 129 13.69 15.33 67.28
C ARG G 129 13.23 15.44 68.73
N VAL G 130 13.44 16.60 69.35
CA VAL G 130 13.22 16.84 70.78
C VAL G 130 14.23 16.05 71.60
N LYS G 131 14.94 16.74 72.50
CA LYS G 131 15.94 16.11 73.34
C LYS G 131 15.49 16.07 74.81
N ILE H 3 -25.12 42.75 33.81
CA ILE H 3 -24.88 41.52 33.08
C ILE H 3 -26.20 40.98 32.52
N THR H 4 -26.91 41.83 31.78
CA THR H 4 -28.10 41.37 31.08
C THR H 4 -27.69 40.33 30.03
N TYR H 5 -28.55 39.34 29.82
CA TYR H 5 -28.21 38.18 29.01
C TYR H 5 -28.97 38.18 27.70
N THR H 6 -28.30 37.77 26.63
CA THR H 6 -28.91 37.59 25.32
C THR H 6 -28.26 36.38 24.65
N THR H 7 -28.80 35.99 23.50
CA THR H 7 -28.26 34.90 22.72
C THR H 7 -27.39 35.43 21.59
N VAL H 8 -26.44 34.61 21.15
CA VAL H 8 -25.47 35.05 20.15
C VAL H 8 -26.16 35.36 18.83
N GLY H 9 -27.17 34.55 18.45
CA GLY H 9 -27.89 34.81 17.23
C GLY H 9 -28.59 36.15 17.19
N GLU H 10 -28.91 36.72 18.36
CA GLU H 10 -29.55 38.03 18.42
C GLU H 10 -28.58 39.18 18.18
N LEU H 11 -27.28 38.94 18.28
CA LEU H 11 -26.31 40.02 18.20
C LEU H 11 -26.25 40.59 16.79
N LYS H 12 -26.02 41.91 16.72
CA LYS H 12 -25.86 42.62 15.46
C LYS H 12 -24.97 43.82 15.69
N VAL H 13 -24.39 44.33 14.59
CA VAL H 13 -23.41 45.39 14.67
C VAL H 13 -23.96 46.58 15.45
N GLY H 14 -23.17 47.07 16.40
CA GLY H 14 -23.54 48.18 17.25
C GLY H 14 -23.90 47.77 18.67
N SER H 15 -24.32 46.52 18.86
CA SER H 15 -24.68 46.03 20.19
C SER H 15 -23.44 45.92 21.07
N TYR H 16 -23.66 45.58 22.34
CA TYR H 16 -22.58 45.42 23.30
C TYR H 16 -22.62 44.02 23.89
N VAL H 17 -21.44 43.53 24.28
CA VAL H 17 -21.29 42.16 24.75
C VAL H 17 -20.01 42.08 25.58
N VAL H 18 -19.95 41.08 26.45
CA VAL H 18 -18.79 40.87 27.31
C VAL H 18 -17.94 39.74 26.72
N ILE H 19 -16.69 40.05 26.39
CA ILE H 19 -15.74 39.07 25.88
C ILE H 19 -14.48 39.15 26.72
N ASP H 20 -14.05 38.02 27.27
CA ASP H 20 -12.88 37.94 28.14
C ASP H 20 -13.02 38.85 29.36
N GLY H 21 -14.26 39.10 29.78
CA GLY H 21 -14.54 39.91 30.95
C GLY H 21 -14.74 41.39 30.65
N GLU H 22 -14.28 41.86 29.49
CA GLU H 22 -14.36 43.27 29.10
C GLU H 22 -15.61 43.50 28.26
N PRO H 23 -16.33 44.61 28.50
CA PRO H 23 -17.44 44.96 27.60
C PRO H 23 -16.91 45.43 26.26
N CYS H 24 -17.60 45.03 25.19
CA CYS H 24 -17.14 45.28 23.83
C CYS H 24 -18.30 45.75 22.97
N ARG H 25 -17.98 46.54 21.96
CA ARG H 25 -18.94 46.98 20.95
C ARG H 25 -18.69 46.17 19.68
N VAL H 26 -19.67 45.35 19.30
CA VAL H 26 -19.48 44.45 18.16
C VAL H 26 -19.49 45.26 16.86
N VAL H 27 -18.62 44.87 15.93
CA VAL H 27 -18.44 45.58 14.67
C VAL H 27 -18.75 44.65 13.50
N GLU H 28 -18.54 43.35 13.71
CA GLU H 28 -18.76 42.37 12.64
C GLU H 28 -19.43 41.12 13.20
N VAL H 29 -20.36 40.56 12.43
CA VAL H 29 -21.03 39.30 12.75
C VAL H 29 -21.10 38.46 11.48
N THR H 30 -20.72 37.18 11.58
CA THR H 30 -20.69 36.29 10.42
C THR H 30 -21.28 34.93 10.78
N LYS H 31 -22.07 34.37 9.88
CA LYS H 31 -22.84 33.16 10.08
C LYS H 31 -22.17 31.95 9.41
N ALA H 32 -22.52 30.75 9.87
CA ALA H 32 -21.80 29.52 9.51
C ALA H 32 -22.65 28.50 8.77
N LYS H 33 -23.86 28.18 9.29
CA LYS H 33 -24.85 27.30 8.65
C LYS H 33 -24.34 25.87 8.45
N THR H 34 -23.68 25.30 9.46
CA THR H 34 -23.03 24.01 9.30
C THR H 34 -23.49 22.99 10.33
N GLY H 35 -23.26 21.71 9.98
CA GLY H 35 -23.27 20.61 10.92
C GLY H 35 -21.89 20.01 11.11
N LYS H 36 -21.88 18.78 11.62
CA LYS H 36 -20.67 17.99 11.89
C LYS H 36 -19.87 18.52 13.08
N HIS H 37 -20.28 19.67 13.62
CA HIS H 37 -19.72 20.15 14.88
C HIS H 37 -20.77 20.81 15.74
N GLY H 38 -22.05 20.77 15.36
CA GLY H 38 -23.14 21.27 16.15
C GLY H 38 -24.08 22.12 15.31
N SER H 39 -24.93 22.87 16.01
CA SER H 39 -25.90 23.72 15.37
C SER H 39 -25.21 24.88 14.63
N ALA H 40 -26.01 25.64 13.89
CA ALA H 40 -25.48 26.79 13.17
C ALA H 40 -24.88 27.80 14.14
N LYS H 41 -23.71 28.32 13.79
CA LYS H 41 -22.95 29.19 14.66
C LYS H 41 -22.84 30.59 14.05
N ALA H 42 -22.27 31.49 14.83
CA ALA H 42 -21.96 32.84 14.38
C ALA H 42 -20.64 33.29 14.99
N ASN H 43 -19.94 34.15 14.27
CA ASN H 43 -18.70 34.75 14.75
C ASN H 43 -18.90 36.25 14.86
N VAL H 44 -18.65 36.80 16.04
CA VAL H 44 -18.81 38.23 16.29
C VAL H 44 -17.42 38.83 16.54
N VAL H 45 -17.16 39.97 15.90
CA VAL H 45 -15.95 40.74 16.10
C VAL H 45 -16.34 42.01 16.84
N ALA H 46 -15.59 42.34 17.88
CA ALA H 46 -15.93 43.46 18.74
C ALA H 46 -14.68 44.16 19.22
N ILE H 47 -14.81 45.46 19.48
CA ILE H 47 -13.72 46.29 19.97
C ILE H 47 -13.98 46.61 21.44
N GLY H 48 -13.01 46.29 22.29
CA GLY H 48 -13.12 46.58 23.71
C GLY H 48 -13.30 48.06 23.97
N VAL H 49 -14.28 48.42 24.80
CA VAL H 49 -14.54 49.82 25.09
C VAL H 49 -13.34 50.45 25.78
N PHE H 50 -12.74 49.73 26.73
CA PHE H 50 -11.67 50.28 27.56
C PHE H 50 -10.29 50.04 26.96
N SER H 51 -9.99 48.80 26.59
CA SER H 51 -8.67 48.47 26.06
C SER H 51 -8.52 48.78 24.58
N GLY H 52 -9.63 48.88 23.84
CA GLY H 52 -9.57 49.12 22.42
C GLY H 52 -9.12 47.94 21.58
N ALA H 53 -8.89 46.79 22.19
CA ALA H 53 -8.43 45.62 21.46
C ALA H 53 -9.59 44.94 20.72
N LYS H 54 -9.24 44.18 19.70
CA LYS H 54 -10.20 43.43 18.91
C LYS H 54 -10.46 42.09 19.57
N LYS H 55 -11.67 41.88 20.06
CA LYS H 55 -12.07 40.64 20.72
C LYS H 55 -13.07 39.90 19.85
N THR H 56 -12.93 38.57 19.79
CA THR H 56 -13.76 37.73 18.95
C THR H 56 -14.47 36.68 19.79
N LEU H 57 -15.64 36.26 19.31
CA LEU H 57 -16.44 35.27 20.00
C LEU H 57 -17.22 34.46 18.98
N MET H 58 -17.00 33.15 18.96
CA MET H 58 -17.74 32.24 18.11
C MET H 58 -18.48 31.24 18.99
N ALA H 59 -19.75 31.02 18.70
CA ALA H 59 -20.60 30.16 19.49
C ALA H 59 -21.86 29.85 18.68
N PRO H 60 -22.62 28.83 19.07
CA PRO H 60 -23.92 28.59 18.42
C PRO H 60 -24.85 29.78 18.63
N VAL H 61 -25.80 29.93 17.68
CA VAL H 61 -26.68 31.10 17.69
C VAL H 61 -27.52 31.15 18.96
N ASP H 62 -27.81 29.99 19.56
CA ASP H 62 -28.64 29.94 20.76
C ASP H 62 -27.83 30.02 22.04
N GLN H 63 -26.51 30.16 21.95
CA GLN H 63 -25.69 30.27 23.15
C GLN H 63 -25.97 31.56 23.89
N GLN H 64 -26.06 31.46 25.21
CA GLN H 64 -26.38 32.59 26.08
C GLN H 64 -25.11 33.38 26.40
N VAL H 65 -25.17 34.70 26.21
CA VAL H 65 -24.01 35.56 26.38
C VAL H 65 -24.41 36.80 27.18
N GLU H 66 -23.41 37.41 27.81
CA GLU H 66 -23.62 38.51 28.75
C GLU H 66 -23.55 39.86 28.04
N VAL H 67 -24.50 40.73 28.35
CA VAL H 67 -24.52 42.11 27.85
C VAL H 67 -24.24 43.05 29.01
N PRO H 68 -23.25 43.93 28.91
CA PRO H 68 -23.03 44.89 29.98
C PRO H 68 -24.10 45.97 30.01
N ILE H 69 -24.34 46.50 31.21
CA ILE H 69 -25.34 47.55 31.40
C ILE H 69 -24.63 48.91 31.36
N ILE H 70 -25.18 49.82 30.57
CA ILE H 70 -24.57 51.14 30.34
C ILE H 70 -25.21 52.14 31.28
N GLU H 71 -24.38 52.90 32.00
CA GLU H 71 -24.83 53.95 32.90
C GLU H 71 -24.22 55.27 32.41
N LYS H 72 -25.01 56.05 31.68
CA LYS H 72 -24.54 57.30 31.09
C LYS H 72 -24.75 58.43 32.10
N HIS H 73 -23.70 58.71 32.88
CA HIS H 73 -23.72 59.85 33.78
C HIS H 73 -23.19 61.09 33.06
N ILE H 74 -23.39 62.25 33.69
CA ILE H 74 -22.92 63.53 33.16
C ILE H 74 -22.17 64.26 34.26
N GLY H 75 -21.07 64.91 33.89
CA GLY H 75 -20.19 65.51 34.88
C GLY H 75 -19.33 66.63 34.35
N GLN H 76 -18.29 66.96 35.11
CA GLN H 76 -17.40 68.07 34.81
C GLN H 76 -16.05 67.81 35.48
N ILE H 77 -15.01 68.46 34.96
CA ILE H 77 -13.65 68.31 35.48
C ILE H 77 -13.38 69.38 36.53
N ILE H 78 -12.63 69.00 37.56
CA ILE H 78 -12.19 69.95 38.58
C ILE H 78 -10.72 70.28 38.38
N ALA H 79 -9.86 69.26 38.49
CA ALA H 79 -8.42 69.44 38.49
C ALA H 79 -7.79 68.75 37.28
N ASP H 80 -6.56 69.16 36.97
CA ASP H 80 -5.90 68.87 35.70
C ASP H 80 -4.45 68.44 35.90
N MET H 81 -4.24 67.43 36.75
CA MET H 81 -2.88 67.03 37.12
C MET H 81 -2.00 66.78 35.90
N GLY H 82 -2.48 65.99 34.94
CA GLY H 82 -1.70 65.65 33.77
C GLY H 82 -1.67 64.17 33.48
N ASN H 83 -1.71 63.36 34.53
CA ASN H 83 -1.84 61.91 34.41
C ASN H 83 -3.26 61.42 34.64
N LYS H 84 -3.94 61.96 35.66
CA LYS H 84 -5.35 61.71 35.89
C LYS H 84 -6.06 63.06 36.01
N ILE H 85 -7.39 63.03 35.97
CA ILE H 85 -8.21 64.20 36.18
C ILE H 85 -9.30 63.87 37.20
N GLN H 86 -9.75 64.89 37.92
CA GLN H 86 -10.82 64.73 38.90
C GLN H 86 -12.13 65.23 38.31
N VAL H 87 -13.19 64.46 38.51
CA VAL H 87 -14.48 64.70 37.87
C VAL H 87 -15.58 64.71 38.93
N MET H 88 -16.53 65.63 38.77
CA MET H 88 -17.73 65.68 39.60
C MET H 88 -18.96 65.56 38.70
N ASP H 89 -19.84 64.62 39.02
CA ASP H 89 -21.07 64.45 38.26
C ASP H 89 -22.08 65.54 38.61
N LEU H 90 -22.86 65.94 37.60
CA LEU H 90 -23.84 67.00 37.80
C LEU H 90 -24.89 66.62 38.85
N GLU H 91 -25.41 65.40 38.75
CA GLU H 91 -26.30 64.86 39.78
C GLU H 91 -25.48 64.06 40.78
N SER H 92 -25.92 64.10 42.04
CA SER H 92 -25.26 63.36 43.11
C SER H 92 -23.77 63.71 43.19
N TYR H 93 -23.50 64.98 43.50
CA TYR H 93 -22.16 65.54 43.49
C TYR H 93 -21.17 64.64 44.22
N GLU H 94 -20.18 64.10 43.50
CA GLU H 94 -19.21 63.19 44.07
C GLU H 94 -17.92 63.28 43.26
N THR H 95 -16.79 63.14 43.95
CA THR H 95 -15.48 63.27 43.33
C THR H 95 -14.86 61.90 43.09
N PHE H 96 -14.12 61.79 41.99
CA PHE H 96 -13.34 60.61 41.68
C PHE H 96 -12.21 61.03 40.74
N GLU H 97 -11.31 60.09 40.44
CA GLU H 97 -10.18 60.34 39.56
C GLU H 97 -10.19 59.35 38.41
N ILE H 98 -9.89 59.85 37.20
CA ILE H 98 -9.97 59.05 35.99
C ILE H 98 -8.86 59.50 35.04
N GLU H 99 -8.37 58.56 34.24
CA GLU H 99 -7.33 58.86 33.27
C GLU H 99 -7.84 59.82 32.20
N LYS H 100 -6.94 60.64 31.66
CA LYS H 100 -7.29 61.51 30.56
C LYS H 100 -7.52 60.69 29.30
N PRO H 101 -8.54 61.03 28.50
CA PRO H 101 -8.86 60.22 27.32
C PRO H 101 -7.79 60.33 26.25
N THR H 102 -7.20 59.19 25.89
CA THR H 102 -6.14 59.16 24.89
C THR H 102 -6.67 59.25 23.46
N GLU H 103 -7.97 59.43 23.27
CA GLU H 103 -8.54 59.57 21.94
C GLU H 103 -8.30 60.99 21.41
N ASP H 104 -8.34 61.11 20.08
CA ASP H 104 -7.97 62.37 19.44
C ASP H 104 -9.00 63.47 19.72
N GLU H 105 -10.29 63.17 19.56
CA GLU H 105 -11.32 64.19 19.69
C GLU H 105 -11.54 64.60 21.14
N LEU H 106 -11.14 63.77 22.10
CA LEU H 106 -11.38 64.06 23.51
C LEU H 106 -10.18 64.64 24.24
N ALA H 107 -8.95 64.28 23.83
CA ALA H 107 -7.75 64.76 24.50
C ALA H 107 -7.46 66.23 24.21
N SER H 108 -8.13 66.83 23.22
CA SER H 108 -7.89 68.22 22.85
C SER H 108 -9.03 69.14 23.28
N LYS H 109 -9.97 68.56 23.98
CA LYS H 109 -11.13 69.33 24.32
C LYS H 109 -11.18 69.45 25.78
N ILE H 110 -10.27 68.78 26.46
CA ILE H 110 -10.23 68.98 27.86
C ILE H 110 -9.85 70.43 28.01
N LYS H 111 -10.55 71.12 28.87
CA LYS H 111 -10.30 72.52 29.07
C LYS H 111 -10.50 72.67 30.52
N PRO H 112 -9.89 73.65 31.12
CA PRO H 112 -10.26 73.82 32.52
C PRO H 112 -11.77 73.72 32.74
N ASN H 113 -12.20 72.96 33.73
CA ASN H 113 -13.62 72.89 34.07
C ASN H 113 -14.59 72.47 32.95
N ALA H 114 -14.20 71.49 32.13
CA ALA H 114 -15.03 71.05 31.00
C ALA H 114 -16.18 70.13 31.35
N GLU H 115 -17.32 70.30 30.70
CA GLU H 115 -18.41 69.36 30.92
C GLU H 115 -18.21 68.14 30.02
N LEU H 116 -18.30 66.95 30.62
CA LEU H 116 -18.10 65.69 29.90
C LEU H 116 -19.25 64.74 30.21
N GLU H 117 -19.36 63.72 29.37
CA GLU H 117 -20.28 62.61 29.57
C GLU H 117 -19.47 61.34 29.75
N TYR H 118 -19.56 60.72 30.92
CA TYR H 118 -18.81 59.51 31.23
C TYR H 118 -19.78 58.36 31.46
N TRP H 119 -19.48 57.22 30.85
CA TRP H 119 -20.30 56.02 31.00
C TRP H 119 -19.71 55.12 32.07
N GLU H 120 -20.58 54.47 32.84
CA GLU H 120 -20.19 53.48 33.83
C GLU H 120 -20.78 52.14 33.41
N ILE H 121 -19.93 51.13 33.30
CA ILE H 121 -20.38 49.88 32.70
C ILE H 121 -20.23 48.72 33.68
N MET H 122 -18.99 48.41 34.04
CA MET H 122 -18.76 47.23 34.86
C MET H 122 -18.26 47.57 36.24
N GLY H 123 -17.72 48.77 36.44
CA GLY H 123 -16.93 49.11 37.59
C GLY H 123 -15.81 50.08 37.28
N ARG H 124 -15.54 50.34 36.00
CA ARG H 124 -14.84 51.54 35.55
C ARG H 124 -15.82 52.62 35.13
N ARG H 125 -15.23 53.69 34.60
CA ARG H 125 -15.92 54.75 33.88
C ARG H 125 -15.08 55.07 32.66
N LYS H 126 -15.73 55.61 31.62
CA LYS H 126 -15.03 55.95 30.40
C LYS H 126 -15.59 57.24 29.81
N ILE H 127 -14.70 58.15 29.41
CA ILE H 127 -15.10 59.41 28.81
C ILE H 127 -15.49 59.16 27.35
N VAL H 128 -16.63 59.71 26.94
CA VAL H 128 -17.11 59.58 25.56
C VAL H 128 -17.15 60.92 24.84
N ARG H 129 -17.51 62.00 25.53
CA ARG H 129 -17.67 63.31 24.90
C ARG H 129 -17.21 64.39 25.87
N VAL H 130 -16.80 65.53 25.30
CA VAL H 130 -16.45 66.71 26.07
C VAL H 130 -17.09 67.93 25.42
N LYS H 131 -17.81 68.72 26.20
CA LYS H 131 -18.36 69.99 25.72
C LYS H 131 -17.59 71.16 26.35
PA NAD I . 2.15 -12.54 -7.59
O1A NAD I . 2.76 -13.14 -6.33
O2A NAD I . 3.12 -11.51 -8.19
O5B NAD I . 0.69 -11.79 -7.18
C5B NAD I . 0.37 -10.54 -7.79
C4B NAD I . -0.74 -9.96 -7.11
O4B NAD I . -1.42 -10.98 -6.27
C3B NAD I . -0.21 -8.87 -6.04
O3B NAD I . -0.09 -7.55 -6.68
C2B NAD I . -1.09 -8.86 -5.17
O2B NAD I . -2.12 -7.83 -5.53
C1B NAD I . -1.80 -10.36 -5.18
N9A NAD I . -1.41 -11.10 -4.02
C8A NAD I . -0.30 -11.81 -3.88
N7A NAD I . -0.28 -12.37 -2.68
C5A NAD I . -1.40 -12.02 -2.02
C6A NAD I . -1.94 -12.29 -0.75
N6A NAD I . -1.20 -13.14 0.18
N1A NAD I . -3.11 -11.76 -0.41
C2A NAD I . -3.78 -10.99 -1.27
N3A NAD I . -3.30 -10.71 -2.47
C4A NAD I . -2.13 -11.20 -2.88
O3 NAD I . 1.88 -13.76 -8.68
PN NAD I . 1.40 -13.58 -10.27
O1N NAD I . 1.10 -12.13 -10.55
O2N NAD I . 0.16 -14.42 -10.53
O5D NAD I . 2.59 -14.08 -11.27
C5D NAD I . 3.88 -14.27 -10.72
C4D NAD I . 4.65 -15.27 -11.61
O4D NAD I . 5.63 -15.79 -10.92
C3D NAD I . 3.74 -16.45 -12.04
O3D NAD I . 3.84 -16.65 -13.41
C2D NAD I . 4.26 -17.65 -11.29
O2D NAD I . 4.12 -18.88 -12.14
C1D NAD I . 5.57 -17.36 -11.12
N1N NAD I . 6.09 -18.02 -9.92
C2N NAD I . 5.82 -17.48 -8.74
C3N NAD I . 6.32 -18.09 -7.57
C7N NAD I . 5.99 -17.45 -6.18
O7N NAD I . 6.04 -16.26 -6.04
N7N NAD I . 5.63 -18.31 -5.07
C4N NAD I . 7.07 -19.23 -7.66
C5N NAD I . 7.34 -19.77 -8.94
C6N NAD I . 6.82 -19.11 -10.06
C1 PEG J . -21.41 -28.98 -0.85
O1 PEG J . -21.89 -28.47 0.36
C2 PEG J . -20.77 -27.84 -1.63
O2 PEG J . -20.86 -28.11 -3.00
C3 PEG J . -22.16 -28.13 -3.50
C4 PEG J . -22.09 -27.98 -5.02
O4 PEG J . -23.13 -27.14 -5.45
PA NAD K . -0.36 -6.41 -13.67
O1A NAD K . -1.23 -5.34 -14.29
O2A NAD K . -1.27 -7.46 -12.95
O5B NAD K . 0.67 -5.69 -12.53
C5B NAD K . 1.36 -6.52 -11.59
C4B NAD K . 2.19 -5.68 -10.80
O4B NAD K . 2.89 -4.70 -11.67
C3B NAD K . 1.31 -4.77 -9.82
O3B NAD K . 1.11 -5.46 -8.52
C2B NAD K . 1.96 -3.73 -9.66
O2B NAD K . 2.76 -3.82 -8.40
C1B NAD K . 2.99 -3.60 -10.95
N9A NAD K . 2.66 -2.45 -11.74
C8A NAD K . 1.75 -2.42 -12.72
N7A NAD K . 1.71 -1.21 -13.23
C5A NAD K . 2.60 -0.43 -12.58
C6A NAD K . 3.00 0.92 -12.66
N6A NAD K . 2.38 1.80 -13.65
N1A NAD K . 3.93 1.38 -11.83
C2A NAD K . 4.49 0.58 -10.94
N3A NAD K . 4.14 -0.70 -10.82
C4A NAD K . 3.21 -1.23 -11.63
O3 NAD K . 0.52 -7.15 -14.85
PN NAD K . 0.88 -8.78 -14.95
O1N NAD K . 0.77 -9.41 -13.59
O2N NAD K . 2.30 -8.96 -15.47
O5D NAD K . -0.17 -9.49 -15.97
C5D NAD K . -1.53 -9.10 -15.89
C4D NAD K . -2.32 -9.80 -16.99
O4D NAD K . -3.23 -9.01 -17.46
C3D NAD K . -1.40 -10.16 -18.19
O3D NAD K . -1.34 -11.54 -18.35
C2D NAD K . -2.04 -9.52 -19.39
O2D NAD K . -1.98 -10.46 -20.55
C1D NAD K . -3.31 -9.32 -19.01
N1N NAD K . -3.93 -8.20 -19.73
C2N NAD K . -3.90 -7.00 -19.14
C3N NAD K . -4.49 -5.91 -19.80
C7N NAD K . -4.48 -4.51 -19.11
O7N NAD K . -5.14 -4.33 -18.12
N7N NAD K . -3.66 -3.44 -19.67
C4N NAD K . -5.08 -6.07 -21.03
C5N NAD K . -5.07 -7.36 -21.61
C6N NAD K . -4.47 -8.42 -20.91
C1 PEG L . 19.78 -10.51 -28.92
O1 PEG L . 19.02 -9.51 -29.53
C2 PEG L . 21.01 -9.88 -28.27
O2 PEG L . 21.99 -10.86 -28.12
C3 PEG L . 23.19 -10.40 -27.56
C4 PEG L . 23.39 -11.08 -26.21
O4 PEG L . 24.76 -11.21 -25.96
C1 PEG M . 22.70 4.26 -27.31
O1 PEG M . 23.26 5.48 -26.92
C2 PEG M . 23.18 3.18 -26.35
O2 PEG M . 22.97 1.93 -26.95
C3 PEG M . 23.57 0.86 -26.29
C4 PEG M . 24.75 0.37 -27.15
O4 PEG M . 25.77 -0.07 -26.29
PA NAD N . 3.22 10.72 9.42
O1A NAD N . 4.71 10.56 9.26
O2A NAD N . 2.71 9.73 10.50
O5B NAD N . 2.47 10.38 7.94
C5B NAD N . 1.04 10.33 7.88
C4B NAD N . 0.65 10.12 6.53
O4B NAD N . 1.26 11.14 5.64
C3B NAD N . 1.23 8.73 5.97
O3B NAD N . 0.30 7.61 6.28
C2B NAD N . 1.31 8.90 4.76
O2B NAD N . 0.03 8.50 4.10
C1B NAD N . 1.57 10.52 4.52
N9A NAD N . 2.94 10.73 4.18
C8A NAD N . 3.96 10.68 5.03
N7A NAD N . 5.08 10.92 4.38
C5A NAD N . 4.78 11.12 3.08
C6A NAD N . 5.53 11.41 1.91
N6A NAD N . 6.98 11.55 1.97
N1A NAD N . 4.90 11.54 0.75
C2A NAD N . 3.58 11.42 0.69
N3A NAD N . 2.84 11.15 1.76
C4A NAD N . 3.41 11.00 2.96
O3 NAD N . 2.88 12.27 9.85
PN NAD N . 2.02 12.76 11.21
O1N NAD N . 0.92 11.77 11.50
O2N NAD N . 1.40 14.12 10.94
O5D NAD N . 3.02 12.86 12.48
C5D NAD N . 2.70 12.15 13.65
C4D NAD N . 3.45 12.78 14.82
O4D NAD N . 4.70 12.44 14.79
C3D NAD N . 3.46 14.34 14.69
O3D NAD N . 2.57 14.91 15.58
C2D NAD N . 4.86 14.78 15.01
O2D NAD N . 4.82 15.79 16.11
C1D NAD N . 5.49 13.66 15.42
N1N NAD N . 6.89 13.65 14.98
C2N NAD N . 7.19 13.05 13.82
C3N NAD N . 8.53 13.03 13.40
C7N NAD N . 8.92 12.36 12.05
O7N NAD N . 8.26 11.44 11.62
N7N NAD N . 10.06 12.84 11.29
C4N NAD N . 9.52 13.61 14.17
C5N NAD N . 9.14 14.21 15.40
C6N NAD N . 7.79 14.21 15.77
PA NAD O . -4.66 9.16 10.98
O1A NAD O . -6.02 9.41 10.37
O2A NAD O . -3.63 10.13 10.34
O5B NAD O . -4.18 7.57 10.65
C5B NAD O . -2.80 7.23 10.83
C4B NAD O . -2.54 5.95 10.26
O4B NAD O . -3.34 4.88 10.91
C3B NAD O . -3.05 5.89 8.73
O3B NAD O . -2.02 6.44 7.81
C2B NAD O . -3.20 4.68 8.52
O2B NAD O . -1.99 4.11 7.85
C1B NAD O . -3.42 3.95 10.00
N9A NAD O . -4.69 3.32 10.03
C8A NAD O . -5.88 3.90 9.88
N7A NAD O . -6.83 3.00 9.96
C5A NAD O . -6.27 1.80 10.18
C6A NAD O . -6.75 0.48 10.36
N6A NAD O . -8.18 0.21 10.33
N1A NAD O . -5.88 -0.50 10.56
C2A NAD O . -4.58 -0.26 10.59
N3A NAD O . -4.09 0.95 10.43
C4A NAD O . -4.90 1.99 10.22
O3 NAD O . -4.74 9.40 12.61
PN NAD O . -3.83 10.51 13.50
O1N NAD O . -2.60 10.90 12.74
O2N NAD O . -3.43 9.89 14.82
O5D NAD O . -4.73 11.83 13.78
C5D NAD O . -5.68 12.23 12.80
C4D NAD O . -6.45 13.45 13.32
O4D NAD O . -7.67 13.43 12.90
C3D NAD O . -6.53 13.41 14.89
O3D NAD O . -5.92 14.54 15.43
C2D NAD O . -7.99 13.39 15.21
O2D NAD O . -8.25 14.24 16.42
C1D NAD O . -8.57 13.92 14.12
N1N NAD O . -9.95 13.45 13.98
C2N NAD O . -10.18 12.37 13.22
C3N NAD O . -11.50 11.92 13.08
C7N NAD O . -11.79 10.66 12.20
O7N NAD O . -11.76 10.73 11.00
N7N NAD O . -12.10 9.40 12.85
C4N NAD O . -12.54 12.57 13.69
C5N NAD O . -12.23 13.71 14.48
C6N NAD O . -10.91 14.12 14.59
#